data_7HLN
# 
_entry.id   7HLN 
# 
_audit_conform.dict_name       mmcif_pdbx.dic 
_audit_conform.dict_version    5.399 
_audit_conform.dict_location   http://mmcif.pdb.org/dictionaries/ascii/mmcif_pdbx.dic 
# 
loop_
_database_2.database_id 
_database_2.database_code 
_database_2.pdbx_database_accession 
_database_2.pdbx_DOI 
PDB   7HLN         pdb_00007hln 10.2210/pdb7hln/pdb 
WWPDB D_1001407629 ?            ?                   
# 
_pdbx_audit_revision_history.ordinal             1 
_pdbx_audit_revision_history.data_content_type   'Structure model' 
_pdbx_audit_revision_history.major_revision      1 
_pdbx_audit_revision_history.minor_revision      0 
_pdbx_audit_revision_history.revision_date       2024-11-27 
# 
_pdbx_audit_revision_details.ordinal             1 
_pdbx_audit_revision_details.revision_ordinal    1 
_pdbx_audit_revision_details.data_content_type   'Structure model' 
_pdbx_audit_revision_details.provider            repository 
_pdbx_audit_revision_details.type                'Initial release' 
_pdbx_audit_revision_details.description         ? 
_pdbx_audit_revision_details.details             ? 
# 
_pdbx_database_status.entry_id                        7HLN 
_pdbx_database_status.status_code                     REL 
_pdbx_database_status.status_code_sf                  REL 
_pdbx_database_status.status_code_mr                  ? 
_pdbx_database_status.status_code_cs                  ? 
_pdbx_database_status.recvd_initial_deposition_date   2024-11-04 
_pdbx_database_status.status_code_nmr_data            ? 
_pdbx_database_status.deposit_site                    RCSB 
_pdbx_database_status.process_site                    RCSB 
_pdbx_database_status.SG_entry                        ? 
_pdbx_database_status.pdb_format_compatible           N 
_pdbx_database_status.methods_development_category    ? 
# 
_pdbx_contact_author.id                 1 
_pdbx_contact_author.email              knapp@pharmchem.uni-frankfurt.de 
_pdbx_contact_author.name_first         Stefan 
_pdbx_contact_author.name_last          Knapp 
_pdbx_contact_author.role               'principal investigator/group leader' 
_pdbx_contact_author.identifier_ORCID   0000-0001-5995-6494 
_pdbx_contact_author.name_mi            ? 
# 
loop_
_audit_author.name 
_audit_author.pdbx_ordinal 
'Kim, Y.'                              1 
'Marples, P.'                          2 
'Fearon, D.'                           3 
'von Delft, F.'                        4 
'Knapp, S.'                            5 
'Kraemer, A.'                          6 
'Structural Genomics Consortium (SGC)' 7 
# 
_citation.id                        primary 
_citation.title                     'PanDDA analysis group deposition' 
_citation.journal_abbrev            'To Be Published' 
_citation.journal_volume            ? 
_citation.page_first                ? 
_citation.page_last                 ? 
_citation.year                      ? 
_citation.journal_id_ASTM           ? 
_citation.country                   ? 
_citation.journal_id_ISSN           ? 
_citation.journal_id_CSD            0353 
_citation.book_publisher            ? 
_citation.pdbx_database_id_PubMed   ? 
_citation.pdbx_database_id_DOI      ? 
# 
loop_
_citation_author.citation_id 
_citation_author.name 
_citation_author.identifier_ORCID 
_citation_author.ordinal 
primary 'Kim, Y.'                              ? 1 
primary 'Marples, P.'                          ? 2 
primary 'Fearon, D.'                           ? 3 
primary 'von Delft, F.'                        ? 4 
primary 'Knapp, S.'                            ? 5 
primary 'Kraemer, A.'                          ? 6 
primary 'Structural Genomics Consortium (SGC)' ? 7 
# 
loop_
_entity.id 
_entity.type 
_entity.src_method 
_entity.pdbx_description 
_entity.formula_weight 
_entity.pdbx_number_of_molecules 
_entity.pdbx_ec 
_entity.pdbx_mutation 
_entity.pdbx_fragment 
_entity.details 
1 polymer     man 'E3 ubiquitin-protein ligase TRIM21'                          21596.361 1  2.3.2.27 ? ? ? 
2 non-polymer syn '(2S)-N-(5-ethyl-1,3,4-thiadiazol-2-yl)oxolane-2-carboxamide' 227.283   1  ?        ? ? ? 
3 non-polymer syn 1,2-ETHANEDIOL                                                62.068    1  ?        ? ? ? 
4 non-polymer syn 'SULFATE ION'                                                 96.063    1  ?        ? ? ? 
5 water       nat water                                                         18.015    40 ?        ? ? ? 
# 
_entity_name_com.entity_id   1 
_entity_name_com.name        
;52 kDa Ro protein,52 kDa ribonucleoprotein autoantigen Ro/SS-A,Ro(SS-A),Sjoegren syndrome type A antigen,SS-A,Tripartite motif-containing protein 21
;
# 
_entity_poly.entity_id                      1 
_entity_poly.type                           'polypeptide(L)' 
_entity_poly.nstd_linkage                   no 
_entity_poly.nstd_monomer                   no 
_entity_poly.pdbx_seq_one_letter_code       
;MHHHHHHMVHITLDRNTANSWLIISKDRRQVRMGDTHQNVSDNKERFSNYPMVLGAQRFSSGKMYWEVDVTQKEAWDLGV
CRDSVQRKGQFSLSPENGFWTIWLWQDSYEAGTSPQTTLHIQVPPCQIGIFVDYEAGVVSFYNITDHGSLIYTFSECVFA
GPLRPFFNVGFNYSGGNAAPLKLCPLKM
;
_entity_poly.pdbx_seq_one_letter_code_can   
;MHHHHHHMVHITLDRNTANSWLIISKDRRQVRMGDTHQNVSDNKERFSNYPMVLGAQRFSSGKMYWEVDVTQKEAWDLGV
CRDSVQRKGQFSLSPENGFWTIWLWQDSYEAGTSPQTTLHIQVPPCQIGIFVDYEAGVVSFYNITDHGSLIYTFSECVFA
GPLRPFFNVGFNYSGGNAAPLKLCPLKM
;
_entity_poly.pdbx_strand_id                 B 
_entity_poly.pdbx_target_identifier         ? 
# 
loop_
_pdbx_entity_nonpoly.entity_id 
_pdbx_entity_nonpoly.name 
_pdbx_entity_nonpoly.comp_id 
2 '(2S)-N-(5-ethyl-1,3,4-thiadiazol-2-yl)oxolane-2-carboxamide' A1A4A 
3 1,2-ETHANEDIOL                                                EDO   
4 'SULFATE ION'                                                 SO4   
5 water                                                         HOH   
# 
loop_
_entity_poly_seq.entity_id 
_entity_poly_seq.num 
_entity_poly_seq.mon_id 
_entity_poly_seq.hetero 
1 1   MET n 
1 2   HIS n 
1 3   HIS n 
1 4   HIS n 
1 5   HIS n 
1 6   HIS n 
1 7   HIS n 
1 8   MET n 
1 9   VAL n 
1 10  HIS n 
1 11  ILE n 
1 12  THR n 
1 13  LEU n 
1 14  ASP n 
1 15  ARG n 
1 16  ASN n 
1 17  THR n 
1 18  ALA n 
1 19  ASN n 
1 20  SER n 
1 21  TRP n 
1 22  LEU n 
1 23  ILE n 
1 24  ILE n 
1 25  SER n 
1 26  LYS n 
1 27  ASP n 
1 28  ARG n 
1 29  ARG n 
1 30  GLN n 
1 31  VAL n 
1 32  ARG n 
1 33  MET n 
1 34  GLY n 
1 35  ASP n 
1 36  THR n 
1 37  HIS n 
1 38  GLN n 
1 39  ASN n 
1 40  VAL n 
1 41  SER n 
1 42  ASP n 
1 43  ASN n 
1 44  LYS n 
1 45  GLU n 
1 46  ARG n 
1 47  PHE n 
1 48  SER n 
1 49  ASN n 
1 50  TYR n 
1 51  PRO n 
1 52  MET n 
1 53  VAL n 
1 54  LEU n 
1 55  GLY n 
1 56  ALA n 
1 57  GLN n 
1 58  ARG n 
1 59  PHE n 
1 60  SER n 
1 61  SER n 
1 62  GLY n 
1 63  LYS n 
1 64  MET n 
1 65  TYR n 
1 66  TRP n 
1 67  GLU n 
1 68  VAL n 
1 69  ASP n 
1 70  VAL n 
1 71  THR n 
1 72  GLN n 
1 73  LYS n 
1 74  GLU n 
1 75  ALA n 
1 76  TRP n 
1 77  ASP n 
1 78  LEU n 
1 79  GLY n 
1 80  VAL n 
1 81  CYS n 
1 82  ARG n 
1 83  ASP n 
1 84  SER n 
1 85  VAL n 
1 86  GLN n 
1 87  ARG n 
1 88  LYS n 
1 89  GLY n 
1 90  GLN n 
1 91  PHE n 
1 92  SER n 
1 93  LEU n 
1 94  SER n 
1 95  PRO n 
1 96  GLU n 
1 97  ASN n 
1 98  GLY n 
1 99  PHE n 
1 100 TRP n 
1 101 THR n 
1 102 ILE n 
1 103 TRP n 
1 104 LEU n 
1 105 TRP n 
1 106 GLN n 
1 107 ASP n 
1 108 SER n 
1 109 TYR n 
1 110 GLU n 
1 111 ALA n 
1 112 GLY n 
1 113 THR n 
1 114 SER n 
1 115 PRO n 
1 116 GLN n 
1 117 THR n 
1 118 THR n 
1 119 LEU n 
1 120 HIS n 
1 121 ILE n 
1 122 GLN n 
1 123 VAL n 
1 124 PRO n 
1 125 PRO n 
1 126 CYS n 
1 127 GLN n 
1 128 ILE n 
1 129 GLY n 
1 130 ILE n 
1 131 PHE n 
1 132 VAL n 
1 133 ASP n 
1 134 TYR n 
1 135 GLU n 
1 136 ALA n 
1 137 GLY n 
1 138 VAL n 
1 139 VAL n 
1 140 SER n 
1 141 PHE n 
1 142 TYR n 
1 143 ASN n 
1 144 ILE n 
1 145 THR n 
1 146 ASP n 
1 147 HIS n 
1 148 GLY n 
1 149 SER n 
1 150 LEU n 
1 151 ILE n 
1 152 TYR n 
1 153 THR n 
1 154 PHE n 
1 155 SER n 
1 156 GLU n 
1 157 CYS n 
1 158 VAL n 
1 159 PHE n 
1 160 ALA n 
1 161 GLY n 
1 162 PRO n 
1 163 LEU n 
1 164 ARG n 
1 165 PRO n 
1 166 PHE n 
1 167 PHE n 
1 168 ASN n 
1 169 VAL n 
1 170 GLY n 
1 171 PHE n 
1 172 ASN n 
1 173 TYR n 
1 174 SER n 
1 175 GLY n 
1 176 GLY n 
1 177 ASN n 
1 178 ALA n 
1 179 ALA n 
1 180 PRO n 
1 181 LEU n 
1 182 LYS n 
1 183 LEU n 
1 184 CYS n 
1 185 PRO n 
1 186 LEU n 
1 187 LYS n 
1 188 MET n 
# 
_entity_src_gen.entity_id                          1 
_entity_src_gen.pdbx_src_id                        1 
_entity_src_gen.pdbx_alt_source_flag               sample 
_entity_src_gen.pdbx_seq_type                      'Biological sequence' 
_entity_src_gen.pdbx_beg_seq_num                   1 
_entity_src_gen.pdbx_end_seq_num                   188 
_entity_src_gen.gene_src_common_name               'house mouse' 
_entity_src_gen.gene_src_genus                     ? 
_entity_src_gen.pdbx_gene_src_gene                 'Trim21, Ro52, Ssa1' 
_entity_src_gen.gene_src_species                   ? 
_entity_src_gen.gene_src_strain                    ? 
_entity_src_gen.gene_src_tissue                    ? 
_entity_src_gen.gene_src_tissue_fraction           ? 
_entity_src_gen.gene_src_details                   ? 
_entity_src_gen.pdbx_gene_src_fragment             ? 
_entity_src_gen.pdbx_gene_src_scientific_name      'Mus musculus' 
_entity_src_gen.pdbx_gene_src_ncbi_taxonomy_id     10090 
_entity_src_gen.pdbx_gene_src_variant              ? 
_entity_src_gen.pdbx_gene_src_cell_line            ? 
_entity_src_gen.pdbx_gene_src_atcc                 ? 
_entity_src_gen.pdbx_gene_src_organ                ? 
_entity_src_gen.pdbx_gene_src_organelle            ? 
_entity_src_gen.pdbx_gene_src_cell                 ? 
_entity_src_gen.pdbx_gene_src_cellular_location    ? 
_entity_src_gen.host_org_common_name               ? 
_entity_src_gen.pdbx_host_org_scientific_name      'Escherichia coli' 
_entity_src_gen.pdbx_host_org_ncbi_taxonomy_id     562 
_entity_src_gen.host_org_genus                     ? 
_entity_src_gen.pdbx_host_org_gene                 ? 
_entity_src_gen.pdbx_host_org_organ                ? 
_entity_src_gen.host_org_species                   ? 
_entity_src_gen.pdbx_host_org_tissue               ? 
_entity_src_gen.pdbx_host_org_tissue_fraction      ? 
_entity_src_gen.pdbx_host_org_strain               ? 
_entity_src_gen.pdbx_host_org_variant              ? 
_entity_src_gen.pdbx_host_org_cell_line            ? 
_entity_src_gen.pdbx_host_org_atcc                 ? 
_entity_src_gen.pdbx_host_org_culture_collection   ? 
_entity_src_gen.pdbx_host_org_cell                 ? 
_entity_src_gen.pdbx_host_org_organelle            ? 
_entity_src_gen.pdbx_host_org_cellular_location    ? 
_entity_src_gen.pdbx_host_org_vector_type          ? 
_entity_src_gen.pdbx_host_org_vector               ? 
_entity_src_gen.host_org_details                   ? 
_entity_src_gen.expression_system_id               ? 
_entity_src_gen.plasmid_name                       ? 
_entity_src_gen.plasmid_details                    ? 
_entity_src_gen.pdbx_description                   ? 
# 
loop_
_chem_comp.id 
_chem_comp.type 
_chem_comp.mon_nstd_flag 
_chem_comp.name 
_chem_comp.pdbx_synonyms 
_chem_comp.formula 
_chem_comp.formula_weight 
A1A4A non-polymer         . '(2S)-N-(5-ethyl-1,3,4-thiadiazol-2-yl)oxolane-2-carboxamide' ?                 'C9 H13 N3 O2 S' 
227.283 
ALA   'L-peptide linking' y ALANINE                                                       ?                 'C3 H7 N O2'     
89.093  
ARG   'L-peptide linking' y ARGININE                                                      ?                 'C6 H15 N4 O2 1' 
175.209 
ASN   'L-peptide linking' y ASPARAGINE                                                    ?                 'C4 H8 N2 O3'    
132.118 
ASP   'L-peptide linking' y 'ASPARTIC ACID'                                               ?                 'C4 H7 N O4'     
133.103 
CYS   'L-peptide linking' y CYSTEINE                                                      ?                 'C3 H7 N O2 S'   
121.158 
EDO   non-polymer         . 1,2-ETHANEDIOL                                                'ETHYLENE GLYCOL' 'C2 H6 O2'       
62.068  
GLN   'L-peptide linking' y GLUTAMINE                                                     ?                 'C5 H10 N2 O3'   
146.144 
GLU   'L-peptide linking' y 'GLUTAMIC ACID'                                               ?                 'C5 H9 N O4'     
147.129 
GLY   'peptide linking'   y GLYCINE                                                       ?                 'C2 H5 N O2'     
75.067  
HIS   'L-peptide linking' y HISTIDINE                                                     ?                 'C6 H10 N3 O2 1' 
156.162 
HOH   non-polymer         . WATER                                                         ?                 'H2 O'           
18.015  
ILE   'L-peptide linking' y ISOLEUCINE                                                    ?                 'C6 H13 N O2'    
131.173 
LEU   'L-peptide linking' y LEUCINE                                                       ?                 'C6 H13 N O2'    
131.173 
LYS   'L-peptide linking' y LYSINE                                                        ?                 'C6 H15 N2 O2 1' 
147.195 
MET   'L-peptide linking' y METHIONINE                                                    ?                 'C5 H11 N O2 S'  
149.211 
PHE   'L-peptide linking' y PHENYLALANINE                                                 ?                 'C9 H11 N O2'    
165.189 
PRO   'L-peptide linking' y PROLINE                                                       ?                 'C5 H9 N O2'     
115.130 
SER   'L-peptide linking' y SERINE                                                        ?                 'C3 H7 N O3'     
105.093 
SO4   non-polymer         . 'SULFATE ION'                                                 ?                 'O4 S -2'        
96.063  
THR   'L-peptide linking' y THREONINE                                                     ?                 'C4 H9 N O3'     
119.119 
TRP   'L-peptide linking' y TRYPTOPHAN                                                    ?                 'C11 H12 N2 O2'  
204.225 
TYR   'L-peptide linking' y TYROSINE                                                      ?                 'C9 H11 N O3'    
181.189 
VAL   'L-peptide linking' y VALINE                                                        ?                 'C5 H11 N O2'    
117.146 
# 
loop_
_pdbx_poly_seq_scheme.asym_id 
_pdbx_poly_seq_scheme.entity_id 
_pdbx_poly_seq_scheme.seq_id 
_pdbx_poly_seq_scheme.mon_id 
_pdbx_poly_seq_scheme.ndb_seq_num 
_pdbx_poly_seq_scheme.pdb_seq_num 
_pdbx_poly_seq_scheme.auth_seq_num 
_pdbx_poly_seq_scheme.pdb_mon_id 
_pdbx_poly_seq_scheme.auth_mon_id 
_pdbx_poly_seq_scheme.pdb_strand_id 
_pdbx_poly_seq_scheme.pdb_ins_code 
_pdbx_poly_seq_scheme.hetero 
A 1 1   MET 1   7   ?   ?   ?   B . n 
A 1 2   HIS 2   8   8   HIS HIS B . n 
A 1 3   HIS 3   9   9   HIS HIS B . n 
A 1 4   HIS 4   10  10  HIS HIS B . n 
A 1 5   HIS 5   11  11  HIS HIS B . n 
A 1 6   HIS 6   12  12  HIS HIS B . n 
A 1 7   HIS 7   13  13  HIS HIS B . n 
A 1 8   MET 8   14  14  MET MET B . n 
A 1 9   VAL 9   15  15  VAL VAL B . n 
A 1 10  HIS 10  16  16  HIS HIS B . n 
A 1 11  ILE 11  17  17  ILE ILE B . n 
A 1 12  THR 12  18  18  THR THR B . n 
A 1 13  LEU 13  19  19  LEU LEU B . n 
A 1 14  ASP 14  20  20  ASP ASP B . n 
A 1 15  ARG 15  21  21  ARG ARG B . n 
A 1 16  ASN 16  22  22  ASN ASN B . n 
A 1 17  THR 17  23  23  THR THR B . n 
A 1 18  ALA 18  24  24  ALA ALA B . n 
A 1 19  ASN 19  25  25  ASN ASN B . n 
A 1 20  SER 20  26  26  SER SER B . n 
A 1 21  TRP 21  27  27  TRP TRP B . n 
A 1 22  LEU 22  28  28  LEU LEU B . n 
A 1 23  ILE 23  29  29  ILE ILE B . n 
A 1 24  ILE 24  30  30  ILE ILE B . n 
A 1 25  SER 25  31  31  SER SER B . n 
A 1 26  LYS 26  32  32  LYS LYS B . n 
A 1 27  ASP 27  33  33  ASP ASP B . n 
A 1 28  ARG 28  34  34  ARG ARG B . n 
A 1 29  ARG 29  35  35  ARG ARG B . n 
A 1 30  GLN 30  36  36  GLN GLN B . n 
A 1 31  VAL 31  37  37  VAL VAL B . n 
A 1 32  ARG 32  38  38  ARG ARG B . n 
A 1 33  MET 33  39  39  MET MET B . n 
A 1 34  GLY 34  40  40  GLY GLY B . n 
A 1 35  ASP 35  41  41  ASP ASP B . n 
A 1 36  THR 36  42  42  THR THR B . n 
A 1 37  HIS 37  43  43  HIS HIS B . n 
A 1 38  GLN 38  44  44  GLN GLN B . n 
A 1 39  ASN 39  45  45  ASN ASN B . n 
A 1 40  VAL 40  46  46  VAL VAL B . n 
A 1 41  SER 41  47  47  SER SER B . n 
A 1 42  ASP 42  48  48  ASP ASP B . n 
A 1 43  ASN 43  49  49  ASN ASN B . n 
A 1 44  LYS 44  50  50  LYS LYS B . n 
A 1 45  GLU 45  51  51  GLU GLU B . n 
A 1 46  ARG 46  52  52  ARG ARG B . n 
A 1 47  PHE 47  53  53  PHE PHE B . n 
A 1 48  SER 48  54  54  SER SER B . n 
A 1 49  ASN 49  55  55  ASN ASN B . n 
A 1 50  TYR 50  56  56  TYR TYR B . n 
A 1 51  PRO 51  57  57  PRO PRO B . n 
A 1 52  MET 52  58  58  MET MET B . n 
A 1 53  VAL 53  59  59  VAL VAL B . n 
A 1 54  LEU 54  60  60  LEU LEU B . n 
A 1 55  GLY 55  61  61  GLY GLY B . n 
A 1 56  ALA 56  62  62  ALA ALA B . n 
A 1 57  GLN 57  63  63  GLN GLN B . n 
A 1 58  ARG 58  64  64  ARG ARG B . n 
A 1 59  PHE 59  65  65  PHE PHE B . n 
A 1 60  SER 60  66  66  SER SER B . n 
A 1 61  SER 61  67  67  SER SER B . n 
A 1 62  GLY 62  68  68  GLY GLY B . n 
A 1 63  LYS 63  69  69  LYS LYS B . n 
A 1 64  MET 64  70  70  MET MET B . n 
A 1 65  TYR 65  71  71  TYR TYR B . n 
A 1 66  TRP 66  72  72  TRP TRP B . n 
A 1 67  GLU 67  73  73  GLU GLU B . n 
A 1 68  VAL 68  74  74  VAL VAL B . n 
A 1 69  ASP 69  75  75  ASP ASP B . n 
A 1 70  VAL 70  76  76  VAL VAL B . n 
A 1 71  THR 71  77  77  THR THR B . n 
A 1 72  GLN 72  78  78  GLN GLN B . n 
A 1 73  LYS 73  79  79  LYS LYS B . n 
A 1 74  GLU 74  80  80  GLU GLU B . n 
A 1 75  ALA 75  81  81  ALA ALA B . n 
A 1 76  TRP 76  82  82  TRP TRP B . n 
A 1 77  ASP 77  83  83  ASP ASP B . n 
A 1 78  LEU 78  84  84  LEU LEU B . n 
A 1 79  GLY 79  85  85  GLY GLY B . n 
A 1 80  VAL 80  86  86  VAL VAL B . n 
A 1 81  CYS 81  87  87  CYS CYS B . n 
A 1 82  ARG 82  88  88  ARG ARG B . n 
A 1 83  ASP 83  89  89  ASP ASP B . n 
A 1 84  SER 84  90  90  SER SER B . n 
A 1 85  VAL 85  91  91  VAL VAL B . n 
A 1 86  GLN 86  92  92  GLN GLN B . n 
A 1 87  ARG 87  93  93  ARG ARG B . n 
A 1 88  LYS 88  94  94  LYS LYS B . n 
A 1 89  GLY 89  95  95  GLY GLY B . n 
A 1 90  GLN 90  96  96  GLN GLN B . n 
A 1 91  PHE 91  97  97  PHE PHE B . n 
A 1 92  SER 92  98  98  SER SER B . n 
A 1 93  LEU 93  99  99  LEU LEU B . n 
A 1 94  SER 94  100 100 SER SER B . n 
A 1 95  PRO 95  101 101 PRO PRO B . n 
A 1 96  GLU 96  102 102 GLU GLU B . n 
A 1 97  ASN 97  103 103 ASN ASN B . n 
A 1 98  GLY 98  104 104 GLY GLY B . n 
A 1 99  PHE 99  105 105 PHE PHE B . n 
A 1 100 TRP 100 106 106 TRP TRP B . n 
A 1 101 THR 101 107 107 THR THR B . n 
A 1 102 ILE 102 108 108 ILE ILE B . n 
A 1 103 TRP 103 109 109 TRP TRP B . n 
A 1 104 LEU 104 110 110 LEU LEU B . n 
A 1 105 TRP 105 111 111 TRP TRP B . n 
A 1 106 GLN 106 112 112 GLN GLN B . n 
A 1 107 ASP 107 113 113 ASP ASP B . n 
A 1 108 SER 108 114 114 SER SER B . n 
A 1 109 TYR 109 115 115 TYR TYR B . n 
A 1 110 GLU 110 116 116 GLU GLU B . n 
A 1 111 ALA 111 117 117 ALA ALA B . n 
A 1 112 GLY 112 118 118 GLY GLY B . n 
A 1 113 THR 113 119 119 THR THR B . n 
A 1 114 SER 114 120 120 SER SER B . n 
A 1 115 PRO 115 121 121 PRO PRO B . n 
A 1 116 GLN 116 122 122 GLN GLN B . n 
A 1 117 THR 117 123 123 THR THR B . n 
A 1 118 THR 118 124 124 THR THR B . n 
A 1 119 LEU 119 125 125 LEU LEU B . n 
A 1 120 HIS 120 126 126 HIS HIS B . n 
A 1 121 ILE 121 127 127 ILE ILE B . n 
A 1 122 GLN 122 128 128 GLN GLN B . n 
A 1 123 VAL 123 129 129 VAL VAL B . n 
A 1 124 PRO 124 130 130 PRO PRO B . n 
A 1 125 PRO 125 131 131 PRO PRO B . n 
A 1 126 CYS 126 132 132 CYS CYS B . n 
A 1 127 GLN 127 133 133 GLN GLN B . n 
A 1 128 ILE 128 134 134 ILE ILE B . n 
A 1 129 GLY 129 135 135 GLY GLY B . n 
A 1 130 ILE 130 136 136 ILE ILE B . n 
A 1 131 PHE 131 137 137 PHE PHE B . n 
A 1 132 VAL 132 138 138 VAL VAL B . n 
A 1 133 ASP 133 139 139 ASP ASP B . n 
A 1 134 TYR 134 140 140 TYR TYR B . n 
A 1 135 GLU 135 141 141 GLU GLU B . n 
A 1 136 ALA 136 142 142 ALA ALA B . n 
A 1 137 GLY 137 143 143 GLY GLY B . n 
A 1 138 VAL 138 144 144 VAL VAL B . n 
A 1 139 VAL 139 145 145 VAL VAL B . n 
A 1 140 SER 140 146 146 SER SER B . n 
A 1 141 PHE 141 147 147 PHE PHE B . n 
A 1 142 TYR 142 148 148 TYR TYR B . n 
A 1 143 ASN 143 149 149 ASN ASN B . n 
A 1 144 ILE 144 150 150 ILE ILE B . n 
A 1 145 THR 145 151 151 THR THR B . n 
A 1 146 ASP 146 152 152 ASP ASP B . n 
A 1 147 HIS 147 153 153 HIS HIS B . n 
A 1 148 GLY 148 154 154 GLY GLY B . n 
A 1 149 SER 149 155 155 SER SER B . n 
A 1 150 LEU 150 156 156 LEU LEU B . n 
A 1 151 ILE 151 157 157 ILE ILE B . n 
A 1 152 TYR 152 158 158 TYR TYR B . n 
A 1 153 THR 153 159 159 THR THR B . n 
A 1 154 PHE 154 160 160 PHE PHE B . n 
A 1 155 SER 155 161 161 SER SER B . n 
A 1 156 GLU 156 162 162 GLU GLU B . n 
A 1 157 CYS 157 163 163 CYS CYS B . n 
A 1 158 VAL 158 164 164 VAL VAL B . n 
A 1 159 PHE 159 165 165 PHE PHE B . n 
A 1 160 ALA 160 166 166 ALA ALA B . n 
A 1 161 GLY 161 167 167 GLY GLY B . n 
A 1 162 PRO 162 168 168 PRO PRO B . n 
A 1 163 LEU 163 169 169 LEU LEU B . n 
A 1 164 ARG 164 170 170 ARG ARG B . n 
A 1 165 PRO 165 171 171 PRO PRO B . n 
A 1 166 PHE 166 172 172 PHE PHE B . n 
A 1 167 PHE 167 173 173 PHE PHE B . n 
A 1 168 ASN 168 174 174 ASN ASN B . n 
A 1 169 VAL 169 175 175 VAL VAL B . n 
A 1 170 GLY 170 176 176 GLY GLY B . n 
A 1 171 PHE 171 177 177 PHE PHE B . n 
A 1 172 ASN 172 178 178 ASN ASN B . n 
A 1 173 TYR 173 179 179 TYR TYR B . n 
A 1 174 SER 174 180 180 SER SER B . n 
A 1 175 GLY 175 181 181 GLY GLY B . n 
A 1 176 GLY 176 182 182 GLY GLY B . n 
A 1 177 ASN 177 183 183 ASN ASN B . n 
A 1 178 ALA 178 184 184 ALA ALA B . n 
A 1 179 ALA 179 185 185 ALA ALA B . n 
A 1 180 PRO 180 186 186 PRO PRO B . n 
A 1 181 LEU 181 187 187 LEU LEU B . n 
A 1 182 LYS 182 188 188 LYS LYS B . n 
A 1 183 LEU 183 189 189 LEU LEU B . n 
A 1 184 CYS 184 190 190 CYS CYS B . n 
A 1 185 PRO 185 191 191 PRO PRO B . n 
A 1 186 LEU 186 192 192 LEU LEU B . n 
A 1 187 LYS 187 193 ?   ?   ?   B . n 
A 1 188 MET 188 194 ?   ?   ?   B . n 
# 
_pdbx_entity_instance_feature.ordinal        1 
_pdbx_entity_instance_feature.comp_id        A1A4A 
_pdbx_entity_instance_feature.asym_id        ? 
_pdbx_entity_instance_feature.seq_num        ? 
_pdbx_entity_instance_feature.auth_comp_id   A1A4A 
_pdbx_entity_instance_feature.auth_asym_id   ? 
_pdbx_entity_instance_feature.auth_seq_num   ? 
_pdbx_entity_instance_feature.feature_type   'SUBJECT OF INVESTIGATION' 
_pdbx_entity_instance_feature.details        ? 
# 
loop_
_pdbx_nonpoly_scheme.asym_id 
_pdbx_nonpoly_scheme.entity_id 
_pdbx_nonpoly_scheme.mon_id 
_pdbx_nonpoly_scheme.ndb_seq_num 
_pdbx_nonpoly_scheme.pdb_seq_num 
_pdbx_nonpoly_scheme.auth_seq_num 
_pdbx_nonpoly_scheme.pdb_mon_id 
_pdbx_nonpoly_scheme.auth_mon_id 
_pdbx_nonpoly_scheme.pdb_strand_id 
_pdbx_nonpoly_scheme.pdb_ins_code 
B 2 A1A4A 1  201 201 A1A4A LIG B . 
C 3 EDO   1  202 305 EDO   EDO B . 
D 4 SO4   1  203 1   SO4   SO4 B . 
E 5 HOH   1  301 29  HOH   HOH B . 
E 5 HOH   2  302 99  HOH   HOH B . 
E 5 HOH   3  303 2   HOH   HOH B . 
E 5 HOH   4  304 27  HOH   HOH B . 
E 5 HOH   5  305 63  HOH   HOH B . 
E 5 HOH   6  306 72  HOH   HOH B . 
E 5 HOH   7  307 95  HOH   HOH B . 
E 5 HOH   8  308 9   HOH   HOH B . 
E 5 HOH   9  309 107 HOH   HOH B . 
E 5 HOH   10 310 5   HOH   HOH B . 
E 5 HOH   11 311 22  HOH   HOH B . 
E 5 HOH   12 312 126 HOH   HOH B . 
E 5 HOH   13 313 28  HOH   HOH B . 
E 5 HOH   14 314 85  HOH   HOH B . 
E 5 HOH   15 315 100 HOH   HOH B . 
E 5 HOH   16 316 27  HOH   HOH B . 
E 5 HOH   17 317 66  HOH   HOH B . 
E 5 HOH   18 318 6   HOH   HOH B . 
E 5 HOH   19 319 1   HOH   HOH B . 
E 5 HOH   20 320 137 HOH   HOH B . 
E 5 HOH   21 321 304 HOH   HOH B . 
E 5 HOH   22 322 8   HOH   HOH B . 
E 5 HOH   23 323 30  HOH   HOH B . 
E 5 HOH   24 324 3   HOH   HOH B . 
E 5 HOH   25 325 4   HOH   HOH B . 
E 5 HOH   26 326 25  HOH   HOH B . 
E 5 HOH   27 327 59  HOH   HOH B . 
E 5 HOH   28 328 46  HOH   HOH B . 
E 5 HOH   29 329 23  HOH   HOH B . 
E 5 HOH   30 330 264 HOH   HOH B . 
E 5 HOH   31 331 22  HOH   HOH B . 
E 5 HOH   32 332 120 HOH   HOH B . 
E 5 HOH   33 333 30  HOH   HOH B . 
E 5 HOH   34 334 41  HOH   HOH B . 
E 5 HOH   35 335 53  HOH   HOH B . 
E 5 HOH   36 336 5   HOH   HOH B . 
E 5 HOH   37 337 263 HOH   HOH B . 
E 5 HOH   38 338 205 HOH   HOH B . 
E 5 HOH   39 339 31  HOH   HOH B . 
E 5 HOH   40 340 259 HOH   HOH B . 
# 
loop_
_pdbx_unobs_or_zero_occ_atoms.id 
_pdbx_unobs_or_zero_occ_atoms.PDB_model_num 
_pdbx_unobs_or_zero_occ_atoms.polymer_flag 
_pdbx_unobs_or_zero_occ_atoms.occupancy_flag 
_pdbx_unobs_or_zero_occ_atoms.auth_asym_id 
_pdbx_unobs_or_zero_occ_atoms.auth_comp_id 
_pdbx_unobs_or_zero_occ_atoms.auth_seq_id 
_pdbx_unobs_or_zero_occ_atoms.PDB_ins_code 
_pdbx_unobs_or_zero_occ_atoms.auth_atom_id 
_pdbx_unobs_or_zero_occ_atoms.label_alt_id 
_pdbx_unobs_or_zero_occ_atoms.label_asym_id 
_pdbx_unobs_or_zero_occ_atoms.label_comp_id 
_pdbx_unobs_or_zero_occ_atoms.label_seq_id 
_pdbx_unobs_or_zero_occ_atoms.label_atom_id 
1 1 Y 1 B LEU 192 ? CG  ? A LEU 186 CG  
2 1 Y 1 B LEU 192 ? CD1 ? A LEU 186 CD1 
3 1 Y 1 B LEU 192 ? CD2 ? A LEU 186 CD2 
# 
loop_
_software.pdbx_ordinal 
_software.name 
_software.version 
_software.date 
_software.type 
_software.contact_author 
_software.contact_author_email 
_software.classification 
_software.location 
_software.language 
_software.citation_id 
1 REFMAC      5.8.0267 ?               program 'Garib N. Murshudov' garib@ysbl.york.ac.uk    refinement        
http://www.ccp4.ac.uk/dist/html/refmac5.html        Fortran_77 ? 
2 Aimless     0.7.7    23/04/21        program 'Phil Evans'         ?                        'data scaling'    
http://www.mrc-lmb.cam.ac.uk/harry/pre/aimless.html ?          ? 
3 PDB_EXTRACT 3.23     'SEP. 23, 2016' package PDB                  deposit@deposit.rcsb.org 'data extraction' 
http://sw-tools.pdb.org/apps/PDB_EXTRACT/           C++        ? 
4 XDS         .        ?               program ?                    ?                        'data reduction'  ? ?          ? 
5 REFMAC      .        ?               program ?                    ?                        phasing           ? ?          ? 
# 
_cell.entry_id           7HLN 
_cell.length_a           95.309 
_cell.length_b           95.309 
_cell.length_c           45.826 
_cell.angle_alpha        90.000 
_cell.angle_beta         90.000 
_cell.angle_gamma        90.000 
_cell.Z_PDB              8 
_cell.pdbx_unique_axis   ? 
# 
_symmetry.entry_id                         7HLN 
_symmetry.space_group_name_H-M             'I 4' 
_symmetry.pdbx_full_space_group_name_H-M   ? 
_symmetry.cell_setting                     ? 
_symmetry.Int_Tables_number                79 
# 
_exptl.crystals_number   1 
_exptl.entry_id          7HLN 
_exptl.method            'X-RAY DIFFRACTION' 
# 
_exptl_crystal.id                    1 
_exptl_crystal.pdbx_mosaicity        0.000 
_exptl_crystal.pdbx_mosaicity_esd    ? 
_exptl_crystal.density_Matthews      2.41 
_exptl_crystal.density_diffrn        ? 
_exptl_crystal.density_meas          ? 
_exptl_crystal.density_meas_temp     ? 
_exptl_crystal.density_percent_sol   48.95 
_exptl_crystal.size_max              ? 
_exptl_crystal.size_mid              ? 
_exptl_crystal.size_min              ? 
_exptl_crystal.size_rad              ? 
_exptl_crystal.description           ? 
# 
_exptl_crystal_grow.crystal_id      1 
_exptl_crystal_grow.method          'VAPOR DIFFUSION, SITTING DROP' 
_exptl_crystal_grow.pH              8 
_exptl_crystal_grow.temp            293 
_exptl_crystal_grow.pdbx_details    '4 % PEG 400, 2 M AmmSO4, 0.1 M HEPES pH 8' 
_exptl_crystal_grow.temp_details    ? 
_exptl_crystal_grow.pdbx_pH_range   ? 
# 
_diffrn.id                     1 
_diffrn.ambient_temp           100 
_diffrn.crystal_id             1 
_diffrn.ambient_temp_details   ? 
# 
_diffrn_detector.detector               PIXEL 
_diffrn_detector.type                   'DECTRIS EIGER2 XE 9M' 
_diffrn_detector.pdbx_collection_date   2024-05-22 
_diffrn_detector.diffrn_id              1 
_diffrn_detector.details                ? 
# 
_diffrn_radiation.diffrn_id                        1 
_diffrn_radiation.wavelength_id                    1 
_diffrn_radiation.pdbx_diffrn_protocol             'SINGLE WAVELENGTH' 
_diffrn_radiation.pdbx_monochromatic_or_laue_m_l   ? 
_diffrn_radiation.monochromator                    ? 
_diffrn_radiation.pdbx_scattering_type             x-ray 
# 
_diffrn_radiation_wavelength.id           1 
_diffrn_radiation_wavelength.wavelength   0.92124 
_diffrn_radiation_wavelength.wt           1.0 
# 
_diffrn_source.diffrn_id                   1 
_diffrn_source.source                      SYNCHROTRON 
_diffrn_source.type                        'DIAMOND BEAMLINE I04-1' 
_diffrn_source.pdbx_wavelength_list        0.92124 
_diffrn_source.pdbx_synchrotron_site       Diamond 
_diffrn_source.pdbx_synchrotron_beamline   I04-1 
_diffrn_source.pdbx_wavelength             ? 
# 
_reflns.entry_id                     7HLN 
_reflns.pdbx_diffrn_id               1 
_reflns.pdbx_ordinal                 1 
_reflns.observed_criterion_sigma_I   ? 
_reflns.observed_criterion_sigma_F   ? 
_reflns.d_resolution_low             31.210 
_reflns.d_resolution_high            1.200 
_reflns.number_obs                   56056 
_reflns.number_all                   ? 
_reflns.percent_possible_obs         87.400 
_reflns.pdbx_Rmerge_I_obs            0.080 
_reflns.pdbx_Rsym_value              ? 
_reflns.pdbx_netI_over_sigmaI        14.900 
_reflns.B_iso_Wilson_estimate        ? 
_reflns.pdbx_redundancy              10.400 
_reflns.pdbx_Rrim_I_all              0.084 
_reflns.pdbx_Rpim_I_all              0.024 
_reflns.pdbx_CC_half                 0.999 
_reflns.pdbx_netI_over_av_sigmaI     ? 
_reflns.pdbx_number_measured_all     585684 
_reflns.pdbx_scaling_rejects         0 
_reflns.pdbx_chi_squared             ? 
_reflns.Rmerge_F_all                 ? 
_reflns.Rmerge_F_obs                 ? 
_reflns.observed_criterion_F_max     ? 
_reflns.observed_criterion_F_min     ? 
_reflns.observed_criterion_I_max     ? 
_reflns.observed_criterion_I_min     ? 
_reflns.pdbx_d_res_high_opt          ? 
_reflns.pdbx_d_res_low_opt           ? 
_reflns.details                      ? 
# 
loop_
_reflns_shell.pdbx_diffrn_id 
_reflns_shell.pdbx_ordinal 
_reflns_shell.d_res_high 
_reflns_shell.d_res_low 
_reflns_shell.number_measured_obs 
_reflns_shell.number_measured_all 
_reflns_shell.number_unique_obs 
_reflns_shell.pdbx_rejects 
_reflns_shell.Rmerge_I_obs 
_reflns_shell.meanI_over_sigI_obs 
_reflns_shell.pdbx_Rsym_value 
_reflns_shell.pdbx_chi_squared 
_reflns_shell.pdbx_redundancy 
_reflns_shell.percent_possible_obs 
_reflns_shell.pdbx_netI_over_sigmaI_obs 
_reflns_shell.number_possible 
_reflns_shell.number_unique_all 
_reflns_shell.Rmerge_F_all 
_reflns_shell.Rmerge_F_obs 
_reflns_shell.Rmerge_I_all 
_reflns_shell.meanI_over_sigI_all 
_reflns_shell.percent_possible_all 
_reflns_shell.pdbx_Rrim_I_all 
_reflns_shell.pdbx_Rpim_I_all 
_reflns_shell.pdbx_CC_half 
1 1 1.200 1.220  ? 2587 1332 ? 1.020 ? ? ? 1.900  ? 0.500  ? ? ? ? ? ? 42.700 1.323 0.833 0.283 
1 2 6.570 31.210 ? 5312 423  ? 0.075 ? ? ? 12.600 ? 59.600 ? ? ? ? ? ? 99.300 0.078 0.023 0.995 
# 
_refine.entry_id                                 7HLN 
_refine.pdbx_refine_id                           'X-RAY DIFFRACTION' 
_refine.ls_d_res_high                            1.2000 
_refine.ls_d_res_low                             31.2300 
_refine.pdbx_ls_sigma_F                          0.000 
_refine.pdbx_data_cutoff_high_absF               ? 
_refine.pdbx_data_cutoff_low_absF                ? 
_refine.ls_percent_reflns_obs                    87.0200 
_refine.ls_number_reflns_obs                     53277 
_refine.ls_number_reflns_all                     ? 
_refine.pdbx_ls_cross_valid_method               THROUGHOUT 
_refine.ls_matrix_type                           ? 
_refine.pdbx_R_Free_selection_details            RANDOM 
_refine.details                                  
'HYDROGENS HAVE BEEN ADDED IN THE RIDING POSITIONS U VALUES      : REFINED INDIVIDUALLY' 
_refine.ls_R_factor_all                          ? 
_refine.ls_R_factor_obs                          0.1756 
_refine.ls_R_factor_R_work                       0.1746 
_refine.ls_wR_factor_R_work                      ? 
_refine.ls_R_factor_R_free                       0.1936 
_refine.ls_wR_factor_R_free                      ? 
_refine.ls_percent_reflns_R_free                 4.8000 
_refine.ls_number_reflns_R_free                  2711 
_refine.ls_number_reflns_R_work                  ? 
_refine.ls_R_factor_R_free_error                 ? 
_refine.B_iso_mean                               14.9620 
_refine.solvent_model_param_bsol                 ? 
_refine.solvent_model_param_ksol                 ? 
_refine.pdbx_isotropic_thermal_model             ? 
_refine.aniso_B[1][1]                            0.1500 
_refine.aniso_B[2][2]                            0.1500 
_refine.aniso_B[3][3]                            -0.2900 
_refine.aniso_B[1][2]                            0.0000 
_refine.aniso_B[1][3]                            0.0000 
_refine.aniso_B[2][3]                            -0.0000 
_refine.correlation_coeff_Fo_to_Fc               0.9690 
_refine.correlation_coeff_Fo_to_Fc_free          0.9610 
_refine.overall_SU_R_Cruickshank_DPI             ? 
_refine.pdbx_overall_SU_R_free_Cruickshank_DPI   ? 
_refine.pdbx_overall_SU_R_Blow_DPI               ? 
_refine.pdbx_overall_SU_R_free_Blow_DPI          ? 
_refine.overall_SU_R_free                        ? 
_refine.pdbx_overall_ESU_R                       0.0470 
_refine.pdbx_overall_ESU_R_Free                  0.0480 
_refine.overall_SU_ML                            0.0380 
_refine.overall_SU_B                             0.9220 
_refine.solvent_model_details                    MASK 
_refine.pdbx_solvent_vdw_probe_radii             1.2000 
_refine.pdbx_solvent_ion_probe_radii             0.8000 
_refine.pdbx_solvent_shrinkage_radii             0.8000 
_refine.ls_number_parameters                     ? 
_refine.ls_number_restraints                     ? 
_refine.pdbx_starting_model                      ? 
_refine.pdbx_method_to_determine_struct          'FOURIER SYNTHESIS' 
_refine.pdbx_stereochemistry_target_values       'MAXIMUM LIKELIHOOD' 
_refine.pdbx_stereochem_target_val_spec_case     ? 
_refine.overall_FOM_work_R_set                   ? 
_refine.B_iso_max                                66.390 
_refine.B_iso_min                                7.640 
_refine.pdbx_overall_phase_error                 ? 
_refine.occupancy_max                            ? 
_refine.occupancy_min                            ? 
_refine.pdbx_diffrn_id                           1 
_refine.pdbx_TLS_residual_ADP_flag               ? 
_refine.pdbx_ls_sigma_I                          ? 
_refine.pdbx_data_cutoff_high_rms_absF           ? 
_refine.ls_R_factor_R_free_error_details         ? 
# 
_refine_hist.cycle_id                         final 
_refine_hist.pdbx_refine_id                   'X-RAY DIFFRACTION' 
_refine_hist.d_res_high                       1.2000 
_refine_hist.d_res_low                        31.2300 
_refine_hist.pdbx_number_atoms_ligand         24 
_refine_hist.number_atoms_solvent             40 
_refine_hist.number_atoms_total               1557 
_refine_hist.pdbx_number_residues_total       185 
_refine_hist.pdbx_B_iso_mean_ligand           31.80 
_refine_hist.pdbx_B_iso_mean_solvent          22.44 
_refine_hist.pdbx_number_atoms_protein        1493 
_refine_hist.pdbx_number_atoms_nucleic_acid   0 
# 
loop_
_refine_ls_restr.pdbx_refine_id 
_refine_ls_restr.type 
_refine_ls_restr.number 
_refine_ls_restr.dev_ideal 
_refine_ls_restr.dev_ideal_target 
_refine_ls_restr.weight 
_refine_ls_restr.pdbx_restraint_function 
'X-RAY DIFFRACTION' r_bond_refined_d       2107 0.012  0.014  ? ? 
'X-RAY DIFFRACTION' r_bond_other_d         1611 0.004  0.015  ? ? 
'X-RAY DIFFRACTION' r_angle_refined_deg    2510 1.856  1.640  ? ? 
'X-RAY DIFFRACTION' r_angle_other_deg      3722 1.433  1.579  ? ? 
'X-RAY DIFFRACTION' r_dihedral_angle_1_deg 235  7.124  5.000  ? ? 
'X-RAY DIFFRACTION' r_dihedral_angle_2_deg 107  27.011 21.215 ? ? 
'X-RAY DIFFRACTION' r_dihedral_angle_3_deg 285  11.812 15.000 ? ? 
'X-RAY DIFFRACTION' r_dihedral_angle_4_deg 15   20.126 15.000 ? ? 
'X-RAY DIFFRACTION' r_chiral_restr         219  0.085  0.200  ? ? 
'X-RAY DIFFRACTION' r_gen_planes_refined   2230 0.011  0.020  ? ? 
'X-RAY DIFFRACTION' r_gen_planes_other     488  0.002  0.020  ? ? 
'X-RAY DIFFRACTION' r_mcbond_it            1056 1.246  1.429  ? ? 
'X-RAY DIFFRACTION' r_mcbond_other         942  1.261  1.283  ? ? 
'X-RAY DIFFRACTION' r_mcangle_it           1129 2.059  1.935  ? ? 
# 
_refine_ls_shell.d_res_high                       1.2000 
_refine_ls_shell.d_res_low                        1.2310 
_refine_ls_shell.pdbx_total_number_of_bins_used   20 
_refine_ls_shell.percent_reflns_obs               42.1100 
_refine_ls_shell.number_reflns_R_work             1898 
_refine_ls_shell.R_factor_all                     ? 
_refine_ls_shell.R_factor_R_work                  0.3370 
_refine_ls_shell.R_factor_R_free                  0.3180 
_refine_ls_shell.percent_reflns_R_free            ? 
_refine_ls_shell.number_reflns_R_free             99 
_refine_ls_shell.R_factor_R_free_error            ? 
_refine_ls_shell.number_reflns_all                1997 
_refine_ls_shell.number_reflns_obs                ? 
_refine_ls_shell.pdbx_refine_id                   'X-RAY DIFFRACTION' 
# 
_struct.entry_id                  7HLN 
_struct.title                     'PanDDA analysis group deposition -- Crystal Structure of TRIM21 in complex with Z26823525' 
_struct.pdbx_model_details        ? 
_struct.pdbx_CASP_flag            ? 
_struct.pdbx_model_type_details   ? 
# 
_struct_keywords.entry_id        7HLN 
_struct_keywords.text            'SGC - Diamond I04-1 fragment screening, PanDDA, XChemExplorer, TRIM21, LIGASE' 
_struct_keywords.pdbx_keywords   LIGASE 
# 
loop_
_struct_asym.id 
_struct_asym.pdbx_blank_PDB_chainid_flag 
_struct_asym.pdbx_modified 
_struct_asym.entity_id 
_struct_asym.details 
A N N 1 ? 
B N N 2 ? 
C N N 3 ? 
D N N 4 ? 
E N N 5 ? 
# 
_struct_ref.id                         1 
_struct_ref.db_name                    UNP 
_struct_ref.db_code                    RO52_MOUSE 
_struct_ref.pdbx_db_accession          Q62191 
_struct_ref.pdbx_db_isoform            ? 
_struct_ref.entity_id                  1 
_struct_ref.pdbx_seq_one_letter_code   
;VHITLDRNTANSWLIISKDRRQVRMGDTHQNVSDNKERFSNYPMVLGAQRFSSGKMYWEVDVTQKEAWDLGVCRDSVQRK
GQFSLSPENGFWTIWLWQDSYEAGTSPQTTLHIQVPPCQIGIFVDYEAGVVSFYNITDHGSLIYTFSECVFAGPLRPFFN
VGFNYSGGNAAPLKLCPLKM
;
_struct_ref.pdbx_align_begin           291 
# 
_struct_ref_seq.align_id                      1 
_struct_ref_seq.ref_id                        1 
_struct_ref_seq.pdbx_PDB_id_code              7HLN 
_struct_ref_seq.pdbx_strand_id                B 
_struct_ref_seq.seq_align_beg                 9 
_struct_ref_seq.pdbx_seq_align_beg_ins_code   ? 
_struct_ref_seq.seq_align_end                 188 
_struct_ref_seq.pdbx_seq_align_end_ins_code   ? 
_struct_ref_seq.pdbx_db_accession             Q62191 
_struct_ref_seq.db_align_beg                  291 
_struct_ref_seq.pdbx_db_align_beg_ins_code    ? 
_struct_ref_seq.db_align_end                  470 
_struct_ref_seq.pdbx_db_align_end_ins_code    ? 
_struct_ref_seq.pdbx_auth_seq_align_beg       15 
_struct_ref_seq.pdbx_auth_seq_align_end       194 
# 
loop_
_struct_ref_seq_dif.align_id 
_struct_ref_seq_dif.pdbx_pdb_id_code 
_struct_ref_seq_dif.mon_id 
_struct_ref_seq_dif.pdbx_pdb_strand_id 
_struct_ref_seq_dif.seq_num 
_struct_ref_seq_dif.pdbx_pdb_ins_code 
_struct_ref_seq_dif.pdbx_seq_db_name 
_struct_ref_seq_dif.pdbx_seq_db_accession_code 
_struct_ref_seq_dif.db_mon_id 
_struct_ref_seq_dif.pdbx_seq_db_seq_num 
_struct_ref_seq_dif.details 
_struct_ref_seq_dif.pdbx_auth_seq_num 
_struct_ref_seq_dif.pdbx_ordinal 
1 7HLN MET B 1 ? UNP Q62191 ? ? 'initiating methionine' 7  1 
1 7HLN HIS B 2 ? UNP Q62191 ? ? 'expression tag'        8  2 
1 7HLN HIS B 3 ? UNP Q62191 ? ? 'expression tag'        9  3 
1 7HLN HIS B 4 ? UNP Q62191 ? ? 'expression tag'        10 4 
1 7HLN HIS B 5 ? UNP Q62191 ? ? 'expression tag'        11 5 
1 7HLN HIS B 6 ? UNP Q62191 ? ? 'expression tag'        12 6 
1 7HLN HIS B 7 ? UNP Q62191 ? ? 'expression tag'        13 7 
1 7HLN MET B 8 ? UNP Q62191 ? ? 'expression tag'        14 8 
# 
_pdbx_struct_assembly.id                   1 
_pdbx_struct_assembly.details              author_defined_assembly 
_pdbx_struct_assembly.method_details       ? 
_pdbx_struct_assembly.oligomeric_details   monomeric 
_pdbx_struct_assembly.oligomeric_count     1 
# 
_pdbx_struct_assembly_gen.assembly_id       1 
_pdbx_struct_assembly_gen.oper_expression   1 
_pdbx_struct_assembly_gen.asym_id_list      A,B,C,D,E 
# 
_pdbx_struct_oper_list.id                   1 
_pdbx_struct_oper_list.type                 'identity operation' 
_pdbx_struct_oper_list.name                 1_555 
_pdbx_struct_oper_list.symmetry_operation   x,y,z 
_pdbx_struct_oper_list.matrix[1][1]         1.0000000000 
_pdbx_struct_oper_list.matrix[1][2]         0.0000000000 
_pdbx_struct_oper_list.matrix[1][3]         0.0000000000 
_pdbx_struct_oper_list.vector[1]            0.0000000000 
_pdbx_struct_oper_list.matrix[2][1]         0.0000000000 
_pdbx_struct_oper_list.matrix[2][2]         1.0000000000 
_pdbx_struct_oper_list.matrix[2][3]         0.0000000000 
_pdbx_struct_oper_list.vector[2]            0.0000000000 
_pdbx_struct_oper_list.matrix[3][1]         0.0000000000 
_pdbx_struct_oper_list.matrix[3][2]         0.0000000000 
_pdbx_struct_oper_list.matrix[3][3]         1.0000000000 
_pdbx_struct_oper_list.vector[3]            0.0000000000 
# 
loop_
_struct_conf.conf_type_id 
_struct_conf.id 
_struct_conf.pdbx_PDB_helix_id 
_struct_conf.beg_label_comp_id 
_struct_conf.beg_label_asym_id 
_struct_conf.beg_label_seq_id 
_struct_conf.pdbx_beg_PDB_ins_code 
_struct_conf.end_label_comp_id 
_struct_conf.end_label_asym_id 
_struct_conf.end_label_seq_id 
_struct_conf.pdbx_end_PDB_ins_code 
_struct_conf.beg_auth_comp_id 
_struct_conf.beg_auth_asym_id 
_struct_conf.beg_auth_seq_id 
_struct_conf.end_auth_comp_id 
_struct_conf.end_auth_asym_id 
_struct_conf.end_auth_seq_id 
_struct_conf.pdbx_PDB_helix_class 
_struct_conf.details 
_struct_conf.pdbx_PDB_helix_length 
HELX_P HELX_P1 AA1 HIS A 4  ? MET A 8  ? HIS B 10  MET B 14  5 ? 5 
HELX_P HELX_P2 AA2 ASP A 14 ? ALA A 18 ? ASP B 20  ALA B 24  5 ? 5 
HELX_P HELX_P3 AA3 SER A 94 ? ASN A 97 ? SER B 100 ASN B 103 5 ? 4 
# 
_struct_conf_type.id          HELX_P 
_struct_conf_type.criteria    ? 
_struct_conf_type.reference   ? 
# 
_struct_mon_prot_cis.pdbx_id                1 
_struct_mon_prot_cis.label_comp_id          SER 
_struct_mon_prot_cis.label_seq_id           114 
_struct_mon_prot_cis.label_asym_id          A 
_struct_mon_prot_cis.label_alt_id           . 
_struct_mon_prot_cis.pdbx_PDB_ins_code      ? 
_struct_mon_prot_cis.auth_comp_id           SER 
_struct_mon_prot_cis.auth_seq_id            120 
_struct_mon_prot_cis.auth_asym_id           B 
_struct_mon_prot_cis.pdbx_label_comp_id_2   PRO 
_struct_mon_prot_cis.pdbx_label_seq_id_2    115 
_struct_mon_prot_cis.pdbx_label_asym_id_2   A 
_struct_mon_prot_cis.pdbx_PDB_ins_code_2    ? 
_struct_mon_prot_cis.pdbx_auth_comp_id_2    PRO 
_struct_mon_prot_cis.pdbx_auth_seq_id_2     121 
_struct_mon_prot_cis.pdbx_auth_asym_id_2    B 
_struct_mon_prot_cis.pdbx_PDB_model_num     1 
_struct_mon_prot_cis.pdbx_omega_angle       -1.07 
# 
loop_
_struct_sheet.id 
_struct_sheet.type 
_struct_sheet.number_strands 
_struct_sheet.details 
AA1 ? 7 ? 
AA2 ? 6 ? 
# 
loop_
_struct_sheet_order.sheet_id 
_struct_sheet_order.range_id_1 
_struct_sheet_order.range_id_2 
_struct_sheet_order.offset 
_struct_sheet_order.sense 
AA1 1 2 ? anti-parallel 
AA1 2 3 ? anti-parallel 
AA1 3 4 ? anti-parallel 
AA1 4 5 ? anti-parallel 
AA1 5 6 ? anti-parallel 
AA1 6 7 ? anti-parallel 
AA2 1 2 ? anti-parallel 
AA2 2 3 ? anti-parallel 
AA2 3 4 ? anti-parallel 
AA2 4 5 ? anti-parallel 
AA2 5 6 ? anti-parallel 
# 
loop_
_struct_sheet_range.sheet_id 
_struct_sheet_range.id 
_struct_sheet_range.beg_label_comp_id 
_struct_sheet_range.beg_label_asym_id 
_struct_sheet_range.beg_label_seq_id 
_struct_sheet_range.pdbx_beg_PDB_ins_code 
_struct_sheet_range.end_label_comp_id 
_struct_sheet_range.end_label_asym_id 
_struct_sheet_range.end_label_seq_id 
_struct_sheet_range.pdbx_end_PDB_ins_code 
_struct_sheet_range.beg_auth_comp_id 
_struct_sheet_range.beg_auth_asym_id 
_struct_sheet_range.beg_auth_seq_id 
_struct_sheet_range.end_auth_comp_id 
_struct_sheet_range.end_auth_asym_id 
_struct_sheet_range.end_auth_seq_id 
AA1 1 LEU A 22  ? ILE A 24  ? LEU B 28  ILE B 30  
AA1 2 GLN A 30  ? MET A 33  ? GLN B 36  MET B 39  
AA1 3 LEU A 181 ? LEU A 183 ? LEU B 187 LEU B 189 
AA1 4 LYS A 63  ? ASP A 69  ? LYS B 69  ASP B 75  
AA1 5 GLN A 127 ? ASP A 133 ? GLN B 133 ASP B 139 
AA1 6 VAL A 138 ? ASN A 143 ? VAL B 144 ASN B 149 
AA1 7 SER A 149 ? PHE A 154 ? SER B 155 PHE B 160 
AA2 1 MET A 52  ? LEU A 54  ? MET B 58  LEU B 60  
AA2 2 LEU A 163 ? ASN A 168 ? LEU B 169 ASN B 174 
AA2 3 TRP A 76  ? ARG A 82  ? TRP B 82  ARG B 88  
AA2 4 PHE A 99  ? TRP A 105 ? PHE B 105 TRP B 111 
AA2 5 SER A 108 ? ALA A 111 ? SER B 114 ALA B 117 
AA2 6 THR A 117 ? THR A 118 ? THR B 123 THR B 124 
# 
loop_
_pdbx_struct_sheet_hbond.sheet_id 
_pdbx_struct_sheet_hbond.range_id_1 
_pdbx_struct_sheet_hbond.range_id_2 
_pdbx_struct_sheet_hbond.range_1_label_atom_id 
_pdbx_struct_sheet_hbond.range_1_label_comp_id 
_pdbx_struct_sheet_hbond.range_1_label_asym_id 
_pdbx_struct_sheet_hbond.range_1_label_seq_id 
_pdbx_struct_sheet_hbond.range_1_PDB_ins_code 
_pdbx_struct_sheet_hbond.range_1_auth_atom_id 
_pdbx_struct_sheet_hbond.range_1_auth_comp_id 
_pdbx_struct_sheet_hbond.range_1_auth_asym_id 
_pdbx_struct_sheet_hbond.range_1_auth_seq_id 
_pdbx_struct_sheet_hbond.range_2_label_atom_id 
_pdbx_struct_sheet_hbond.range_2_label_comp_id 
_pdbx_struct_sheet_hbond.range_2_label_asym_id 
_pdbx_struct_sheet_hbond.range_2_label_seq_id 
_pdbx_struct_sheet_hbond.range_2_PDB_ins_code 
_pdbx_struct_sheet_hbond.range_2_auth_atom_id 
_pdbx_struct_sheet_hbond.range_2_auth_comp_id 
_pdbx_struct_sheet_hbond.range_2_auth_asym_id 
_pdbx_struct_sheet_hbond.range_2_auth_seq_id 
AA1 1 2 N ILE A 23  ? N ILE B 29  O ARG A 32  ? O ARG B 38  
AA1 2 3 N VAL A 31  ? N VAL B 37  O LEU A 181 ? O LEU B 187 
AA1 3 4 O LYS A 182 ? O LYS B 188 N ASP A 69  ? N ASP B 75  
AA1 4 5 N TRP A 66  ? N TRP B 72  O ILE A 130 ? O ILE B 136 
AA1 5 6 N PHE A 131 ? N PHE B 137 O SER A 140 ? O SER B 146 
AA1 6 7 N PHE A 141 ? N PHE B 147 O ILE A 151 ? O ILE B 157 
AA2 1 2 N VAL A 53  ? N VAL B 59  O PHE A 167 ? O PHE B 173 
AA2 2 3 O ARG A 164 ? O ARG B 170 N CYS A 81  ? N CYS B 87  
AA2 3 4 N VAL A 80  ? N VAL B 86  O TRP A 100 ? O TRP B 106 
AA2 4 5 N TRP A 105 ? N TRP B 111 O SER A 108 ? O SER B 114 
AA2 5 6 N ALA A 111 ? N ALA B 117 O THR A 117 ? O THR B 123 
# 
_pdbx_entry_details.entry_id                   7HLN 
_pdbx_entry_details.compound_details           ? 
_pdbx_entry_details.source_details             ? 
_pdbx_entry_details.nonpolymer_details         ? 
_pdbx_entry_details.sequence_details           ? 
_pdbx_entry_details.has_ligand_of_interest     Y 
_pdbx_entry_details.has_protein_modification   N 
# 
_pdbx_validate_rmsd_angle.id                         1 
_pdbx_validate_rmsd_angle.PDB_model_num              1 
_pdbx_validate_rmsd_angle.auth_atom_id_1             CG 
_pdbx_validate_rmsd_angle.auth_asym_id_1             B 
_pdbx_validate_rmsd_angle.auth_comp_id_1             ARG 
_pdbx_validate_rmsd_angle.auth_seq_id_1              64 
_pdbx_validate_rmsd_angle.PDB_ins_code_1             ? 
_pdbx_validate_rmsd_angle.label_alt_id_1             ? 
_pdbx_validate_rmsd_angle.auth_atom_id_2             CD 
_pdbx_validate_rmsd_angle.auth_asym_id_2             B 
_pdbx_validate_rmsd_angle.auth_comp_id_2             ARG 
_pdbx_validate_rmsd_angle.auth_seq_id_2              64 
_pdbx_validate_rmsd_angle.PDB_ins_code_2             ? 
_pdbx_validate_rmsd_angle.label_alt_id_2             ? 
_pdbx_validate_rmsd_angle.auth_atom_id_3             NE 
_pdbx_validate_rmsd_angle.auth_asym_id_3             B 
_pdbx_validate_rmsd_angle.auth_comp_id_3             ARG 
_pdbx_validate_rmsd_angle.auth_seq_id_3              64 
_pdbx_validate_rmsd_angle.PDB_ins_code_3             ? 
_pdbx_validate_rmsd_angle.label_alt_id_3             ? 
_pdbx_validate_rmsd_angle.angle_value                128.19 
_pdbx_validate_rmsd_angle.angle_target_value         111.80 
_pdbx_validate_rmsd_angle.angle_deviation            16.39 
_pdbx_validate_rmsd_angle.angle_standard_deviation   2.10 
_pdbx_validate_rmsd_angle.linker_flag                N 
# 
loop_
_pdbx_validate_torsion.id 
_pdbx_validate_torsion.PDB_model_num 
_pdbx_validate_torsion.auth_comp_id 
_pdbx_validate_torsion.auth_asym_id 
_pdbx_validate_torsion.auth_seq_id 
_pdbx_validate_torsion.PDB_ins_code 
_pdbx_validate_torsion.label_alt_id 
_pdbx_validate_torsion.phi 
_pdbx_validate_torsion.psi 
1 1 ASN B 45  ? ? 70.53   36.14 
2 1 GLN B 78  ? ? 57.85   19.33 
3 1 ASP B 152 ? ? -100.74 50.56 
# 
_phasing.method   MR 
# 
loop_
_pdbx_unobs_or_zero_occ_residues.id 
_pdbx_unobs_or_zero_occ_residues.PDB_model_num 
_pdbx_unobs_or_zero_occ_residues.polymer_flag 
_pdbx_unobs_or_zero_occ_residues.occupancy_flag 
_pdbx_unobs_or_zero_occ_residues.auth_asym_id 
_pdbx_unobs_or_zero_occ_residues.auth_comp_id 
_pdbx_unobs_or_zero_occ_residues.auth_seq_id 
_pdbx_unobs_or_zero_occ_residues.PDB_ins_code 
_pdbx_unobs_or_zero_occ_residues.label_asym_id 
_pdbx_unobs_or_zero_occ_residues.label_comp_id 
_pdbx_unobs_or_zero_occ_residues.label_seq_id 
1 1 Y 1 B MET 7   ? A MET 1   
2 1 Y 1 B LYS 193 ? A LYS 187 
3 1 Y 1 B MET 194 ? A MET 188 
# 
loop_
_chem_comp_atom.comp_id 
_chem_comp_atom.atom_id 
_chem_comp_atom.type_symbol 
_chem_comp_atom.pdbx_aromatic_flag 
_chem_comp_atom.pdbx_stereo_config 
_chem_comp_atom.pdbx_ordinal 
A1A4A N1   N Y N 1   
A1A4A C4   C N N 2   
A1A4A C5   C N R 3   
A1A4A C6   C N N 4   
A1A4A C7   C N N 5   
A1A4A C8   C N N 6   
A1A4A O    O N N 7   
A1A4A O1   O N N 8   
A1A4A N2   N N N 9   
A1A4A C3   C Y N 10  
A1A4A N    N Y N 11  
A1A4A S    S Y N 12  
A1A4A C2   C Y N 13  
A1A4A C1   C N N 14  
A1A4A C    C N N 15  
A1A4A H6   H N N 16  
A1A4A H8   H N N 17  
A1A4A H7   H N N 18  
A1A4A H10  H N N 19  
A1A4A H9   H N N 20  
A1A4A H12  H N N 21  
A1A4A H11  H N N 22  
A1A4A H5   H N N 23  
A1A4A H3   H N N 24  
A1A4A H4   H N N 25  
A1A4A H    H N N 26  
A1A4A H1   H N N 27  
A1A4A H2   H N N 28  
ALA   N    N N N 29  
ALA   CA   C N S 30  
ALA   C    C N N 31  
ALA   O    O N N 32  
ALA   CB   C N N 33  
ALA   OXT  O N N 34  
ALA   H    H N N 35  
ALA   H2   H N N 36  
ALA   HA   H N N 37  
ALA   HB1  H N N 38  
ALA   HB2  H N N 39  
ALA   HB3  H N N 40  
ALA   HXT  H N N 41  
ARG   N    N N N 42  
ARG   CA   C N S 43  
ARG   C    C N N 44  
ARG   O    O N N 45  
ARG   CB   C N N 46  
ARG   CG   C N N 47  
ARG   CD   C N N 48  
ARG   NE   N N N 49  
ARG   CZ   C N N 50  
ARG   NH1  N N N 51  
ARG   NH2  N N N 52  
ARG   OXT  O N N 53  
ARG   H    H N N 54  
ARG   H2   H N N 55  
ARG   HA   H N N 56  
ARG   HB2  H N N 57  
ARG   HB3  H N N 58  
ARG   HG2  H N N 59  
ARG   HG3  H N N 60  
ARG   HD2  H N N 61  
ARG   HD3  H N N 62  
ARG   HE   H N N 63  
ARG   HH11 H N N 64  
ARG   HH12 H N N 65  
ARG   HH21 H N N 66  
ARG   HH22 H N N 67  
ARG   HXT  H N N 68  
ASN   N    N N N 69  
ASN   CA   C N S 70  
ASN   C    C N N 71  
ASN   O    O N N 72  
ASN   CB   C N N 73  
ASN   CG   C N N 74  
ASN   OD1  O N N 75  
ASN   ND2  N N N 76  
ASN   OXT  O N N 77  
ASN   H    H N N 78  
ASN   H2   H N N 79  
ASN   HA   H N N 80  
ASN   HB2  H N N 81  
ASN   HB3  H N N 82  
ASN   HD21 H N N 83  
ASN   HD22 H N N 84  
ASN   HXT  H N N 85  
ASP   N    N N N 86  
ASP   CA   C N S 87  
ASP   C    C N N 88  
ASP   O    O N N 89  
ASP   CB   C N N 90  
ASP   CG   C N N 91  
ASP   OD1  O N N 92  
ASP   OD2  O N N 93  
ASP   OXT  O N N 94  
ASP   H    H N N 95  
ASP   H2   H N N 96  
ASP   HA   H N N 97  
ASP   HB2  H N N 98  
ASP   HB3  H N N 99  
ASP   HD2  H N N 100 
ASP   HXT  H N N 101 
CYS   N    N N N 102 
CYS   CA   C N R 103 
CYS   C    C N N 104 
CYS   O    O N N 105 
CYS   CB   C N N 106 
CYS   SG   S N N 107 
CYS   OXT  O N N 108 
CYS   H    H N N 109 
CYS   H2   H N N 110 
CYS   HA   H N N 111 
CYS   HB2  H N N 112 
CYS   HB3  H N N 113 
CYS   HG   H N N 114 
CYS   HXT  H N N 115 
EDO   C1   C N N 116 
EDO   O1   O N N 117 
EDO   C2   C N N 118 
EDO   O2   O N N 119 
EDO   H11  H N N 120 
EDO   H12  H N N 121 
EDO   HO1  H N N 122 
EDO   H21  H N N 123 
EDO   H22  H N N 124 
EDO   HO2  H N N 125 
GLN   N    N N N 126 
GLN   CA   C N S 127 
GLN   C    C N N 128 
GLN   O    O N N 129 
GLN   CB   C N N 130 
GLN   CG   C N N 131 
GLN   CD   C N N 132 
GLN   OE1  O N N 133 
GLN   NE2  N N N 134 
GLN   OXT  O N N 135 
GLN   H    H N N 136 
GLN   H2   H N N 137 
GLN   HA   H N N 138 
GLN   HB2  H N N 139 
GLN   HB3  H N N 140 
GLN   HG2  H N N 141 
GLN   HG3  H N N 142 
GLN   HE21 H N N 143 
GLN   HE22 H N N 144 
GLN   HXT  H N N 145 
GLU   N    N N N 146 
GLU   CA   C N S 147 
GLU   C    C N N 148 
GLU   O    O N N 149 
GLU   CB   C N N 150 
GLU   CG   C N N 151 
GLU   CD   C N N 152 
GLU   OE1  O N N 153 
GLU   OE2  O N N 154 
GLU   OXT  O N N 155 
GLU   H    H N N 156 
GLU   H2   H N N 157 
GLU   HA   H N N 158 
GLU   HB2  H N N 159 
GLU   HB3  H N N 160 
GLU   HG2  H N N 161 
GLU   HG3  H N N 162 
GLU   HE2  H N N 163 
GLU   HXT  H N N 164 
GLY   N    N N N 165 
GLY   CA   C N N 166 
GLY   C    C N N 167 
GLY   O    O N N 168 
GLY   OXT  O N N 169 
GLY   H    H N N 170 
GLY   H2   H N N 171 
GLY   HA2  H N N 172 
GLY   HA3  H N N 173 
GLY   HXT  H N N 174 
HIS   N    N N N 175 
HIS   CA   C N S 176 
HIS   C    C N N 177 
HIS   O    O N N 178 
HIS   CB   C N N 179 
HIS   CG   C Y N 180 
HIS   ND1  N Y N 181 
HIS   CD2  C Y N 182 
HIS   CE1  C Y N 183 
HIS   NE2  N Y N 184 
HIS   OXT  O N N 185 
HIS   H    H N N 186 
HIS   H2   H N N 187 
HIS   HA   H N N 188 
HIS   HB2  H N N 189 
HIS   HB3  H N N 190 
HIS   HD1  H N N 191 
HIS   HD2  H N N 192 
HIS   HE1  H N N 193 
HIS   HE2  H N N 194 
HIS   HXT  H N N 195 
HOH   O    O N N 196 
HOH   H1   H N N 197 
HOH   H2   H N N 198 
ILE   N    N N N 199 
ILE   CA   C N S 200 
ILE   C    C N N 201 
ILE   O    O N N 202 
ILE   CB   C N S 203 
ILE   CG1  C N N 204 
ILE   CG2  C N N 205 
ILE   CD1  C N N 206 
ILE   OXT  O N N 207 
ILE   H    H N N 208 
ILE   H2   H N N 209 
ILE   HA   H N N 210 
ILE   HB   H N N 211 
ILE   HG12 H N N 212 
ILE   HG13 H N N 213 
ILE   HG21 H N N 214 
ILE   HG22 H N N 215 
ILE   HG23 H N N 216 
ILE   HD11 H N N 217 
ILE   HD12 H N N 218 
ILE   HD13 H N N 219 
ILE   HXT  H N N 220 
LEU   N    N N N 221 
LEU   CA   C N S 222 
LEU   C    C N N 223 
LEU   O    O N N 224 
LEU   CB   C N N 225 
LEU   CG   C N N 226 
LEU   CD1  C N N 227 
LEU   CD2  C N N 228 
LEU   OXT  O N N 229 
LEU   H    H N N 230 
LEU   H2   H N N 231 
LEU   HA   H N N 232 
LEU   HB2  H N N 233 
LEU   HB3  H N N 234 
LEU   HG   H N N 235 
LEU   HD11 H N N 236 
LEU   HD12 H N N 237 
LEU   HD13 H N N 238 
LEU   HD21 H N N 239 
LEU   HD22 H N N 240 
LEU   HD23 H N N 241 
LEU   HXT  H N N 242 
LYS   N    N N N 243 
LYS   CA   C N S 244 
LYS   C    C N N 245 
LYS   O    O N N 246 
LYS   CB   C N N 247 
LYS   CG   C N N 248 
LYS   CD   C N N 249 
LYS   CE   C N N 250 
LYS   NZ   N N N 251 
LYS   OXT  O N N 252 
LYS   H    H N N 253 
LYS   H2   H N N 254 
LYS   HA   H N N 255 
LYS   HB2  H N N 256 
LYS   HB3  H N N 257 
LYS   HG2  H N N 258 
LYS   HG3  H N N 259 
LYS   HD2  H N N 260 
LYS   HD3  H N N 261 
LYS   HE2  H N N 262 
LYS   HE3  H N N 263 
LYS   HZ1  H N N 264 
LYS   HZ2  H N N 265 
LYS   HZ3  H N N 266 
LYS   HXT  H N N 267 
MET   N    N N N 268 
MET   CA   C N S 269 
MET   C    C N N 270 
MET   O    O N N 271 
MET   CB   C N N 272 
MET   CG   C N N 273 
MET   SD   S N N 274 
MET   CE   C N N 275 
MET   OXT  O N N 276 
MET   H    H N N 277 
MET   H2   H N N 278 
MET   HA   H N N 279 
MET   HB2  H N N 280 
MET   HB3  H N N 281 
MET   HG2  H N N 282 
MET   HG3  H N N 283 
MET   HE1  H N N 284 
MET   HE2  H N N 285 
MET   HE3  H N N 286 
MET   HXT  H N N 287 
PHE   N    N N N 288 
PHE   CA   C N S 289 
PHE   C    C N N 290 
PHE   O    O N N 291 
PHE   CB   C N N 292 
PHE   CG   C Y N 293 
PHE   CD1  C Y N 294 
PHE   CD2  C Y N 295 
PHE   CE1  C Y N 296 
PHE   CE2  C Y N 297 
PHE   CZ   C Y N 298 
PHE   OXT  O N N 299 
PHE   H    H N N 300 
PHE   H2   H N N 301 
PHE   HA   H N N 302 
PHE   HB2  H N N 303 
PHE   HB3  H N N 304 
PHE   HD1  H N N 305 
PHE   HD2  H N N 306 
PHE   HE1  H N N 307 
PHE   HE2  H N N 308 
PHE   HZ   H N N 309 
PHE   HXT  H N N 310 
PRO   N    N N N 311 
PRO   CA   C N S 312 
PRO   C    C N N 313 
PRO   O    O N N 314 
PRO   CB   C N N 315 
PRO   CG   C N N 316 
PRO   CD   C N N 317 
PRO   OXT  O N N 318 
PRO   H    H N N 319 
PRO   HA   H N N 320 
PRO   HB2  H N N 321 
PRO   HB3  H N N 322 
PRO   HG2  H N N 323 
PRO   HG3  H N N 324 
PRO   HD2  H N N 325 
PRO   HD3  H N N 326 
PRO   HXT  H N N 327 
SER   N    N N N 328 
SER   CA   C N S 329 
SER   C    C N N 330 
SER   O    O N N 331 
SER   CB   C N N 332 
SER   OG   O N N 333 
SER   OXT  O N N 334 
SER   H    H N N 335 
SER   H2   H N N 336 
SER   HA   H N N 337 
SER   HB2  H N N 338 
SER   HB3  H N N 339 
SER   HG   H N N 340 
SER   HXT  H N N 341 
SO4   S    S N N 342 
SO4   O1   O N N 343 
SO4   O2   O N N 344 
SO4   O3   O N N 345 
SO4   O4   O N N 346 
THR   N    N N N 347 
THR   CA   C N S 348 
THR   C    C N N 349 
THR   O    O N N 350 
THR   CB   C N R 351 
THR   OG1  O N N 352 
THR   CG2  C N N 353 
THR   OXT  O N N 354 
THR   H    H N N 355 
THR   H2   H N N 356 
THR   HA   H N N 357 
THR   HB   H N N 358 
THR   HG1  H N N 359 
THR   HG21 H N N 360 
THR   HG22 H N N 361 
THR   HG23 H N N 362 
THR   HXT  H N N 363 
TRP   N    N N N 364 
TRP   CA   C N S 365 
TRP   C    C N N 366 
TRP   O    O N N 367 
TRP   CB   C N N 368 
TRP   CG   C Y N 369 
TRP   CD1  C Y N 370 
TRP   CD2  C Y N 371 
TRP   NE1  N Y N 372 
TRP   CE2  C Y N 373 
TRP   CE3  C Y N 374 
TRP   CZ2  C Y N 375 
TRP   CZ3  C Y N 376 
TRP   CH2  C Y N 377 
TRP   OXT  O N N 378 
TRP   H    H N N 379 
TRP   H2   H N N 380 
TRP   HA   H N N 381 
TRP   HB2  H N N 382 
TRP   HB3  H N N 383 
TRP   HD1  H N N 384 
TRP   HE1  H N N 385 
TRP   HE3  H N N 386 
TRP   HZ2  H N N 387 
TRP   HZ3  H N N 388 
TRP   HH2  H N N 389 
TRP   HXT  H N N 390 
TYR   N    N N N 391 
TYR   CA   C N S 392 
TYR   C    C N N 393 
TYR   O    O N N 394 
TYR   CB   C N N 395 
TYR   CG   C Y N 396 
TYR   CD1  C Y N 397 
TYR   CD2  C Y N 398 
TYR   CE1  C Y N 399 
TYR   CE2  C Y N 400 
TYR   CZ   C Y N 401 
TYR   OH   O N N 402 
TYR   OXT  O N N 403 
TYR   H    H N N 404 
TYR   H2   H N N 405 
TYR   HA   H N N 406 
TYR   HB2  H N N 407 
TYR   HB3  H N N 408 
TYR   HD1  H N N 409 
TYR   HD2  H N N 410 
TYR   HE1  H N N 411 
TYR   HE2  H N N 412 
TYR   HH   H N N 413 
TYR   HXT  H N N 414 
VAL   N    N N N 415 
VAL   CA   C N S 416 
VAL   C    C N N 417 
VAL   O    O N N 418 
VAL   CB   C N N 419 
VAL   CG1  C N N 420 
VAL   CG2  C N N 421 
VAL   OXT  O N N 422 
VAL   H    H N N 423 
VAL   H2   H N N 424 
VAL   HA   H N N 425 
VAL   HB   H N N 426 
VAL   HG11 H N N 427 
VAL   HG12 H N N 428 
VAL   HG13 H N N 429 
VAL   HG21 H N N 430 
VAL   HG22 H N N 431 
VAL   HG23 H N N 432 
VAL   HXT  H N N 433 
# 
loop_
_chem_comp_bond.comp_id 
_chem_comp_bond.atom_id_1 
_chem_comp_bond.atom_id_2 
_chem_comp_bond.value_order 
_chem_comp_bond.pdbx_aromatic_flag 
_chem_comp_bond.pdbx_stereo_config 
_chem_comp_bond.pdbx_ordinal 
A1A4A C   C1   sing N N 1   
A1A4A C1  C2   sing N N 2   
A1A4A C2  N    doub Y N 3   
A1A4A N   N1   sing Y N 4   
A1A4A N1  C3   doub Y N 5   
A1A4A C3  N2   sing N N 6   
A1A4A N2  C4   sing N N 7   
A1A4A C4  O    doub N N 8   
A1A4A C5  C4   sing N N 9   
A1A4A C5  C6   sing N N 10  
A1A4A C6  C7   sing N N 11  
A1A4A C7  C8   sing N N 12  
A1A4A C8  O1   sing N N 13  
A1A4A O1  C5   sing N N 14  
A1A4A S   C3   sing Y N 15  
A1A4A C2  S    sing Y N 16  
A1A4A C5  H6   sing N N 17  
A1A4A C6  H8   sing N N 18  
A1A4A C6  H7   sing N N 19  
A1A4A C7  H10  sing N N 20  
A1A4A C7  H9   sing N N 21  
A1A4A C8  H12  sing N N 22  
A1A4A C8  H11  sing N N 23  
A1A4A N2  H5   sing N N 24  
A1A4A C1  H3   sing N N 25  
A1A4A C1  H4   sing N N 26  
A1A4A C   H    sing N N 27  
A1A4A C   H1   sing N N 28  
A1A4A C   H2   sing N N 29  
ALA   N   CA   sing N N 30  
ALA   N   H    sing N N 31  
ALA   N   H2   sing N N 32  
ALA   CA  C    sing N N 33  
ALA   CA  CB   sing N N 34  
ALA   CA  HA   sing N N 35  
ALA   C   O    doub N N 36  
ALA   C   OXT  sing N N 37  
ALA   CB  HB1  sing N N 38  
ALA   CB  HB2  sing N N 39  
ALA   CB  HB3  sing N N 40  
ALA   OXT HXT  sing N N 41  
ARG   N   CA   sing N N 42  
ARG   N   H    sing N N 43  
ARG   N   H2   sing N N 44  
ARG   CA  C    sing N N 45  
ARG   CA  CB   sing N N 46  
ARG   CA  HA   sing N N 47  
ARG   C   O    doub N N 48  
ARG   C   OXT  sing N N 49  
ARG   CB  CG   sing N N 50  
ARG   CB  HB2  sing N N 51  
ARG   CB  HB3  sing N N 52  
ARG   CG  CD   sing N N 53  
ARG   CG  HG2  sing N N 54  
ARG   CG  HG3  sing N N 55  
ARG   CD  NE   sing N N 56  
ARG   CD  HD2  sing N N 57  
ARG   CD  HD3  sing N N 58  
ARG   NE  CZ   sing N N 59  
ARG   NE  HE   sing N N 60  
ARG   CZ  NH1  sing N N 61  
ARG   CZ  NH2  doub N N 62  
ARG   NH1 HH11 sing N N 63  
ARG   NH1 HH12 sing N N 64  
ARG   NH2 HH21 sing N N 65  
ARG   NH2 HH22 sing N N 66  
ARG   OXT HXT  sing N N 67  
ASN   N   CA   sing N N 68  
ASN   N   H    sing N N 69  
ASN   N   H2   sing N N 70  
ASN   CA  C    sing N N 71  
ASN   CA  CB   sing N N 72  
ASN   CA  HA   sing N N 73  
ASN   C   O    doub N N 74  
ASN   C   OXT  sing N N 75  
ASN   CB  CG   sing N N 76  
ASN   CB  HB2  sing N N 77  
ASN   CB  HB3  sing N N 78  
ASN   CG  OD1  doub N N 79  
ASN   CG  ND2  sing N N 80  
ASN   ND2 HD21 sing N N 81  
ASN   ND2 HD22 sing N N 82  
ASN   OXT HXT  sing N N 83  
ASP   N   CA   sing N N 84  
ASP   N   H    sing N N 85  
ASP   N   H2   sing N N 86  
ASP   CA  C    sing N N 87  
ASP   CA  CB   sing N N 88  
ASP   CA  HA   sing N N 89  
ASP   C   O    doub N N 90  
ASP   C   OXT  sing N N 91  
ASP   CB  CG   sing N N 92  
ASP   CB  HB2  sing N N 93  
ASP   CB  HB3  sing N N 94  
ASP   CG  OD1  doub N N 95  
ASP   CG  OD2  sing N N 96  
ASP   OD2 HD2  sing N N 97  
ASP   OXT HXT  sing N N 98  
CYS   N   CA   sing N N 99  
CYS   N   H    sing N N 100 
CYS   N   H2   sing N N 101 
CYS   CA  C    sing N N 102 
CYS   CA  CB   sing N N 103 
CYS   CA  HA   sing N N 104 
CYS   C   O    doub N N 105 
CYS   C   OXT  sing N N 106 
CYS   CB  SG   sing N N 107 
CYS   CB  HB2  sing N N 108 
CYS   CB  HB3  sing N N 109 
CYS   SG  HG   sing N N 110 
CYS   OXT HXT  sing N N 111 
EDO   C1  O1   sing N N 112 
EDO   C1  C2   sing N N 113 
EDO   C1  H11  sing N N 114 
EDO   C1  H12  sing N N 115 
EDO   O1  HO1  sing N N 116 
EDO   C2  O2   sing N N 117 
EDO   C2  H21  sing N N 118 
EDO   C2  H22  sing N N 119 
EDO   O2  HO2  sing N N 120 
GLN   N   CA   sing N N 121 
GLN   N   H    sing N N 122 
GLN   N   H2   sing N N 123 
GLN   CA  C    sing N N 124 
GLN   CA  CB   sing N N 125 
GLN   CA  HA   sing N N 126 
GLN   C   O    doub N N 127 
GLN   C   OXT  sing N N 128 
GLN   CB  CG   sing N N 129 
GLN   CB  HB2  sing N N 130 
GLN   CB  HB3  sing N N 131 
GLN   CG  CD   sing N N 132 
GLN   CG  HG2  sing N N 133 
GLN   CG  HG3  sing N N 134 
GLN   CD  OE1  doub N N 135 
GLN   CD  NE2  sing N N 136 
GLN   NE2 HE21 sing N N 137 
GLN   NE2 HE22 sing N N 138 
GLN   OXT HXT  sing N N 139 
GLU   N   CA   sing N N 140 
GLU   N   H    sing N N 141 
GLU   N   H2   sing N N 142 
GLU   CA  C    sing N N 143 
GLU   CA  CB   sing N N 144 
GLU   CA  HA   sing N N 145 
GLU   C   O    doub N N 146 
GLU   C   OXT  sing N N 147 
GLU   CB  CG   sing N N 148 
GLU   CB  HB2  sing N N 149 
GLU   CB  HB3  sing N N 150 
GLU   CG  CD   sing N N 151 
GLU   CG  HG2  sing N N 152 
GLU   CG  HG3  sing N N 153 
GLU   CD  OE1  doub N N 154 
GLU   CD  OE2  sing N N 155 
GLU   OE2 HE2  sing N N 156 
GLU   OXT HXT  sing N N 157 
GLY   N   CA   sing N N 158 
GLY   N   H    sing N N 159 
GLY   N   H2   sing N N 160 
GLY   CA  C    sing N N 161 
GLY   CA  HA2  sing N N 162 
GLY   CA  HA3  sing N N 163 
GLY   C   O    doub N N 164 
GLY   C   OXT  sing N N 165 
GLY   OXT HXT  sing N N 166 
HIS   N   CA   sing N N 167 
HIS   N   H    sing N N 168 
HIS   N   H2   sing N N 169 
HIS   CA  C    sing N N 170 
HIS   CA  CB   sing N N 171 
HIS   CA  HA   sing N N 172 
HIS   C   O    doub N N 173 
HIS   C   OXT  sing N N 174 
HIS   CB  CG   sing N N 175 
HIS   CB  HB2  sing N N 176 
HIS   CB  HB3  sing N N 177 
HIS   CG  ND1  sing Y N 178 
HIS   CG  CD2  doub Y N 179 
HIS   ND1 CE1  doub Y N 180 
HIS   ND1 HD1  sing N N 181 
HIS   CD2 NE2  sing Y N 182 
HIS   CD2 HD2  sing N N 183 
HIS   CE1 NE2  sing Y N 184 
HIS   CE1 HE1  sing N N 185 
HIS   NE2 HE2  sing N N 186 
HIS   OXT HXT  sing N N 187 
HOH   O   H1   sing N N 188 
HOH   O   H2   sing N N 189 
ILE   N   CA   sing N N 190 
ILE   N   H    sing N N 191 
ILE   N   H2   sing N N 192 
ILE   CA  C    sing N N 193 
ILE   CA  CB   sing N N 194 
ILE   CA  HA   sing N N 195 
ILE   C   O    doub N N 196 
ILE   C   OXT  sing N N 197 
ILE   CB  CG1  sing N N 198 
ILE   CB  CG2  sing N N 199 
ILE   CB  HB   sing N N 200 
ILE   CG1 CD1  sing N N 201 
ILE   CG1 HG12 sing N N 202 
ILE   CG1 HG13 sing N N 203 
ILE   CG2 HG21 sing N N 204 
ILE   CG2 HG22 sing N N 205 
ILE   CG2 HG23 sing N N 206 
ILE   CD1 HD11 sing N N 207 
ILE   CD1 HD12 sing N N 208 
ILE   CD1 HD13 sing N N 209 
ILE   OXT HXT  sing N N 210 
LEU   N   CA   sing N N 211 
LEU   N   H    sing N N 212 
LEU   N   H2   sing N N 213 
LEU   CA  C    sing N N 214 
LEU   CA  CB   sing N N 215 
LEU   CA  HA   sing N N 216 
LEU   C   O    doub N N 217 
LEU   C   OXT  sing N N 218 
LEU   CB  CG   sing N N 219 
LEU   CB  HB2  sing N N 220 
LEU   CB  HB3  sing N N 221 
LEU   CG  CD1  sing N N 222 
LEU   CG  CD2  sing N N 223 
LEU   CG  HG   sing N N 224 
LEU   CD1 HD11 sing N N 225 
LEU   CD1 HD12 sing N N 226 
LEU   CD1 HD13 sing N N 227 
LEU   CD2 HD21 sing N N 228 
LEU   CD2 HD22 sing N N 229 
LEU   CD2 HD23 sing N N 230 
LEU   OXT HXT  sing N N 231 
LYS   N   CA   sing N N 232 
LYS   N   H    sing N N 233 
LYS   N   H2   sing N N 234 
LYS   CA  C    sing N N 235 
LYS   CA  CB   sing N N 236 
LYS   CA  HA   sing N N 237 
LYS   C   O    doub N N 238 
LYS   C   OXT  sing N N 239 
LYS   CB  CG   sing N N 240 
LYS   CB  HB2  sing N N 241 
LYS   CB  HB3  sing N N 242 
LYS   CG  CD   sing N N 243 
LYS   CG  HG2  sing N N 244 
LYS   CG  HG3  sing N N 245 
LYS   CD  CE   sing N N 246 
LYS   CD  HD2  sing N N 247 
LYS   CD  HD3  sing N N 248 
LYS   CE  NZ   sing N N 249 
LYS   CE  HE2  sing N N 250 
LYS   CE  HE3  sing N N 251 
LYS   NZ  HZ1  sing N N 252 
LYS   NZ  HZ2  sing N N 253 
LYS   NZ  HZ3  sing N N 254 
LYS   OXT HXT  sing N N 255 
MET   N   CA   sing N N 256 
MET   N   H    sing N N 257 
MET   N   H2   sing N N 258 
MET   CA  C    sing N N 259 
MET   CA  CB   sing N N 260 
MET   CA  HA   sing N N 261 
MET   C   O    doub N N 262 
MET   C   OXT  sing N N 263 
MET   CB  CG   sing N N 264 
MET   CB  HB2  sing N N 265 
MET   CB  HB3  sing N N 266 
MET   CG  SD   sing N N 267 
MET   CG  HG2  sing N N 268 
MET   CG  HG3  sing N N 269 
MET   SD  CE   sing N N 270 
MET   CE  HE1  sing N N 271 
MET   CE  HE2  sing N N 272 
MET   CE  HE3  sing N N 273 
MET   OXT HXT  sing N N 274 
PHE   N   CA   sing N N 275 
PHE   N   H    sing N N 276 
PHE   N   H2   sing N N 277 
PHE   CA  C    sing N N 278 
PHE   CA  CB   sing N N 279 
PHE   CA  HA   sing N N 280 
PHE   C   O    doub N N 281 
PHE   C   OXT  sing N N 282 
PHE   CB  CG   sing N N 283 
PHE   CB  HB2  sing N N 284 
PHE   CB  HB3  sing N N 285 
PHE   CG  CD1  doub Y N 286 
PHE   CG  CD2  sing Y N 287 
PHE   CD1 CE1  sing Y N 288 
PHE   CD1 HD1  sing N N 289 
PHE   CD2 CE2  doub Y N 290 
PHE   CD2 HD2  sing N N 291 
PHE   CE1 CZ   doub Y N 292 
PHE   CE1 HE1  sing N N 293 
PHE   CE2 CZ   sing Y N 294 
PHE   CE2 HE2  sing N N 295 
PHE   CZ  HZ   sing N N 296 
PHE   OXT HXT  sing N N 297 
PRO   N   CA   sing N N 298 
PRO   N   CD   sing N N 299 
PRO   N   H    sing N N 300 
PRO   CA  C    sing N N 301 
PRO   CA  CB   sing N N 302 
PRO   CA  HA   sing N N 303 
PRO   C   O    doub N N 304 
PRO   C   OXT  sing N N 305 
PRO   CB  CG   sing N N 306 
PRO   CB  HB2  sing N N 307 
PRO   CB  HB3  sing N N 308 
PRO   CG  CD   sing N N 309 
PRO   CG  HG2  sing N N 310 
PRO   CG  HG3  sing N N 311 
PRO   CD  HD2  sing N N 312 
PRO   CD  HD3  sing N N 313 
PRO   OXT HXT  sing N N 314 
SER   N   CA   sing N N 315 
SER   N   H    sing N N 316 
SER   N   H2   sing N N 317 
SER   CA  C    sing N N 318 
SER   CA  CB   sing N N 319 
SER   CA  HA   sing N N 320 
SER   C   O    doub N N 321 
SER   C   OXT  sing N N 322 
SER   CB  OG   sing N N 323 
SER   CB  HB2  sing N N 324 
SER   CB  HB3  sing N N 325 
SER   OG  HG   sing N N 326 
SER   OXT HXT  sing N N 327 
SO4   S   O1   doub N N 328 
SO4   S   O2   doub N N 329 
SO4   S   O3   sing N N 330 
SO4   S   O4   sing N N 331 
THR   N   CA   sing N N 332 
THR   N   H    sing N N 333 
THR   N   H2   sing N N 334 
THR   CA  C    sing N N 335 
THR   CA  CB   sing N N 336 
THR   CA  HA   sing N N 337 
THR   C   O    doub N N 338 
THR   C   OXT  sing N N 339 
THR   CB  OG1  sing N N 340 
THR   CB  CG2  sing N N 341 
THR   CB  HB   sing N N 342 
THR   OG1 HG1  sing N N 343 
THR   CG2 HG21 sing N N 344 
THR   CG2 HG22 sing N N 345 
THR   CG2 HG23 sing N N 346 
THR   OXT HXT  sing N N 347 
TRP   N   CA   sing N N 348 
TRP   N   H    sing N N 349 
TRP   N   H2   sing N N 350 
TRP   CA  C    sing N N 351 
TRP   CA  CB   sing N N 352 
TRP   CA  HA   sing N N 353 
TRP   C   O    doub N N 354 
TRP   C   OXT  sing N N 355 
TRP   CB  CG   sing N N 356 
TRP   CB  HB2  sing N N 357 
TRP   CB  HB3  sing N N 358 
TRP   CG  CD1  doub Y N 359 
TRP   CG  CD2  sing Y N 360 
TRP   CD1 NE1  sing Y N 361 
TRP   CD1 HD1  sing N N 362 
TRP   CD2 CE2  doub Y N 363 
TRP   CD2 CE3  sing Y N 364 
TRP   NE1 CE2  sing Y N 365 
TRP   NE1 HE1  sing N N 366 
TRP   CE2 CZ2  sing Y N 367 
TRP   CE3 CZ3  doub Y N 368 
TRP   CE3 HE3  sing N N 369 
TRP   CZ2 CH2  doub Y N 370 
TRP   CZ2 HZ2  sing N N 371 
TRP   CZ3 CH2  sing Y N 372 
TRP   CZ3 HZ3  sing N N 373 
TRP   CH2 HH2  sing N N 374 
TRP   OXT HXT  sing N N 375 
TYR   N   CA   sing N N 376 
TYR   N   H    sing N N 377 
TYR   N   H2   sing N N 378 
TYR   CA  C    sing N N 379 
TYR   CA  CB   sing N N 380 
TYR   CA  HA   sing N N 381 
TYR   C   O    doub N N 382 
TYR   C   OXT  sing N N 383 
TYR   CB  CG   sing N N 384 
TYR   CB  HB2  sing N N 385 
TYR   CB  HB3  sing N N 386 
TYR   CG  CD1  doub Y N 387 
TYR   CG  CD2  sing Y N 388 
TYR   CD1 CE1  sing Y N 389 
TYR   CD1 HD1  sing N N 390 
TYR   CD2 CE2  doub Y N 391 
TYR   CD2 HD2  sing N N 392 
TYR   CE1 CZ   doub Y N 393 
TYR   CE1 HE1  sing N N 394 
TYR   CE2 CZ   sing Y N 395 
TYR   CE2 HE2  sing N N 396 
TYR   CZ  OH   sing N N 397 
TYR   OH  HH   sing N N 398 
TYR   OXT HXT  sing N N 399 
VAL   N   CA   sing N N 400 
VAL   N   H    sing N N 401 
VAL   N   H2   sing N N 402 
VAL   CA  C    sing N N 403 
VAL   CA  CB   sing N N 404 
VAL   CA  HA   sing N N 405 
VAL   C   O    doub N N 406 
VAL   C   OXT  sing N N 407 
VAL   CB  CG1  sing N N 408 
VAL   CB  CG2  sing N N 409 
VAL   CB  HB   sing N N 410 
VAL   CG1 HG11 sing N N 411 
VAL   CG1 HG12 sing N N 412 
VAL   CG1 HG13 sing N N 413 
VAL   CG2 HG21 sing N N 414 
VAL   CG2 HG22 sing N N 415 
VAL   CG2 HG23 sing N N 416 
VAL   OXT HXT  sing N N 417 
# 
_pdbx_audit_support.ordinal                1 
_pdbx_audit_support.funding_organization   'European Union (EU)' 
_pdbx_audit_support.grant_number           875510 
_pdbx_audit_support.country                'European Union' 
# 
_pdbx_deposit_group.group_id            G_1002320 
_pdbx_deposit_group.group_description   
;PRYSPRY domain of murine TRIM21 screened against the DSI-poised Fragment Library by X-ray Crystallography at the XChem facility of Diamon Light Source
;
_pdbx_deposit_group.group_title         'PanDDA analysis group deposition' 
_pdbx_deposit_group.group_type          'changed state' 
# 
_pdbx_initial_refinement_model.id               1 
_pdbx_initial_refinement_model.entity_id_list   ? 
_pdbx_initial_refinement_model.type             'experimental model' 
_pdbx_initial_refinement_model.source_name      PDB 
_pdbx_initial_refinement_model.accession_code   2VOK 
_pdbx_initial_refinement_model.details          ? 
# 
_atom_sites.entry_id                    7HLN 
_atom_sites.fract_transf_matrix[1][1]   -0.00470248 
_atom_sites.fract_transf_matrix[1][2]   -0.00856461 
_atom_sites.fract_transf_matrix[1][3]   0.00382313 
_atom_sites.fract_transf_matrix[2][1]   -0.00229358 
_atom_sites.fract_transf_matrix[2][2]   0.00519697 
_atom_sites.fract_transf_matrix[2][3]   0.00882117 
_atom_sites.fract_transf_matrix[3][1]   -0.01891519 
_atom_sites.fract_transf_matrix[3][2]   0.00648477 
_atom_sites.fract_transf_matrix[3][3]   -0.00873860 
_atom_sites.fract_transf_vector[1]      -0.298329 
_atom_sites.fract_transf_vector[2]      -0.116646 
_atom_sites.fract_transf_vector[3]      -0.503429 
# 
loop_
_atom_type.symbol 
C 
N 
O 
S 
# 
loop_
_atom_site.group_PDB 
_atom_site.id 
_atom_site.type_symbol 
_atom_site.label_atom_id 
_atom_site.label_alt_id 
_atom_site.label_comp_id 
_atom_site.label_asym_id 
_atom_site.label_entity_id 
_atom_site.label_seq_id 
_atom_site.pdbx_PDB_ins_code 
_atom_site.Cartn_x 
_atom_site.Cartn_y 
_atom_site.Cartn_z 
_atom_site.occupancy 
_atom_site.B_iso_or_equiv 
_atom_site.pdbx_formal_charge 
_atom_site.auth_seq_id 
_atom_site.auth_comp_id 
_atom_site.auth_asym_id 
_atom_site.auth_atom_id 
_atom_site.pdbx_PDB_model_num 
ATOM   1    N N   . HIS   A 1 2   ? -17.790 -9.187  -0.994  1.00 55.01 ? 8   HIS   B N   1 
ATOM   2    C CA  . HIS   A 1 2   ? -16.783 -10.312 -0.899  1.00 50.01 ? 8   HIS   B CA  1 
ATOM   3    C C   . HIS   A 1 2   ? -16.928 -11.030 0.452   1.00 49.31 ? 8   HIS   B C   1 
ATOM   4    O O   . HIS   A 1 2   ? -17.534 -10.445 1.392   1.00 52.55 ? 8   HIS   B O   1 
ATOM   5    C CB  . HIS   A 1 2   ? -15.352 -9.787  -1.132  1.00 41.87 ? 8   HIS   B CB  1 
ATOM   6    C CG  . HIS   A 1 2   ? -14.832 -8.907  -0.043  1.00 37.88 ? 8   HIS   B CG  1 
ATOM   7    N ND1 . HIS   A 1 2   ? -14.271 -9.420  1.113   1.00 37.92 ? 8   HIS   B ND1 1 
ATOM   8    C CD2 . HIS   A 1 2   ? -14.784 -7.564  0.086   1.00 35.17 ? 8   HIS   B CD2 1 
ATOM   9    C CE1 . HIS   A 1 2   ? -13.908 -8.428  1.908   1.00 36.06 ? 8   HIS   B CE1 1 
ATOM   10   N NE2 . HIS   A 1 2   ? -14.225 -7.276  1.311   1.00 30.47 ? 8   HIS   B NE2 1 
ATOM   11   N N   . HIS   A 1 3   ? -16.361 -12.234 0.556   1.00 44.12 ? 9   HIS   B N   1 
ATOM   12   C CA  . HIS   A 1 3   ? -16.399 -13.093 1.771   1.00 44.24 ? 9   HIS   B CA  1 
ATOM   13   C C   . HIS   A 1 3   ? -14.973 -13.434 2.234   1.00 38.28 ? 9   HIS   B C   1 
ATOM   14   O O   . HIS   A 1 3   ? -14.771 -14.563 2.722   1.00 37.62 ? 9   HIS   B O   1 
ATOM   15   C CB  . HIS   A 1 3   ? -17.313 -14.296 1.472   1.00 52.42 ? 9   HIS   B CB  1 
ATOM   16   C CG  . HIS   A 1 3   ? -18.717 -13.863 1.177   1.00 61.30 ? 9   HIS   B CG  1 
ATOM   17   N ND1 . HIS   A 1 3   ? -19.568 -13.372 2.164   1.00 62.36 ? 9   HIS   B ND1 1 
ATOM   18   C CD2 . HIS   A 1 3   ? -19.408 -13.784 0.017   1.00 65.41 ? 9   HIS   B CD2 1 
ATOM   19   C CE1 . HIS   A 1 3   ? -20.723 -13.033 1.625   1.00 64.56 ? 9   HIS   B CE1 1 
ATOM   20   N NE2 . HIS   A 1 3   ? -20.653 -13.282 0.309   1.00 66.39 ? 9   HIS   B NE2 1 
ATOM   21   N N   . HIS   A 1 4   ? -14.036 -12.464 2.160   1.00 30.89 ? 10  HIS   B N   1 
ATOM   22   C CA  . HIS   A 1 4   ? -12.571 -12.646 2.415   1.00 26.34 ? 10  HIS   B CA  1 
ATOM   23   C C   . HIS   A 1 4   ? -12.217 -12.243 3.852   1.00 26.44 ? 10  HIS   B C   1 
ATOM   24   O O   . HIS   A 1 4   ? -11.076 -12.483 4.273   1.00 23.90 ? 10  HIS   B O   1 
ATOM   25   C CB  . HIS   A 1 4   ? -11.713 -11.806 1.442   1.00 26.56 ? 10  HIS   B CB  1 
ATOM   26   C CG  . HIS   A 1 4   ? -11.854 -12.180 0.007   1.00 26.33 ? 10  HIS   B CG  1 
ATOM   27   N ND1 . HIS   A 1 4   ? -11.781 -13.497 -0.437  1.00 25.91 ? 10  HIS   B ND1 1 
ATOM   28   C CD2 . HIS   A 1 4   ? -12.023 -11.425 -1.101  1.00 24.16 ? 10  HIS   B CD2 1 
ATOM   29   C CE1 . HIS   A 1 4   ? -11.915 -13.524 -1.746  1.00 30.99 ? 10  HIS   B CE1 1 
ATOM   30   N NE2 . HIS   A 1 4   ? -12.054 -12.269 -2.168  1.00 28.76 ? 10  HIS   B NE2 1 
ATOM   31   N N   . HIS   A 1 5   ? -13.159 -11.658 4.593   1.00 27.27 ? 11  HIS   B N   1 
ATOM   32   C CA  . HIS   A 1 5   ? -12.939 -11.088 5.946   1.00 28.87 ? 11  HIS   B CA  1 
ATOM   33   C C   . HIS   A 1 5   ? -12.282 -12.095 6.900   1.00 26.67 ? 11  HIS   B C   1 
ATOM   34   O O   . HIS   A 1 5   ? -11.428 -11.653 7.682   1.00 29.35 ? 11  HIS   B O   1 
ATOM   35   C CB  . HIS   A 1 5   ? -14.247 -10.534 6.539   1.00 34.29 ? 11  HIS   B CB  1 
ATOM   36   C CG  . HIS   A 1 5   ? -14.881 -9.517  5.657   1.00 39.13 ? 11  HIS   B CG  1 
ATOM   37   N ND1 . HIS   A 1 5   ? -15.762 -9.873  4.637   1.00 45.38 ? 11  HIS   B ND1 1 
ATOM   38   C CD2 . HIS   A 1 5   ? -14.742 -8.171  5.597   1.00 41.09 ? 11  HIS   B CD2 1 
ATOM   39   C CE1 . HIS   A 1 5   ? -16.153 -8.780  3.996   1.00 46.40 ? 11  HIS   B CE1 1 
ATOM   40   N NE2 . HIS   A 1 5   ? -15.534 -7.720  4.564   1.00 45.58 ? 11  HIS   B NE2 1 
ATOM   41   N N   . HIS   A 1 6   ? -12.589 -13.399 6.811   1.00 25.89 ? 12  HIS   B N   1 
ATOM   42   C CA  . HIS   A 1 6   ? -12.051 -14.439 7.732   1.00 26.28 ? 12  HIS   B CA  1 
ATOM   43   C C   . HIS   A 1 6   ? -10.553 -14.700 7.515   1.00 25.84 ? 12  HIS   B C   1 
ATOM   44   O O   . HIS   A 1 6   ? -9.982  -15.441 8.304   1.00 25.65 ? 12  HIS   B O   1 
ATOM   45   C CB  . HIS   A 1 6   ? -12.856 -15.749 7.626   1.00 32.36 ? 12  HIS   B CB  1 
ATOM   46   C CG  . HIS   A 1 6   ? -12.913 -16.331 6.259   1.00 31.45 ? 12  HIS   B CG  1 
ATOM   47   N ND1 . HIS   A 1 6   ? -12.264 -17.512 5.932   1.00 39.46 ? 12  HIS   B ND1 1 
ATOM   48   C CD2 . HIS   A 1 6   ? -13.549 -15.934 5.134   1.00 35.60 ? 12  HIS   B CD2 1 
ATOM   49   C CE1 . HIS   A 1 6   ? -12.489 -17.808 4.667   1.00 34.22 ? 12  HIS   B CE1 1 
ATOM   50   N NE2 . HIS   A 1 6   ? -13.273 -16.863 4.155   1.00 39.36 ? 12  HIS   B NE2 1 
ATOM   51   N N   . HIS   A 1 7   ? -9.937  -14.193 6.439   1.00 20.30 ? 13  HIS   B N   1 
ATOM   52   C CA  . HIS   A 1 7   ? -8.471  -14.260 6.184   1.00 18.51 ? 13  HIS   B CA  1 
ATOM   53   C C   . HIS   A 1 7   ? -7.778  -13.045 6.779   1.00 16.67 ? 13  HIS   B C   1 
ATOM   54   O O   . HIS   A 1 7   ? -6.637  -12.833 6.415   1.00 14.27 ? 13  HIS   B O   1 
ATOM   55   C CB  . HIS   A 1 7   ? -8.189  -14.377 4.698   1.00 17.89 ? 13  HIS   B CB  1 
ATOM   56   C CG  . HIS   A 1 7   ? -8.824  -15.590 4.098   1.00 18.56 ? 13  HIS   B CG  1 
ATOM   57   N ND1 . HIS   A 1 7   ? -8.449  -16.854 4.520   1.00 19.67 ? 13  HIS   B ND1 1 
ATOM   58   C CD2 . HIS   A 1 7   ? -9.747  -15.714 3.123   1.00 19.80 ? 13  HIS   B CD2 1 
ATOM   59   C CE1 . HIS   A 1 7   ? -9.165  -17.725 3.829   1.00 19.26 ? 13  HIS   B CE1 1 
ATOM   60   N NE2 . HIS   A 1 7   ? -9.965  -17.072 2.972   1.00 21.52 ? 13  HIS   B NE2 1 
ATOM   61   N N   . MET   A 1 8   ? -8.472  -12.247 7.581   1.00 17.26 ? 14  MET   B N   1 
ATOM   62   C CA  . MET   A 1 8   ? -7.921  -11.003 8.176   1.00 19.82 ? 14  MET   B CA  1 
ATOM   63   C C   . MET   A 1 8   ? -6.593  -11.308 8.871   1.00 18.85 ? 14  MET   B C   1 
ATOM   64   O O   . MET   A 1 8   ? -6.458  -12.310 9.639   1.00 20.49 ? 14  MET   B O   1 
ATOM   65   C CB  . MET   A 1 8   ? -8.910  -10.406 9.181   1.00 23.11 ? 14  MET   B CB  1 
ATOM   66   C CG  . MET   A 1 8   ? -8.491  -9.065  9.800   1.00 28.55 ? 14  MET   B CG  1 
ATOM   67   S SD  . MET   A 1 8   ? -8.605  -7.626  8.670   1.00 41.04 ? 14  MET   B SD  1 
ATOM   68   C CE  . MET   A 1 8   ? -10.341 -7.214  8.813   1.00 36.91 ? 14  MET   B CE  1 
ATOM   69   N N   . VAL   A 1 9   ? -5.593  -10.484 8.625   1.00 16.08 ? 15  VAL   B N   1 
ATOM   70   C CA  . VAL   A 1 9   ? -4.268  -10.534 9.296   1.00 17.11 ? 15  VAL   B CA  1 
ATOM   71   C C   . VAL   A 1 9   ? -4.035  -9.173  9.966   1.00 16.89 ? 15  VAL   B C   1 
ATOM   72   O O   . VAL   A 1 9   ? -4.437  -8.131  9.417   1.00 17.28 ? 15  VAL   B O   1 
ATOM   73   C CB  . VAL   A 1 9   ? -3.113  -10.917 8.355   1.00 18.05 ? 15  VAL   B CB  1 
ATOM   74   C CG1 . VAL   A 1 9   ? -3.238  -12.355 7.904   1.00 21.64 ? 15  VAL   B CG1 1 
ATOM   75   C CG2 . VAL   A 1 9   ? -3.013  -10.045 7.129   1.00 18.96 ? 15  VAL   B CG2 1 
ATOM   76   N N   . HIS   A 1 10  ? -3.321  -9.174  11.086  1.00 17.21 ? 16  HIS   B N   1 
ATOM   77   C CA  . HIS   A 1 10  ? -2.960  -7.941  11.815  1.00 16.77 ? 16  HIS   B CA  1 
ATOM   78   C C   . HIS   A 1 10  ? -1.633  -7.415  11.263  1.00 17.22 ? 16  HIS   B C   1 
ATOM   79   O O   . HIS   A 1 10  ? -0.578  -8.010  11.472  1.00 21.31 ? 16  HIS   B O   1 
ATOM   80   C CB  . HIS   A 1 10  ? -2.865  -8.245  13.314  1.00 18.26 ? 16  HIS   B CB  1 
ATOM   81   C CG  . HIS   A 1 10  ? -2.639  -7.042  14.168  1.00 22.19 ? 16  HIS   B CG  1 
ATOM   82   N ND1 . HIS   A 1 10  ? -3.657  -6.199  14.527  1.00 25.82 ? 16  HIS   B ND1 1 
ATOM   83   C CD2 . HIS   A 1 10  ? -1.503  -6.544  14.704  1.00 26.76 ? 16  HIS   B CD2 1 
ATOM   84   C CE1 . HIS   A 1 10  ? -3.175  -5.227  15.291  1.00 24.30 ? 16  HIS   B CE1 1 
ATOM   85   N NE2 . HIS   A 1 10  ? -1.840  -5.415  15.405  1.00 29.11 ? 16  HIS   B NE2 1 
ATOM   86   N N   . ILE   A 1 11  ? -1.714  -6.366  10.465  1.00 13.43 ? 17  ILE   B N   1 
ATOM   87   C CA  . ILE   A 1 11  ? -0.503  -5.755  9.871   1.00 14.24 ? 17  ILE   B CA  1 
ATOM   88   C C   . ILE   A 1 11  ? 0.048   -4.651  10.790  1.00 13.66 ? 17  ILE   B C   1 
ATOM   89   O O   . ILE   A 1 11  ? -0.732  -3.918  11.364  1.00 13.94 ? 17  ILE   B O   1 
ATOM   90   C CB  . ILE   A 1 11  ? -0.847  -5.198  8.482   1.00 13.60 ? 17  ILE   B CB  1 
ATOM   91   C CG1 . ILE   A 1 11  ? -1.387  -6.295  7.560   1.00 14.63 ? 17  ILE   B CG1 1 
ATOM   92   C CG2 . ILE   A 1 11  ? 0.365   -4.500  7.867   1.00 13.26 ? 17  ILE   B CG2 1 
ATOM   93   C CD1 . ILE   A 1 11  ? -0.512  -7.505  7.418   1.00 14.47 ? 17  ILE   B CD1 1 
ATOM   94   N N   . THR   A 1 12  ? 1.357   -4.608  10.891  1.00 12.65 ? 18  THR   B N   1 
ATOM   95   C CA  . THR   A 1 12  ? 2.066   -3.488  11.578  1.00 13.64 ? 18  THR   B CA  1 
ATOM   96   C C   . THR   A 1 12  ? 3.126   -2.949  10.636  1.00 14.03 ? 18  THR   B C   1 
ATOM   97   O O   . THR   A 1 12  ? 3.636   -3.670  9.734   1.00 14.42 ? 18  THR   B O   1 
ATOM   98   C CB  . THR   A 1 12  ? 2.659   -3.923  12.914  1.00 16.50 ? 18  THR   B CB  1 
ATOM   99   O OG1 . THR   A 1 12  ? 3.588   -4.969  12.703  1.00 18.40 ? 18  THR   B OG1 1 
ATOM   100  C CG2 . THR   A 1 12  ? 1.616   -4.306  13.953  1.00 18.07 ? 18  THR   B CG2 1 
ATOM   101  N N   . LEU   A 1 13  ? 3.437   -1.664  10.787  1.00 12.44 ? 19  LEU   B N   1 
ATOM   102  C CA  . LEU   A 1 13  ? 4.416   -1.018  9.900   1.00 12.31 ? 19  LEU   B CA  1 
ATOM   103  C C   . LEU   A 1 13  ? 5.835   -1.232  10.401  1.00 13.12 ? 19  LEU   B C   1 
ATOM   104  O O   . LEU   A 1 13  ? 6.062   -1.180  11.647  1.00 14.40 ? 19  LEU   B O   1 
ATOM   105  C CB  . LEU   A 1 13  ? 4.086   0.463   9.823   1.00 12.81 ? 19  LEU   B CB  1 
ATOM   106  C CG  . LEU   A 1 13  ? 2.715   0.733   9.242   1.00 12.53 ? 19  LEU   B CG  1 
ATOM   107  C CD1 . LEU   A 1 13  ? 2.343   2.204   9.338   1.00 14.60 ? 19  LEU   B CD1 1 
ATOM   108  C CD2 . LEU   A 1 13  ? 2.632   0.251   7.789   1.00 14.45 ? 19  LEU   B CD2 1 
ATOM   109  N N   . ASP   A 1 14  ? 6.767   -1.375  9.497   1.00 11.90 ? 20  ASP   B N   1 
ATOM   110  C CA  . ASP   A 1 14  ? 8.215   -1.591  9.792   1.00 12.51 ? 20  ASP   B CA  1 
ATOM   111  C C   . ASP   A 1 14  ? 8.942   -0.235  9.656   1.00 13.40 ? 20  ASP   B C   1 
ATOM   112  O O   . ASP   A 1 14  ? 9.249   0.191   8.552   1.00 12.29 ? 20  ASP   B O   1 
ATOM   113  C CB  . ASP   A 1 14  ? 8.820   -2.682  8.893   1.00 12.64 ? 20  ASP   B CB  1 
ATOM   114  C CG  . ASP   A 1 14  ? 10.284  -3.000  9.125   1.00 16.44 ? 20  ASP   B CG  1 
ATOM   115  O OD1 . ASP   A 1 14  ? 10.930  -2.224  9.881   1.00 16.18 ? 20  ASP   B OD1 1 
ATOM   116  O OD2 . ASP   A 1 14  ? 10.835  -3.948  8.490   1.00 16.62 ? 20  ASP   B OD2 1 
ATOM   117  N N   A ARG   A 1 15  ? 9.190   0.394   10.812  0.25 13.64 ? 21  ARG   B N   1 
ATOM   118  N N   B ARG   A 1 15  ? 9.199   0.410   10.797  0.25 14.42 ? 21  ARG   B N   1 
ATOM   119  C CA  A ARG   A 1 15  ? 9.893   1.700   10.962  0.25 14.77 ? 21  ARG   B CA  1 
ATOM   120  C CA  B ARG   A 1 15  ? 9.860   1.741   10.872  0.25 15.99 ? 21  ARG   B CA  1 
ATOM   121  C C   A ARG   A 1 15  ? 11.154  1.729   10.100  0.25 14.22 ? 21  ARG   B C   1 
ATOM   122  C C   B ARG   A 1 15  ? 11.168  1.740   10.078  0.25 15.02 ? 21  ARG   B C   1 
ATOM   123  O O   A ARG   A 1 15  ? 11.401  2.765   9.423   0.25 14.79 ? 21  ARG   B O   1 
ATOM   124  O O   B ARG   A 1 15  ? 11.462  2.766   9.411   0.25 15.73 ? 21  ARG   B O   1 
ATOM   125  C CB  A ARG   A 1 15  ? 10.276  1.933   12.433  0.25 15.62 ? 21  ARG   B CB  1 
ATOM   126  C CB  B ARG   A 1 15  ? 10.130  2.125   12.334  0.25 18.35 ? 21  ARG   B CB  1 
ATOM   127  C CG  A ARG   A 1 15  ? 9.090   1.974   13.387  0.25 17.44 ? 21  ARG   B CG  1 
ATOM   128  C CG  B ARG   A 1 15  ? 8.933   2.746   13.035  0.25 21.49 ? 21  ARG   B CG  1 
ATOM   129  C CD  A ARG   A 1 15  ? 9.498   2.289   14.821  0.25 17.96 ? 21  ARG   B CD  1 
ATOM   130  C CD  B ARG   A 1 15  ? 8.213   1.766   13.939  0.25 24.59 ? 21  ARG   B CD  1 
ATOM   131  N NE  A ARG   A 1 15  ? 8.321   2.660   15.587  0.25 19.03 ? 21  ARG   B NE  1 
ATOM   132  N NE  B ARG   A 1 15  ? 8.683   1.712   15.326  0.25 28.25 ? 21  ARG   B NE  1 
ATOM   133  C CZ  A ARG   A 1 15  ? 7.695   3.813   15.447  0.25 19.10 ? 21  ARG   B CZ  1 
ATOM   134  C CZ  B ARG   A 1 15  ? 9.607   0.876   15.800  0.25 30.48 ? 21  ARG   B CZ  1 
ATOM   135  N NH1 A ARG   A 1 15  ? 8.177   4.709   14.608  0.25 20.59 ? 21  ARG   B NH1 1 
ATOM   136  N NH1 B ARG   A 1 15  ? 10.228  0.025   15.003  0.25 32.31 ? 21  ARG   B NH1 1 
ATOM   137  N NH2 A ARG   A 1 15  ? 6.607   4.075   16.143  0.25 19.83 ? 21  ARG   B NH2 1 
ATOM   138  N NH2 B ARG   A 1 15  ? 9.923   0.908   17.080  0.25 32.52 ? 21  ARG   B NH2 1 
ATOM   139  N N   . ASN   A 1 16  ? 11.929  0.638   10.109  1.00 13.90 ? 22  ASN   B N   1 
ATOM   140  C CA  . ASN   A 1 16  ? 13.259  0.622   9.469   1.00 15.36 ? 22  ASN   B CA  1 
ATOM   141  C C   . ASN   A 1 16  ? 13.182  0.839   7.967   1.00 13.06 ? 22  ASN   B C   1 
ATOM   142  O O   . ASN   A 1 16  ? 14.169  1.235   7.369   1.00 13.02 ? 22  ASN   B O   1 
ATOM   143  C CB  . ASN   A 1 16  ? 14.033  -0.650  9.845   1.00 18.60 ? 22  ASN   B CB  1 
ATOM   144  C CG  . ASN   A 1 16  ? 14.562  -0.567  11.262  1.00 26.17 ? 22  ASN   B CG  1 
ATOM   145  O OD1 . ASN   A 1 16  ? 14.810  0.522   11.779  1.00 33.82 ? 22  ASN   B OD1 1 
ATOM   146  N ND2 . ASN   A 1 16  ? 14.682  -1.709  11.911  1.00 38.53 ? 22  ASN   B ND2 1 
ATOM   147  N N   . THR   A 1 17  ? 12.023  0.528   7.344   1.00 11.40 ? 23  THR   B N   1 
ATOM   148  C CA  . THR   A 1 17  ? 11.810  0.654   5.898   1.00 10.95 ? 23  THR   B CA  1 
ATOM   149  C C   . THR   A 1 17  ? 11.298  2.048   5.517   1.00 9.99  ? 23  THR   B C   1 
ATOM   150  O O   . THR   A 1 17  ? 11.262  2.364   4.322   1.00 10.63 ? 23  THR   B O   1 
ATOM   151  C CB  . THR   A 1 17  ? 10.846  -0.407  5.331   1.00 10.81 ? 23  THR   B CB  1 
ATOM   152  O OG1 . THR   A 1 17  ? 9.516   -0.166  5.805   1.00 11.90 ? 23  THR   B OG1 1 
ATOM   153  C CG2 . THR   A 1 17  ? 11.382  -1.802  5.610   1.00 12.01 ? 23  THR   B CG2 1 
ATOM   154  N N   . ALA   A 1 18  ? 10.827  2.801   6.492   1.00 10.30 ? 24  ALA   B N   1 
ATOM   155  C CA  . ALA   A 1 18  ? 10.110  4.068   6.235   1.00 10.22 ? 24  ALA   B CA  1 
ATOM   156  C C   . ALA   A 1 18  ? 11.043  5.110   5.633   1.00 10.62 ? 24  ALA   B C   1 
ATOM   157  O O   . ALA   A 1 18  ? 12.179  5.323   6.134   1.00 12.20 ? 24  ALA   B O   1 
ATOM   158  C CB  . ALA   A 1 18  ? 9.502   4.580   7.494   1.00 10.82 ? 24  ALA   B CB  1 
ATOM   159  N N   . ASN   A 1 19  ? 10.563  5.874   4.676   1.00 10.57 ? 25  ASN   B N   1 
ATOM   160  C CA  . ASN   A 1 19  ? 11.214  7.155   4.330   1.00 9.86  ? 25  ASN   B CA  1 
ATOM   161  C C   . ASN   A 1 19  ? 11.391  7.968   5.619   1.00 9.84  ? 25  ASN   B C   1 
ATOM   162  O O   . ASN   A 1 19  ? 10.574  7.946   6.524   1.00 9.98  ? 25  ASN   B O   1 
ATOM   163  C CB  . ASN   A 1 19  ? 10.346  7.875   3.313   1.00 11.21 ? 25  ASN   B CB  1 
ATOM   164  C CG  . ASN   A 1 19  ? 10.892  9.224   2.975   1.00 12.15 ? 25  ASN   B CG  1 
ATOM   165  O OD1 . ASN   A 1 19  ? 10.596  10.214  3.616   1.00 12.78 ? 25  ASN   B OD1 1 
ATOM   166  N ND2 . ASN   A 1 19  ? 11.759  9.226   2.018   1.00 16.00 ? 25  ASN   B ND2 1 
ATOM   167  N N   . SER   A 1 20  ? 12.507  8.693   5.667   1.00 9.87  ? 26  SER   B N   1 
ATOM   168  C CA  . SER   A 1 20  ? 12.947  9.445   6.857   1.00 10.49 ? 26  SER   B CA  1 
ATOM   169  C C   . SER   A 1 20  ? 12.005  10.582  7.235   1.00 10.97 ? 26  SER   B C   1 
ATOM   170  O O   . SER   A 1 20  ? 12.199  11.085  8.346   1.00 12.12 ? 26  SER   B O   1 
ATOM   171  C CB  . SER   A 1 20  ? 14.348  9.963   6.670   1.00 11.83 ? 26  SER   B CB  1 
ATOM   172  O OG  . SER   A 1 20  ? 14.350  10.861  5.585   1.00 16.55 ? 26  SER   B OG  1 
ATOM   173  N N   . TRP   A 1 21  ? 11.044  10.984  6.416   1.00 9.58  ? 27  TRP   B N   1 
ATOM   174  C CA  . TRP   A 1 21  ? 10.069  12.031  6.746   1.00 9.76  ? 27  TRP   B CA  1 
ATOM   175  C C   . TRP   A 1 21  ? 8.787   11.476  7.374   1.00 10.44 ? 27  TRP   B C   1 
ATOM   176  O O   . TRP   A 1 21  ? 7.939   12.261  7.804   1.00 10.49 ? 27  TRP   B O   1 
ATOM   177  C CB  . TRP   A 1 21  ? 9.758   12.875  5.539   1.00 10.51 ? 27  TRP   B CB  1 
ATOM   178  C CG  . TRP   A 1 21  ? 10.870  13.795  5.121   1.00 11.20 ? 27  TRP   B CG  1 
ATOM   179  C CD1 . TRP   A 1 21  ? 12.191  13.489  4.946   1.00 12.19 ? 27  TRP   B CD1 1 
ATOM   180  C CD2 . TRP   A 1 21  ? 10.713  15.179  4.808   1.00 12.99 ? 27  TRP   B CD2 1 
ATOM   181  N NE1 . TRP   A 1 21  ? 12.865  14.622  4.544   1.00 14.49 ? 27  TRP   B NE1 1 
ATOM   182  C CE2 . TRP   A 1 21  ? 11.985  15.638  4.404   1.00 12.98 ? 27  TRP   B CE2 1 
ATOM   183  C CE3 . TRP   A 1 21  ? 9.623   16.050  4.785   1.00 13.60 ? 27  TRP   B CE3 1 
ATOM   184  C CZ2 . TRP   A 1 21  ? 12.174  16.981  4.028   1.00 15.33 ? 27  TRP   B CZ2 1 
ATOM   185  C CZ3 . TRP   A 1 21  ? 9.809   17.364  4.371   1.00 16.16 ? 27  TRP   B CZ3 1 
ATOM   186  C CH2 . TRP   A 1 21  ? 11.066  17.794  3.976   1.00 16.88 ? 27  TRP   B CH2 1 
ATOM   187  N N   . LEU   A 1 22  ? 8.651   10.137  7.399   1.00 10.35 ? 28  LEU   B N   1 
ATOM   188  C CA  . LEU   A 1 22  ? 7.388   9.545   7.889   1.00 10.50 ? 28  LEU   B CA  1 
ATOM   189  C C   . LEU   A 1 22  ? 7.375   9.506   9.421   1.00 10.80 ? 28  LEU   B C   1 
ATOM   190  O O   . LEU   A 1 22  ? 8.409   9.251   10.063  1.00 11.81 ? 28  LEU   B O   1 
ATOM   191  C CB  . LEU   A 1 22  ? 7.200   8.137   7.313   1.00 10.04 ? 28  LEU   B CB  1 
ATOM   192  C CG  . LEU   A 1 22  ? 7.014   8.085   5.801   1.00 10.96 ? 28  LEU   B CG  1 
ATOM   193  C CD1 . LEU   A 1 22  ? 6.784   6.651   5.349   1.00 10.95 ? 28  LEU   B CD1 1 
ATOM   194  C CD2 . LEU   A 1 22  ? 5.913   8.962   5.288   1.00 11.57 ? 28  LEU   B CD2 1 
ATOM   195  N N   . ILE   A 1 23  ? 6.170   9.632   9.952   1.00 10.24 ? 29  ILE   B N   1 
ATOM   196  C CA  . ILE   A 1 23  ? 5.859   9.557   11.409  1.00 11.84 ? 29  ILE   B CA  1 
ATOM   197  C C   . ILE   A 1 23  ? 4.908   8.361   11.568  1.00 11.68 ? 29  ILE   B C   1 
ATOM   198  O O   . ILE   A 1 23  ? 3.756   8.417   11.073  1.00 12.66 ? 29  ILE   B O   1 
ATOM   199  C CB  . ILE   A 1 23  ? 5.255   10.841  11.940  1.00 12.51 ? 29  ILE   B CB  1 
ATOM   200  C CG1 . ILE   A 1 23  ? 6.216   12.047  11.790  1.00 12.71 ? 29  ILE   B CG1 1 
ATOM   201  C CG2 . ILE   A 1 23  ? 4.888   10.642  13.414  1.00 14.45 ? 29  ILE   B CG2 1 
ATOM   202  C CD1 . ILE   A 1 23  ? 5.622   13.349  12.122  1.00 16.00 ? 29  ILE   B CD1 1 
ATOM   203  N N   . ILE   A 1 24  ? 5.398   7.306   12.199  1.00 13.80 ? 30  ILE   B N   1 
ATOM   204  C CA  . ILE   A 1 24  ? 4.591   6.082   12.494  1.00 13.41 ? 30  ILE   B CA  1 
ATOM   205  C C   . ILE   A 1 24  ? 4.135   6.112   13.935  1.00 15.10 ? 30  ILE   B C   1 
ATOM   206  O O   . ILE   A 1 24  ? 4.956   6.401   14.854  1.00 16.10 ? 30  ILE   B O   1 
ATOM   207  C CB  . ILE   A 1 24  ? 5.413   4.861   12.149  1.00 14.79 ? 30  ILE   B CB  1 
ATOM   208  C CG1 . ILE   A 1 24  ? 5.658   4.821   10.647  1.00 17.79 ? 30  ILE   B CG1 1 
ATOM   209  C CG2 . ILE   A 1 24  ? 4.729   3.572   12.616  1.00 15.74 ? 30  ILE   B CG2 1 
ATOM   210  C CD1 . ILE   A 1 24  ? 6.607   3.842   10.246  1.00 18.39 ? 30  ILE   B CD1 1 
ATOM   211  N N   . SER   A 1 25  ? 2.887   5.814   14.196  1.00 15.24 ? 31  SER   B N   1 
ATOM   212  C CA  . SER   A 1 25  ? 2.338   5.845   15.559  1.00 15.44 ? 31  SER   B CA  1 
ATOM   213  C C   . SER   A 1 25  ? 3.008   4.768   16.441  1.00 13.67 ? 31  SER   B C   1 
ATOM   214  O O   . SER   A 1 25  ? 3.554   3.797   15.976  1.00 14.22 ? 31  SER   B O   1 
ATOM   215  C CB  . SER   A 1 25  ? 0.854   5.668   15.483  1.00 16.20 ? 31  SER   B CB  1 
ATOM   216  O OG  . SER   A 1 25  ? 0.557   4.403   14.878  1.00 16.18 ? 31  SER   B OG  1 
ATOM   217  N N   . LYS   A 1 26  ? 2.851   4.943   17.773  1.00 16.90 ? 32  LYS   B N   1 
ATOM   218  C CA  . LYS   A 1 26  ? 3.406   3.973   18.754  1.00 17.29 ? 32  LYS   B CA  1 
ATOM   219  C C   . LYS   A 1 26  ? 2.923   2.546   18.464  1.00 15.62 ? 32  LYS   B C   1 
ATOM   220  O O   . LYS   A 1 26  ? 3.722   1.624   18.630  1.00 17.52 ? 32  LYS   B O   1 
ATOM   221  C CB  . LYS   A 1 26  ? 3.003   4.380   20.175  1.00 19.20 ? 32  LYS   B CB  1 
ATOM   222  C CG  . LYS   A 1 26  ? 3.580   3.471   21.243  1.00 21.40 ? 32  LYS   B CG  1 
ATOM   223  C CD  . LYS   A 1 26  ? 3.661   4.164   22.578  1.00 22.37 ? 32  LYS   B CD  1 
ATOM   224  C CE  . LYS   A 1 26  ? 2.304   4.668   22.996  1.00 26.43 ? 32  LYS   B CE  1 
ATOM   225  N NZ  . LYS   A 1 26  ? 2.429   5.678   24.050  1.00 30.09 ? 32  LYS   B NZ  1 
ATOM   226  N N   . ASP   A 1 27  ? 1.631   2.394   18.133  1.00 16.24 ? 33  ASP   B N   1 
ATOM   227  C CA  . ASP   A 1 27  ? 1.060   1.039   17.861  1.00 15.58 ? 33  ASP   B CA  1 
ATOM   228  C C   . ASP   A 1 27  ? 1.503   0.499   16.490  1.00 14.91 ? 33  ASP   B C   1 
ATOM   229  O O   . ASP   A 1 27  ? 1.158   -0.667  16.176  1.00 14.63 ? 33  ASP   B O   1 
ATOM   230  C CB  . ASP   A 1 27  ? -0.463  1.009   18.048  1.00 16.33 ? 33  ASP   B CB  1 
ATOM   231  C CG  . ASP   A 1 27  ? -1.285  1.844   17.085  1.00 17.49 ? 33  ASP   B CG  1 
ATOM   232  O OD1 . ASP   A 1 27  ? -0.668  2.455   16.142  1.00 18.14 ? 33  ASP   B OD1 1 
ATOM   233  O OD2 . ASP   A 1 27  ? -2.525  1.829   17.254  1.00 21.11 ? 33  ASP   B OD2 1 
ATOM   234  N N   . ARG   A 1 28  ? 2.239   1.266   15.699  1.00 13.37 ? 34  ARG   B N   1 
ATOM   235  C CA  . ARG   A 1 28  ? 2.722   0.864   14.353  1.00 13.15 ? 34  ARG   B CA  1 
ATOM   236  C C   . ARG   A 1 28  ? 1.521   0.576   13.421  1.00 11.24 ? 34  ARG   B C   1 
ATOM   237  O O   . ARG   A 1 28  ? 1.699   -0.181  12.437  1.00 12.63 ? 34  ARG   B O   1 
ATOM   238  C CB  . ARG   A 1 28  ? 3.742   -0.264  14.439  1.00 16.53 ? 34  ARG   B CB  1 
ATOM   239  C CG  . ARG   A 1 28  ? 4.957   0.165   15.263  1.00 21.26 ? 34  ARG   B CG  1 
ATOM   240  C CD  . ARG   A 1 28  ? 6.090   -0.802  15.264  1.00 27.78 ? 34  ARG   B CD  1 
ATOM   241  N NE  . ARG   A 1 28  ? 5.737   -2.108  15.780  1.00 34.31 ? 34  ARG   B NE  1 
ATOM   242  C CZ  . ARG   A 1 28  ? 5.643   -3.249  15.066  1.00 46.30 ? 34  ARG   B CZ  1 
ATOM   243  N NH1 . ARG   A 1 28  ? 5.879   -3.299  13.749  1.00 42.68 ? 34  ARG   B NH1 1 
ATOM   244  N NH2 . ARG   A 1 28  ? 5.313   -4.366  15.704  1.00 50.39 ? 34  ARG   B NH2 1 
ATOM   245  N N   . ARG   A 1 29  ? 0.400   1.208   13.643  1.00 11.16 ? 35  ARG   B N   1 
ATOM   246  C CA  . ARG   A 1 29  ? -0.792  1.009   12.792  1.00 12.15 ? 35  ARG   B CA  1 
ATOM   247  C C   . ARG   A 1 29  ? -1.174  2.240   11.988  1.00 12.89 ? 35  ARG   B C   1 
ATOM   248  O O   . ARG   A 1 29  ? -2.062  2.137   11.143  1.00 13.88 ? 35  ARG   B O   1 
ATOM   249  C CB  . ARG   A 1 29  ? -1.985  0.590   13.649  1.00 13.06 ? 35  ARG   B CB  1 
ATOM   250  C CG  . ARG   A 1 29  ? -1.762  -0.729  14.371  1.00 15.40 ? 35  ARG   B CG  1 
ATOM   251  C CD  . ARG   A 1 29  ? -2.093  -1.944  13.567  1.00 16.04 ? 35  ARG   B CD  1 
ATOM   252  N NE  . ARG   A 1 29  ? -3.544  -2.102  13.494  1.00 17.04 ? 35  ARG   B NE  1 
ATOM   253  C CZ  . ARG   A 1 29  ? -4.184  -2.983  12.722  1.00 16.20 ? 35  ARG   B CZ  1 
ATOM   254  N NH1 . ARG   A 1 29  ? -3.488  -3.800  11.980  1.00 15.83 ? 35  ARG   B NH1 1 
ATOM   255  N NH2 . ARG   A 1 29  ? -5.495  -3.030  12.731  1.00 17.26 ? 35  ARG   B NH2 1 
ATOM   256  N N   . GLN   A 1 30  ? -0.523  3.374   12.175  1.00 11.52 ? 36  GLN   B N   1 
ATOM   257  C CA  . GLN   A 1 30  ? -0.811  4.601   11.427  1.00 12.31 ? 36  GLN   B CA  1 
ATOM   258  C C   . GLN   A 1 30  ? 0.490   5.221   10.938  1.00 11.20 ? 36  GLN   B C   1 
ATOM   259  O O   . GLN   A 1 30  ? 1.532   5.137   11.624  1.00 12.20 ? 36  GLN   B O   1 
ATOM   260  C CB  . GLN   A 1 30  ? -1.520  5.631   12.319  1.00 15.14 ? 36  GLN   B CB  1 
ATOM   261  C CG  . GLN   A 1 30  ? -2.751  5.086   13.021  1.00 18.74 ? 36  GLN   B CG  1 
ATOM   262  C CD  . GLN   A 1 30  ? -3.537  6.212   13.665  1.00 21.64 ? 36  GLN   B CD  1 
ATOM   263  O OE1 . GLN   A 1 30  ? -3.391  7.392   13.325  1.00 24.58 ? 36  GLN   B OE1 1 
ATOM   264  N NE2 . GLN   A 1 30  ? -4.355  5.852   14.625  1.00 26.61 ? 36  GLN   B NE2 1 
ATOM   265  N N   . VAL   A 1 31  ? 0.425   5.917   9.818   1.00 10.35 ? 37  VAL   B N   1 
ATOM   266  C CA  . VAL   A 1 31  ? 1.605   6.626   9.266   1.00 10.43 ? 37  VAL   B CA  1 
ATOM   267  C C   . VAL   A 1 31  ? 1.122   7.902   8.594   1.00 11.07 ? 37  VAL   B C   1 
ATOM   268  O O   . VAL   A 1 31  ? 0.143   7.880   7.869   1.00 10.31 ? 37  VAL   B O   1 
ATOM   269  C CB  . VAL   A 1 31  ? 2.410   5.697   8.350   1.00 10.09 ? 37  VAL   B CB  1 
ATOM   270  C CG1 . VAL   A 1 31  ? 1.584   5.135   7.186   1.00 10.03 ? 37  VAL   B CG1 1 
ATOM   271  C CG2 . VAL   A 1 31  ? 3.662   6.374   7.829   1.00 11.23 ? 37  VAL   B CG2 1 
ATOM   272  N N   . ARG   A 1 32  ? 1.896   8.961   8.756   1.00 10.79 ? 38  ARG   B N   1 
ATOM   273  C CA  . ARG   A 1 32  ? 1.652   10.218  8.022   1.00 11.19 ? 38  ARG   B CA  1 
ATOM   274  C C   . ARG   A 1 32  ? 2.998   10.848  7.652   1.00 11.21 ? 38  ARG   B C   1 
ATOM   275  O O   . ARG   A 1 32  ? 4.041   10.536  8.210   1.00 10.62 ? 38  ARG   B O   1 
ATOM   276  C CB  . ARG   A 1 32  ? 0.819   11.189  8.851   1.00 12.59 ? 38  ARG   B CB  1 
ATOM   277  C CG  . ARG   A 1 32  ? 1.526   11.709  10.084  1.00 15.17 ? 38  ARG   B CG  1 
ATOM   278  C CD  . ARG   A 1 32  ? 0.561   12.568  10.884  1.00 17.34 ? 38  ARG   B CD  1 
ATOM   279  N NE  . ARG   A 1 32  ? 1.207   13.093  12.073  1.00 21.36 ? 38  ARG   B NE  1 
ATOM   280  C CZ  . ARG   A 1 32  ? 1.873   14.222  12.155  1.00 19.84 ? 38  ARG   B CZ  1 
ATOM   281  N NH1 . ARG   A 1 32  ? 2.043   15.007  11.112  1.00 21.62 ? 38  ARG   B NH1 1 
ATOM   282  N NH2 . ARG   A 1 32  ? 2.405   14.560  13.335  1.00 25.06 ? 38  ARG   B NH2 1 
ATOM   283  N N   A MET   A 1 33  ? 2.885   11.788  6.722   0.16 10.89 ? 39  MET   B N   1 
ATOM   284  N N   B MET   A 1 33  ? 2.993   11.715  6.641   0.09 12.11 ? 39  MET   B N   1 
ATOM   285  C CA  A MET   A 1 33  ? 4.005   12.617  6.229   0.16 11.45 ? 39  MET   B CA  1 
ATOM   286  C CA  B MET   A 1 33  ? 4.247   12.396  6.228   0.09 13.08 ? 39  MET   B CA  1 
ATOM   287  C C   A MET   A 1 33  ? 4.318   13.697  7.267   0.16 11.33 ? 39  MET   B C   1 
ATOM   288  C C   B MET   A 1 33  ? 4.411   13.675  7.053   0.09 12.28 ? 39  MET   B C   1 
ATOM   289  O O   A MET   A 1 33  ? 3.411   14.442  7.676   0.16 11.82 ? 39  MET   B O   1 
ATOM   290  O O   B MET   A 1 33  ? 3.518   14.556  6.987   0.09 11.68 ? 39  MET   B O   1 
ATOM   291  C CB  A MET   A 1 33  ? 3.616   13.242  4.886   0.16 11.55 ? 39  MET   B CB  1 
ATOM   292  C CB  B MET   A 1 33  ? 4.288   12.752  4.739   0.09 14.87 ? 39  MET   B CB  1 
ATOM   293  C CG  A MET   A 1 33  ? 4.792   13.844  4.119   0.16 12.33 ? 39  MET   B CG  1 
ATOM   294  C CG  B MET   A 1 33  ? 5.577   13.488  4.359   0.09 16.41 ? 39  MET   B CG  1 
ATOM   295  S SD  A MET   A 1 33  ? 6.224   12.703  3.954   0.16 13.08 ? 39  MET   B SD  1 
ATOM   296  S SD  B MET   A 1 33  ? 5.881   13.526  2.584   0.09 18.70 ? 39  MET   B SD  1 
ATOM   297  C CE  A MET   A 1 33  ? 7.180   13.507  2.671   0.16 13.22 ? 39  MET   B CE  1 
ATOM   298  C CE  B MET   A 1 33  ? 7.481   14.327  2.568   0.09 19.08 ? 39  MET   B CE  1 
ATOM   299  N N   . GLY   A 1 34  ? 5.556   13.751  7.737   1.00 11.34 ? 40  GLY   B N   1 
ATOM   300  C CA  . GLY   A 1 34  ? 5.979   14.898  8.560   1.00 12.83 ? 40  GLY   B CA  1 
ATOM   301  C C   . GLY   A 1 34  ? 6.333   16.088  7.710   1.00 13.64 ? 40  GLY   B C   1 
ATOM   302  O O   . GLY   A 1 34  ? 6.357   16.022  6.458   1.00 14.00 ? 40  GLY   B O   1 
ATOM   303  N N   . ASP   A 1 35  ? 6.533   17.218  8.398   1.00 15.67 ? 41  ASP   B N   1 
ATOM   304  C CA  . ASP   A 1 35  ? 6.839   18.503  7.698   1.00 18.03 ? 41  ASP   B CA  1 
ATOM   305  C C   . ASP   A 1 35  ? 8.366   18.663  7.567   1.00 16.41 ? 41  ASP   B C   1 
ATOM   306  O O   . ASP   A 1 35  ? 8.812   19.700  6.990   1.00 17.12 ? 41  ASP   B O   1 
ATOM   307  C CB  . ASP   A 1 35  ? 6.096   19.675  8.379   1.00 22.41 ? 41  ASP   B CB  1 
ATOM   308  C CG  . ASP   A 1 35  ? 4.577   19.773  8.123   1.00 30.49 ? 41  ASP   B CG  1 
ATOM   309  O OD1 . ASP   A 1 35  ? 4.064   19.071  7.196   1.00 36.89 ? 41  ASP   B OD1 1 
ATOM   310  O OD2 . ASP   A 1 35  ? 3.893   20.583  8.811   1.00 34.28 ? 41  ASP   B OD2 1 
ATOM   311  N N   . THR   A 1 36  ? 9.156   17.684  7.957   1.00 13.38 ? 42  THR   B N   1 
ATOM   312  C CA  . THR   A 1 36  ? 10.639  17.737  7.962   1.00 13.59 ? 42  THR   B CA  1 
ATOM   313  C C   . THR   A 1 36  ? 11.208  16.313  8.138   1.00 12.17 ? 42  THR   B C   1 
ATOM   314  O O   . THR   A 1 36  ? 10.466  15.329  8.484   1.00 11.78 ? 42  THR   B O   1 
ATOM   315  C CB  . THR   A 1 36  ? 11.023  18.716  9.075   1.00 15.51 ? 42  THR   B CB  1 
ATOM   316  O OG1 . THR   A 1 36  ? 12.405  18.968  8.934   1.00 17.46 ? 42  THR   B OG1 1 
ATOM   317  C CG2 . THR   A 1 36  ? 10.721  18.175  10.459  1.00 16.47 ? 42  THR   B CG2 1 
ATOM   318  N N   . HIS   A 1 37  ? 12.512  16.124  7.988   1.00 12.31 ? 43  HIS   B N   1 
ATOM   319  C CA  . HIS   A 1 37  ? 13.235  14.880  8.342   1.00 11.71 ? 43  HIS   B CA  1 
ATOM   320  C C   . HIS   A 1 37  ? 12.966  14.530  9.790   1.00 12.76 ? 43  HIS   B C   1 
ATOM   321  O O   . HIS   A 1 37  ? 13.096  15.429  10.669  1.00 13.21 ? 43  HIS   B O   1 
ATOM   322  C CB  . HIS   A 1 37  ? 14.711  15.077  8.011   1.00 11.18 ? 43  HIS   B CB  1 
ATOM   323  C CG  . HIS   A 1 37  ? 15.593  13.900  8.149   1.00 11.15 ? 43  HIS   B CG  1 
ATOM   324  N ND1 . HIS   A 1 37  ? 15.886  13.304  9.367   1.00 11.68 ? 43  HIS   B ND1 1 
ATOM   325  C CD2 . HIS   A 1 37  ? 16.306  13.217  7.221   1.00 11.37 ? 43  HIS   B CD2 1 
ATOM   326  C CE1 . HIS   A 1 37  ? 16.756  12.341  9.171   1.00 11.87 ? 43  HIS   B CE1 1 
ATOM   327  N NE2 . HIS   A 1 37  ? 17.031  12.238  7.819   1.00 12.10 ? 43  HIS   B NE2 1 
ATOM   328  N N   . GLN   A 1 38  ? 12.674  13.266  10.092  1.00 11.57 ? 44  GLN   B N   1 
ATOM   329  C CA  . GLN   A 1 38  ? 12.241  12.871  11.440  1.00 11.28 ? 44  GLN   B CA  1 
ATOM   330  C C   . GLN   A 1 38  ? 13.412  12.413  12.320  1.00 12.27 ? 44  GLN   B C   1 
ATOM   331  O O   . GLN   A 1 38  ? 13.159  11.780  13.378  1.00 13.76 ? 44  GLN   B O   1 
ATOM   332  C CB  . GLN   A 1 38  ? 11.146  11.809  11.333  1.00 11.42 ? 44  GLN   B CB  1 
ATOM   333  C CG  . GLN   A 1 38  ? 9.889   12.381  10.743  1.00 11.65 ? 44  GLN   B CG  1 
ATOM   334  C CD  . GLN   A 1 38  ? 9.339   13.582  11.456  1.00 12.27 ? 44  GLN   B CD  1 
ATOM   335  O OE1 . GLN   A 1 38  ? 9.065   14.661  10.893  1.00 16.06 ? 44  GLN   B OE1 1 
ATOM   336  N NE2 . GLN   A 1 38  ? 9.220   13.469  12.753  1.00 11.35 ? 44  GLN   B NE2 1 
ATOM   337  N N   . ASN   A 1 39  ? 14.647  12.734  11.959  1.00 12.17 ? 45  ASN   B N   1 
ATOM   338  C CA  . ASN   A 1 39  ? 15.819  12.613  12.870  1.00 11.84 ? 45  ASN   B CA  1 
ATOM   339  C C   . ASN   A 1 39  ? 16.161  11.153  13.116  1.00 12.73 ? 45  ASN   B C   1 
ATOM   340  O O   . ASN   A 1 39  ? 16.674  10.799  14.177  1.00 13.98 ? 45  ASN   B O   1 
ATOM   341  C CB  . ASN   A 1 39  ? 15.630  13.400  14.186  1.00 12.01 ? 45  ASN   B CB  1 
ATOM   342  C CG  . ASN   A 1 39  ? 16.968  13.722  14.819  1.00 11.58 ? 45  ASN   B CG  1 
ATOM   343  O OD1 . ASN   A 1 39  ? 17.984  13.928  14.148  1.00 11.60 ? 45  ASN   B OD1 1 
ATOM   344  N ND2 . ASN   A 1 39  ? 17.007  13.742  16.164  1.00 11.60 ? 45  ASN   B ND2 1 
ATOM   345  N N   . VAL   A 1 40  ? 16.006  10.312  12.104  1.00 14.36 ? 46  VAL   B N   1 
ATOM   346  C CA  . VAL   A 1 40  ? 16.445  8.894   12.099  1.00 14.78 ? 46  VAL   B CA  1 
ATOM   347  C C   . VAL   A 1 40  ? 17.748  8.745   11.299  1.00 14.75 ? 46  VAL   B C   1 
ATOM   348  O O   . VAL   A 1 40  ? 17.953  9.505   10.384  1.00 14.93 ? 46  VAL   B O   1 
ATOM   349  C CB  . VAL   A 1 40  ? 15.339  7.983   11.517  1.00 15.62 ? 46  VAL   B CB  1 
ATOM   350  C CG1 . VAL   A 1 40  ? 14.112  7.935   12.411  1.00 19.72 ? 46  VAL   B CG1 1 
ATOM   351  C CG2 . VAL   A 1 40  ? 14.928  8.328   10.085  1.00 16.62 ? 46  VAL   B CG2 1 
ATOM   352  N N   . SER   A 1 41  ? 18.539  7.717   11.563  1.00 15.76 ? 47  SER   B N   1 
ATOM   353  C CA  . SER   A 1 41  ? 19.722  7.386   10.748  1.00 17.17 ? 47  SER   B CA  1 
ATOM   354  C C   . SER   A 1 41  ? 19.275  6.785   9.418   1.00 14.97 ? 47  SER   B C   1 
ATOM   355  O O   . SER   A 1 41  ? 18.190  6.184   9.346   1.00 15.16 ? 47  SER   B O   1 
ATOM   356  C CB  . SER   A 1 41  ? 20.668  6.450   11.473  1.00 19.18 ? 47  SER   B CB  1 
ATOM   357  O OG  . SER   A 1 41  ? 20.005  5.255   11.826  1.00 22.25 ? 47  SER   B OG  1 
ATOM   358  N N   . ASP   A 1 42  ? 20.057  6.922   8.375   1.00 15.81 ? 48  ASP   B N   1 
ATOM   359  C CA  . ASP   A 1 42  ? 19.790  6.282   7.063   1.00 15.26 ? 48  ASP   B CA  1 
ATOM   360  C C   . ASP   A 1 42  ? 20.185  4.810   7.167   1.00 16.83 ? 48  ASP   B C   1 
ATOM   361  O O   . ASP   A 1 42  ? 21.035  4.428   8.009   1.00 16.45 ? 48  ASP   B O   1 
ATOM   362  C CB  . ASP   A 1 42  ? 20.495  6.967   5.887   1.00 17.43 ? 48  ASP   B CB  1 
ATOM   363  C CG  . ASP   A 1 42  ? 19.758  6.860   4.538   1.00 21.05 ? 48  ASP   B CG  1 
ATOM   364  O OD1 . ASP   A 1 42  ? 18.700  6.189   4.461   1.00 16.93 ? 48  ASP   B OD1 1 
ATOM   365  O OD2 . ASP   A 1 42  ? 20.140  7.569   3.547   1.00 23.57 ? 48  ASP   B OD2 1 
ATOM   366  N N   . ASN   A 1 43  ? 19.610  3.999   6.277   1.00 15.18 ? 49  ASN   B N   1 
ATOM   367  C CA  . ASN   A 1 43  ? 19.935  2.562   6.178   1.00 15.77 ? 49  ASN   B CA  1 
ATOM   368  C C   . ASN   A 1 43  ? 19.526  2.104   4.780   1.00 15.70 ? 49  ASN   B C   1 
ATOM   369  O O   . ASN   A 1 43  ? 18.844  2.840   4.048   1.00 16.63 ? 49  ASN   B O   1 
ATOM   370  C CB  . ASN   A 1 43  ? 19.336  1.738   7.303   1.00 14.71 ? 49  ASN   B CB  1 
ATOM   371  C CG  . ASN   A 1 43  ? 17.824  1.607   7.224   1.00 14.97 ? 49  ASN   B CG  1 
ATOM   372  O OD1 . ASN   A 1 43  ? 17.310  1.238   6.151   1.00 17.49 ? 49  ASN   B OD1 1 
ATOM   373  N ND2 . ASN   A 1 43  ? 17.085  1.948   8.232   1.00 15.37 ? 49  ASN   B ND2 1 
ATOM   374  N N   . LYS   A 1 44  ? 19.983  0.932   4.391   1.00 16.19 ? 50  LYS   B N   1 
ATOM   375  C CA  . LYS   A 1 44  ? 19.774  0.438   3.010   1.00 17.64 ? 50  LYS   B CA  1 
ATOM   376  C C   . LYS   A 1 44  ? 18.301  0.041   2.770   1.00 15.87 ? 50  LYS   B C   1 
ATOM   377  O O   . LYS   A 1 44  ? 17.916  -0.054  1.588   1.00 17.75 ? 50  LYS   B O   1 
ATOM   378  C CB  . LYS   A 1 44  ? 20.663  -0.789  2.741   1.00 21.28 ? 50  LYS   B CB  1 
ATOM   379  C CG  . LYS   A 1 44  ? 20.361  -1.979  3.630   1.00 27.58 ? 50  LYS   B CG  1 
ATOM   380  C CD  . LYS   A 1 44  ? 21.427  -3.067  3.660   1.00 35.77 ? 50  LYS   B CD  1 
ATOM   381  C CE  . LYS   A 1 44  ? 20.839  -4.375  4.153   1.00 39.25 ? 50  LYS   B CE  1 
ATOM   382  N NZ  . LYS   A 1 44  ? 21.681  -5.523  3.745   1.00 45.90 ? 50  LYS   B NZ  1 
ATOM   383  N N   . GLU   A 1 45  ? 17.517  -0.156  3.818   1.00 15.13 ? 51  GLU   B N   1 
ATOM   384  C CA  . GLU   A 1 45  ? 16.079  -0.545  3.674   1.00 14.99 ? 51  GLU   B CA  1 
ATOM   385  C C   . GLU   A 1 45  ? 15.181  0.672   3.376   1.00 14.32 ? 51  GLU   B C   1 
ATOM   386  O O   . GLU   A 1 45  ? 14.076  0.457   2.819   1.00 15.09 ? 51  GLU   B O   1 
ATOM   387  C CB  . GLU   A 1 45  ? 15.580  -1.224  4.930   1.00 18.23 ? 51  GLU   B CB  1 
ATOM   388  C CG  . GLU   A 1 45  ? 16.290  -2.511  5.348   1.00 22.06 ? 51  GLU   B CG  1 
ATOM   389  C CD  . GLU   A 1 45  ? 15.693  -2.999  6.671   1.00 28.23 ? 51  GLU   B CD  1 
ATOM   390  O OE1 . GLU   A 1 45  ? 16.373  -2.886  7.726   1.00 36.43 ? 51  GLU   B OE1 1 
ATOM   391  O OE2 . GLU   A 1 45  ? 14.525  -3.440  6.697   1.00 33.57 ? 51  GLU   B OE2 1 
ATOM   392  N N   . ARG   A 1 46  ? 15.559  1.905   3.731   1.00 13.00 ? 52  ARG   B N   1 
ATOM   393  C CA  . ARG   A 1 46  ? 14.591  3.022   3.664   1.00 12.04 ? 52  ARG   B CA  1 
ATOM   394  C C   . ARG   A 1 46  ? 14.304  3.428   2.237   1.00 11.67 ? 52  ARG   B C   1 
ATOM   395  O O   . ARG   A 1 46  ? 15.207  3.627   1.395   1.00 12.51 ? 52  ARG   B O   1 
ATOM   396  C CB  . ARG   A 1 46  ? 15.144  4.253   4.379   1.00 11.46 ? 52  ARG   B CB  1 
ATOM   397  C CG  . ARG   A 1 46  ? 15.309  4.095   5.871   1.00 12.82 ? 52  ARG   B CG  1 
ATOM   398  C CD  . ARG   A 1 46  ? 15.401  5.492   6.552   1.00 11.87 ? 52  ARG   B CD  1 
ATOM   399  N NE  . ARG   A 1 46  ? 15.720  5.332   7.944   1.00 13.02 ? 52  ARG   B NE  1 
ATOM   400  C CZ  . ARG   A 1 46  ? 14.895  4.841   8.852   1.00 12.88 ? 52  ARG   B CZ  1 
ATOM   401  N NH1 . ARG   A 1 46  ? 13.608  4.672   8.583   1.00 11.74 ? 52  ARG   B NH1 1 
ATOM   402  N NH2 . ARG   A 1 46  ? 15.306  4.578   10.088  1.00 14.43 ? 52  ARG   B NH2 1 
ATOM   403  N N   . PHE   A 1 47  ? 13.036  3.625   1.899   1.00 10.93 ? 53  PHE   B N   1 
ATOM   404  C CA  . PHE   A 1 47  ? 12.678  4.236   0.602   1.00 10.93 ? 53  PHE   B CA  1 
ATOM   405  C C   . PHE   A 1 47  ? 13.169  5.694   0.618   1.00 12.37 ? 53  PHE   B C   1 
ATOM   406  O O   . PHE   A 1 47  ? 12.774  6.471   1.484   1.00 13.01 ? 53  PHE   B O   1 
ATOM   407  C CB  . PHE   A 1 47  ? 11.176  4.196   0.350   1.00 10.66 ? 53  PHE   B CB  1 
ATOM   408  C CG  . PHE   A 1 47  ? 10.667  2.813   0.028   1.00 9.98  ? 53  PHE   B CG  1 
ATOM   409  C CD1 . PHE   A 1 47  ? 10.836  2.318   -1.244  1.00 10.23 ? 53  PHE   B CD1 1 
ATOM   410  C CD2 . PHE   A 1 47  ? 10.056  2.015   0.976   1.00 10.63 ? 53  PHE   B CD2 1 
ATOM   411  C CE1 . PHE   A 1 47  ? 10.399  1.044   -1.584  1.00 11.29 ? 53  PHE   B CE1 1 
ATOM   412  C CE2 . PHE   A 1 47  ? 9.585   0.736   0.624   1.00 10.64 ? 53  PHE   B CE2 1 
ATOM   413  C CZ  . PHE   A 1 47  ? 9.775   0.262   -0.662  1.00 10.29 ? 53  PHE   B CZ  1 
ATOM   414  N N   . SER   A 1 48  ? 14.032  6.056   -0.313  1.00 12.76 ? 54  SER   B N   1 
ATOM   415  C CA  . SER   A 1 48  ? 14.708  7.389   -0.281  1.00 13.51 ? 54  SER   B CA  1 
ATOM   416  C C   . SER   A 1 48  ? 13.917  8.454   -1.009  1.00 13.68 ? 54  SER   B C   1 
ATOM   417  O O   . SER   A 1 48  ? 13.927  9.612   -0.533  1.00 15.91 ? 54  SER   B O   1 
ATOM   418  C CB  . SER   A 1 48  ? 16.094  7.255   -0.868  1.00 14.03 ? 54  SER   B CB  1 
ATOM   419  O OG  . SER   A 1 48  ? 16.076  6.866   -2.232  1.00 13.41 ? 54  SER   B OG  1 
ATOM   420  N N   . ASN   A 1 49  ? 13.239  8.161   -2.099  1.00 11.67 ? 55  ASN   B N   1 
ATOM   421  C CA  . ASN   A 1 49  ? 12.708  9.196   -3.017  1.00 13.37 ? 55  ASN   B CA  1 
ATOM   422  C C   . ASN   A 1 49  ? 11.226  9.477   -2.790  1.00 12.40 ? 55  ASN   B C   1 
ATOM   423  O O   . ASN   A 1 49  ? 10.725  10.477  -3.323  1.00 13.84 ? 55  ASN   B O   1 
ATOM   424  C CB  . ASN   A 1 49  ? 12.915  8.840   -4.478  1.00 14.84 ? 55  ASN   B CB  1 
ATOM   425  C CG  . ASN   A 1 49  ? 14.370  8.947   -4.934  1.00 16.87 ? 55  ASN   B CG  1 
ATOM   426  O OD1 . ASN   A 1 49  ? 15.292  8.491   -4.269  1.00 19.61 ? 55  ASN   B OD1 1 
ATOM   427  N ND2 . ASN   A 1 49  ? 14.544  9.614   -6.050  1.00 20.70 ? 55  ASN   B ND2 1 
ATOM   428  N N   . TYR   A 1 50  ? 10.506  8.595   -2.089  1.00 11.29 ? 56  TYR   B N   1 
ATOM   429  C CA  . TYR   A 1 50  ? 9.035   8.719   -1.989  1.00 10.53 ? 56  TYR   B CA  1 
ATOM   430  C C   . TYR   A 1 50  ? 8.619   8.418   -0.555  1.00 9.66  ? 56  TYR   B C   1 
ATOM   431  O O   . TYR   A 1 50  ? 9.317   7.694   0.181   1.00 10.48 ? 56  TYR   B O   1 
ATOM   432  C CB  . TYR   A 1 50  ? 8.346   7.710   -2.921  1.00 11.00 ? 56  TYR   B CB  1 
ATOM   433  C CG  . TYR   A 1 50  ? 8.901   7.657   -4.319  1.00 12.01 ? 56  TYR   B CG  1 
ATOM   434  C CD1 . TYR   A 1 50  ? 8.569   8.641   -5.231  1.00 13.79 ? 56  TYR   B CD1 1 
ATOM   435  C CD2 . TYR   A 1 50  ? 9.720   6.634   -4.771  1.00 12.82 ? 56  TYR   B CD2 1 
ATOM   436  C CE1 . TYR   A 1 50  ? 9.036   8.616   -6.537  1.00 14.76 ? 56  TYR   B CE1 1 
ATOM   437  C CE2 . TYR   A 1 50  ? 10.234  6.626   -6.055  1.00 13.27 ? 56  TYR   B CE2 1 
ATOM   438  C CZ  . TYR   A 1 50  ? 9.871   7.602   -6.953  1.00 13.94 ? 56  TYR   B CZ  1 
ATOM   439  O OH  . TYR   A 1 50  ? 10.336  7.531   -8.241  1.00 15.76 ? 56  TYR   B OH  1 
ATOM   440  N N   . PRO   A 1 51  ? 7.418   8.867   -0.126  1.00 9.88  ? 57  PRO   B N   1 
ATOM   441  C CA  . PRO   A 1 51  ? 6.939   8.666   1.240   1.00 10.00 ? 57  PRO   B CA  1 
ATOM   442  C C   . PRO   A 1 51  ? 6.340   7.270   1.503   1.00 8.61  ? 57  PRO   B C   1 
ATOM   443  O O   . PRO   A 1 51  ? 5.198   7.131   1.905   1.00 9.46  ? 57  PRO   B O   1 
ATOM   444  C CB  . PRO   A 1 51  ? 5.906   9.793   1.463   1.00 11.01 ? 57  PRO   B CB  1 
ATOM   445  C CG  . PRO   A 1 51  ? 6.019   10.672  0.243   1.00 12.23 ? 57  PRO   B CG  1 
ATOM   446  C CD  . PRO   A 1 51  ? 6.586   9.832   -0.853  1.00 10.30 ? 57  PRO   B CD  1 
ATOM   447  N N   . MET   A 1 52  ? 7.184   6.252   1.305   1.00 8.79  ? 58  MET   B N   1 
ATOM   448  C CA  . MET   A 1 52  ? 6.796   4.835   1.297   1.00 8.27  ? 58  MET   B CA  1 
ATOM   449  C C   . MET   A 1 52  ? 7.292   4.133   2.557   1.00 8.73  ? 58  MET   B C   1 
ATOM   450  O O   . MET   A 1 52  ? 8.316   4.486   3.198   1.00 9.17  ? 58  MET   B O   1 
ATOM   451  C CB  . MET   A 1 52  ? 7.349   4.148   0.062   1.00 8.96  ? 58  MET   B CB  1 
ATOM   452  C CG  . MET   A 1 52  ? 6.722   4.616   -1.205  1.00 9.20  ? 58  MET   B CG  1 
ATOM   453  S SD  . MET   A 1 52  ? 7.668   4.041   -2.647  1.00 10.63 ? 58  MET   B SD  1 
ATOM   454  C CE  . MET   A 1 52  ? 6.727   4.696   -4.020  1.00 11.84 ? 58  MET   B CE  1 
ATOM   455  N N   . VAL   A 1 53  ? 6.583   3.061   2.912   1.00 8.71  ? 59  VAL   B N   1 
ATOM   456  C CA  . VAL   A 1 53  ? 6.920   2.195   4.069   1.00 9.17  ? 59  VAL   B CA  1 
ATOM   457  C C   . VAL   A 1 53  ? 6.344   0.808   3.788   1.00 9.49  ? 59  VAL   B C   1 
ATOM   458  O O   . VAL   A 1 53  ? 5.284   0.694   3.112   1.00 9.96  ? 59  VAL   B O   1 
ATOM   459  C CB  . VAL   A 1 53  ? 6.437   2.793   5.410   1.00 9.65  ? 59  VAL   B CB  1 
ATOM   460  C CG1 . VAL   A 1 53  ? 4.939   2.997   5.435   1.00 9.72  ? 59  VAL   B CG1 1 
ATOM   461  C CG2 . VAL   A 1 53  ? 6.934   1.993   6.618   1.00 9.95  ? 59  VAL   B CG2 1 
ATOM   462  N N   . LEU   A 1 54  ? 6.950   -0.224  4.346   1.00 9.23  ? 60  LEU   B N   1 
ATOM   463  C CA  . LEU   A 1 54  ? 6.438   -1.603  4.248   1.00 9.15  ? 60  LEU   B CA  1 
ATOM   464  C C   . LEU   A 1 54  ? 5.821   -2.068  5.543   1.00 9.74  ? 60  LEU   B C   1 
ATOM   465  O O   . LEU   A 1 54  ? 6.262   -1.660  6.673   1.00 11.07 ? 60  LEU   B O   1 
ATOM   466  C CB  . LEU   A 1 54  ? 7.544   -2.586  3.877   1.00 10.12 ? 60  LEU   B CB  1 
ATOM   467  C CG  . LEU   A 1 54  ? 8.289   -2.250  2.595   1.00 10.24 ? 60  LEU   B CG  1 
ATOM   468  C CD1 . LEU   A 1 54  ? 9.307   -3.315  2.171   1.00 12.28 ? 60  LEU   B CD1 1 
ATOM   469  C CD2 . LEU   A 1 54  ? 7.340   -2.013  1.442   1.00 10.79 ? 60  LEU   B CD2 1 
ATOM   470  N N   . GLY   A 1 55  ? 4.868   -2.995  5.463   1.00 10.10 ? 61  GLY   B N   1 
ATOM   471  C CA  . GLY   A 1 55  ? 4.507   -3.813  6.654   1.00 10.37 ? 61  GLY   B CA  1 
ATOM   472  C C   . GLY   A 1 55  ? 5.622   -4.741  7.095   1.00 10.12 ? 61  GLY   B C   1 
ATOM   473  O O   . GLY   A 1 55  ? 6.416   -5.137  6.279   1.00 10.58 ? 61  GLY   B O   1 
ATOM   474  N N   . ALA   A 1 56  ? 5.615   -5.081  8.367   1.00 11.46 ? 62  ALA   B N   1 
ATOM   475  C CA  . ALA   A 1 56  ? 6.630   -5.989  8.927   1.00 13.41 ? 62  ALA   B CA  1 
ATOM   476  C C   . ALA   A 1 56  ? 6.398   -7.433  8.467   1.00 13.94 ? 62  ALA   B C   1 
ATOM   477  O O   . ALA   A 1 56  ? 7.385   -8.211  8.358   1.00 16.66 ? 62  ALA   B O   1 
ATOM   478  C CB  . ALA   A 1 56  ? 6.573   -5.877  10.420  1.00 15.29 ? 62  ALA   B CB  1 
ATOM   479  N N   . GLN   A 1 57  ? 5.150   -7.770  8.194   1.00 13.20 ? 63  GLN   B N   1 
ATOM   480  C CA  . GLN   A 1 57  ? 4.779   -9.179  7.904   1.00 13.71 ? 63  GLN   B CA  1 
ATOM   481  C C   . GLN   A 1 57  ? 5.286   -9.574  6.510   1.00 13.97 ? 63  GLN   B C   1 
ATOM   482  O O   . GLN   A 1 57  ? 5.267   -8.763  5.548   1.00 14.61 ? 63  GLN   B O   1 
ATOM   483  C CB  . GLN   A 1 57  ? 3.261   -9.338  8.032   1.00 15.80 ? 63  GLN   B CB  1 
ATOM   484  C CG  . GLN   A 1 57  ? 2.741   -9.253  9.453   1.00 17.61 ? 63  GLN   B CG  1 
ATOM   485  C CD  . GLN   A 1 57  ? 2.795   -7.860  10.048  1.00 17.36 ? 63  GLN   B CD  1 
ATOM   486  O OE1 . GLN   A 1 57  ? 2.582   -6.882  9.338   1.00 15.50 ? 63  GLN   B OE1 1 
ATOM   487  N NE2 . GLN   A 1 57  ? 3.018   -7.740  11.340  1.00 19.55 ? 63  GLN   B NE2 1 
ATOM   488  N N   . ARG   A 1 58  ? 5.754   -10.812 6.368   1.00 14.57 ? 64  ARG   B N   1 
ATOM   489  C CA  . ARG   A 1 58  ? 6.142   -11.411 5.082   1.00 15.02 ? 64  ARG   B CA  1 
ATOM   490  C C   . ARG   A 1 58  ? 5.227   -12.586 4.793   1.00 12.93 ? 64  ARG   B C   1 
ATOM   491  O O   . ARG   A 1 58  ? 4.931   -13.367 5.701   1.00 16.40 ? 64  ARG   B O   1 
ATOM   492  C CB  . ARG   A 1 58  ? 7.582   -11.963 5.102   1.00 18.54 ? 64  ARG   B CB  1 
ATOM   493  C CG  . ARG   A 1 58  ? 8.729   -10.948 5.084   1.00 26.34 ? 64  ARG   B CG  1 
ATOM   494  C CD  . ARG   A 1 58  ? 8.485   -9.806  6.036   1.00 28.67 ? 64  ARG   B CD  1 
ATOM   495  N NE  . ARG   A 1 58  ? 9.475   -8.988  6.745   1.00 31.47 ? 64  ARG   B NE  1 
ATOM   496  C CZ  . ARG   A 1 58  ? 10.777  -8.898  6.528   1.00 30.04 ? 64  ARG   B CZ  1 
ATOM   497  N NH1 . ARG   A 1 58  ? 11.480  -8.081  7.294   1.00 32.57 ? 64  ARG   B NH1 1 
ATOM   498  N NH2 . ARG   A 1 58  ? 11.384  -9.617  5.603   1.00 30.35 ? 64  ARG   B NH2 1 
ATOM   499  N N   . PHE   A 1 59  ? 4.743   -12.664 3.579   1.00 12.48 ? 65  PHE   B N   1 
ATOM   500  C CA  . PHE   A 1 59  ? 3.813   -13.753 3.176   1.00 12.42 ? 65  PHE   B CA  1 
ATOM   501  C C   . PHE   A 1 59  ? 4.394   -14.527 2.003   1.00 11.40 ? 65  PHE   B C   1 
ATOM   502  O O   . PHE   A 1 59  ? 4.802   -13.950 0.994   1.00 11.85 ? 65  PHE   B O   1 
ATOM   503  C CB  . PHE   A 1 59  ? 2.466   -13.124 2.754   1.00 13.98 ? 65  PHE   B CB  1 
ATOM   504  C CG  . PHE   A 1 59  ? 1.811   -12.270 3.832   1.00 16.07 ? 65  PHE   B CG  1 
ATOM   505  C CD1 . PHE   A 1 59  ? 1.561   -12.829 5.071   1.00 18.63 ? 65  PHE   B CD1 1 
ATOM   506  C CD2 . PHE   A 1 59  ? 1.484   -10.948 3.642   1.00 23.23 ? 65  PHE   B CD2 1 
ATOM   507  C CE1 . PHE   A 1 59  ? 0.992   -12.111 6.112   1.00 21.19 ? 65  PHE   B CE1 1 
ATOM   508  C CE2 . PHE   A 1 59  ? 0.883   -10.227 4.677   1.00 18.78 ? 65  PHE   B CE2 1 
ATOM   509  C CZ  . PHE   A 1 59  ? 0.713   -10.797 5.910   1.00 19.63 ? 65  PHE   B CZ  1 
ATOM   510  N N   A SER   A 1 60  ? 4.407   -15.862 2.119   0.25 11.87 ? 66  SER   B N   1 
ATOM   511  N N   B SER   A 1 60  ? 4.425   -15.862 2.121   0.25 11.84 ? 66  SER   B N   1 
ATOM   512  C CA  A SER   A 1 60  ? 4.966   -16.774 1.087   0.25 12.45 ? 66  SER   B CA  1 
ATOM   513  C CA  B SER   A 1 60  ? 4.931   -16.785 1.068   0.25 12.45 ? 66  SER   B CA  1 
ATOM   514  C C   A SER   A 1 60  ? 3.967   -17.884 0.717   0.25 12.17 ? 66  SER   B C   1 
ATOM   515  C C   B SER   A 1 60  ? 3.949   -17.924 0.804   0.25 12.76 ? 66  SER   B C   1 
ATOM   516  O O   A SER   A 1 60  ? 4.269   -18.653 -0.216  0.25 12.12 ? 66  SER   B O   1 
ATOM   517  O O   B SER   A 1 60  ? 4.365   -18.918 0.211   0.25 12.43 ? 66  SER   B O   1 
ATOM   518  C CB  A SER   A 1 60  ? 6.325   -17.300 1.518   0.25 13.14 ? 66  SER   B CB  1 
ATOM   519  C CB  B SER   A 1 60  ? 6.254   -17.368 1.445   0.25 12.62 ? 66  SER   B CB  1 
ATOM   520  O OG  A SER   A 1 60  ? 7.323   -16.276 1.348   0.25 14.81 ? 66  SER   B OG  1 
ATOM   521  O OG  B SER   A 1 60  ? 6.143   -17.999 2.696   0.25 13.35 ? 66  SER   B OG  1 
ATOM   522  N N   A SER   A 1 61  ? 2.792   -17.912 1.354   0.25 11.71 ? 67  SER   B N   1 
ATOM   523  N N   B SER   A 1 61  ? 2.708   -17.804 1.259   0.25 13.31 ? 67  SER   B N   1 
ATOM   524  C CA  A SER   A 1 61  ? 1.709   -18.888 1.075   0.25 12.19 ? 67  SER   B CA  1 
ATOM   525  C CA  B SER   A 1 61  ? 1.699   -18.873 1.111   0.25 14.43 ? 67  SER   B CA  1 
ATOM   526  C C   A SER   A 1 61  ? 0.372   -18.316 1.554   0.25 13.03 ? 67  SER   B C   1 
ATOM   527  C C   B SER   A 1 61  ? 0.374   -18.387 1.683   0.25 14.22 ? 67  SER   B C   1 
ATOM   528  O O   A SER   A 1 61  ? 0.383   -17.254 2.169   0.25 12.93 ? 67  SER   B O   1 
ATOM   529  O O   B SER   A 1 61  ? 0.412   -17.487 2.547   0.25 13.72 ? 67  SER   B O   1 
ATOM   530  C CB  A SER   A 1 61  ? 2.008   -20.204 1.777   0.25 12.20 ? 67  SER   B CB  1 
ATOM   531  C CB  B SER   A 1 61  ? 2.174   -20.112 1.842   0.25 15.75 ? 67  SER   B CB  1 
ATOM   532  O OG  A SER   A 1 61  ? 1.905   -20.064 3.180   0.25 12.11 ? 67  SER   B OG  1 
ATOM   533  O OG  B SER   A 1 61  ? 1.295   -21.192 1.599   0.25 19.40 ? 67  SER   B OG  1 
ATOM   534  N N   . GLY   A 1 62  ? -0.732  -19.001 1.258   1.00 14.75 ? 68  GLY   B N   1 
ATOM   535  C CA  . GLY   A 1 62  ? -2.020  -18.740 1.903   1.00 15.39 ? 68  GLY   B CA  1 
ATOM   536  C C   . GLY   A 1 62  ? -2.751  -17.527 1.351   1.00 12.73 ? 68  GLY   B C   1 
ATOM   537  O O   . GLY   A 1 62  ? -2.398  -16.978 0.305   1.00 14.58 ? 68  GLY   B O   1 
ATOM   538  N N   . LYS   A 1 63  ? -3.819  -17.235 2.062   1.00 12.47 ? 69  LYS   B N   1 
ATOM   539  C CA  . LYS   A 1 63  ? -4.754  -16.152 1.753   1.00 13.09 ? 69  LYS   B CA  1 
ATOM   540  C C   . LYS   A 1 63  ? -4.663  -15.155 2.910   1.00 13.57 ? 69  LYS   B C   1 
ATOM   541  O O   . LYS   A 1 63  ? -4.733  -15.532 4.092   1.00 14.29 ? 69  LYS   B O   1 
ATOM   542  C CB  . LYS   A 1 63  ? -6.159  -16.721 1.597   1.00 14.55 ? 69  LYS   B CB  1 
ATOM   543  C CG  . LYS   A 1 63  ? -6.331  -17.637 0.383   1.00 14.78 ? 69  LYS   B CG  1 
ATOM   544  C CD  . LYS   A 1 63  ? -7.737  -18.311 0.308   1.00 17.41 ? 69  LYS   B CD  1 
ATOM   545  C CE  . LYS   A 1 63  ? -7.915  -19.194 -0.904  1.00 21.09 ? 69  LYS   B CE  1 
ATOM   546  N NZ  . LYS   A 1 63  ? -9.300  -19.736 -0.955  1.00 23.77 ? 69  LYS   B NZ  1 
ATOM   547  N N   . MET   A 1 64  ? -4.598  -13.877 2.575   1.00 12.45 ? 70  MET   B N   1 
ATOM   548  C CA  . MET   A 1 64  ? -4.429  -12.775 3.544   1.00 11.89 ? 70  MET   B CA  1 
ATOM   549  C C   . MET   A 1 64  ? -5.349  -11.613 3.181   1.00 11.39 ? 70  MET   B C   1 
ATOM   550  O O   . MET   A 1 64  ? -5.525  -11.355 2.006   1.00 12.06 ? 70  MET   B O   1 
ATOM   551  C CB  . MET   A 1 64  ? -3.014  -12.216 3.463   1.00 12.38 ? 70  MET   B CB  1 
ATOM   552  C CG  . MET   A 1 64  ? -1.918  -13.067 4.088   1.00 12.83 ? 70  MET   B CG  1 
ATOM   553  S SD  . MET   A 1 64  ? -1.457  -14.611 3.252   1.00 14.94 ? 70  MET   B SD  1 
ATOM   554  C CE  . MET   A 1 64  ? -1.000  -14.080 1.631   1.00 15.01 ? 70  MET   B CE  1 
ATOM   555  N N   . TYR   A 1 65  ? -5.892  -10.923 4.156   1.00 11.75 ? 71  TYR   B N   1 
ATOM   556  C CA  . TYR   A 1 65  ? -6.821  -9.793  3.929   1.00 11.61 ? 71  TYR   B CA  1 
ATOM   557  C C   . TYR   A 1 65  ? -6.513  -8.742  4.979   1.00 11.83 ? 71  TYR   B C   1 
ATOM   558  O O   . TYR   A 1 65  ? -6.335  -9.064  6.183   1.00 12.64 ? 71  TYR   B O   1 
ATOM   559  C CB  . TYR   A 1 65  ? -8.272  -10.251 4.027   1.00 12.28 ? 71  TYR   B CB  1 
ATOM   560  C CG  . TYR   A 1 65  ? -9.277  -9.148  3.859   1.00 12.00 ? 71  TYR   B CG  1 
ATOM   561  C CD1 . TYR   A 1 65  ? -9.547  -8.662  2.596   1.00 12.14 ? 71  TYR   B CD1 1 
ATOM   562  C CD2 . TYR   A 1 65  ? -9.895  -8.548  4.949   1.00 12.72 ? 71  TYR   B CD2 1 
ATOM   563  C CE1 . TYR   A 1 65  ? -10.448 -7.621  2.394   1.00 13.06 ? 71  TYR   B CE1 1 
ATOM   564  C CE2 . TYR   A 1 65  ? -10.800 -7.507  4.762   1.00 12.04 ? 71  TYR   B CE2 1 
ATOM   565  C CZ  . TYR   A 1 65  ? -11.083 -7.051  3.493   1.00 12.56 ? 71  TYR   B CZ  1 
ATOM   566  O OH  . TYR   A 1 65  ? -11.951 -6.012  3.288   1.00 15.07 ? 71  TYR   B OH  1 
ATOM   567  N N   . TRP   A 1 66  ? -6.474  -7.483  4.570   1.00 10.46 ? 72  TRP   B N   1 
ATOM   568  C CA  . TRP   A 1 66  ? -6.422  -6.356  5.538   1.00 10.62 ? 72  TRP   B CA  1 
ATOM   569  C C   . TRP   A 1 66  ? -7.127  -5.143  4.930   1.00 10.51 ? 72  TRP   B C   1 
ATOM   570  O O   . TRP   A 1 66  ? -7.413  -5.101  3.725   1.00 11.21 ? 72  TRP   B O   1 
ATOM   571  C CB  . TRP   A 1 66  ? -4.965  -6.046  5.981   1.00 10.58 ? 72  TRP   B CB  1 
ATOM   572  C CG  . TRP   A 1 66  ? -4.022  -5.602  4.911   1.00 10.26 ? 72  TRP   B CG  1 
ATOM   573  C CD1 . TRP   A 1 66  ? -3.649  -4.317  4.580   1.00 10.72 ? 72  TRP   B CD1 1 
ATOM   574  C CD2 . TRP   A 1 66  ? -3.256  -6.422  4.032   1.00 10.83 ? 72  TRP   B CD2 1 
ATOM   575  N NE1 . TRP   A 1 66  ? -2.731  -4.316  3.565   1.00 10.75 ? 72  TRP   B NE1 1 
ATOM   576  C CE2 . TRP   A 1 66  ? -2.473  -5.595  3.198   1.00 11.38 ? 72  TRP   B CE2 1 
ATOM   577  C CE3 . TRP   A 1 66  ? -3.167  -7.808  3.837   1.00 12.48 ? 72  TRP   B CE3 1 
ATOM   578  C CZ2 . TRP   A 1 66  ? -1.605  -6.077  2.231   1.00 11.70 ? 72  TRP   B CZ2 1 
ATOM   579  C CZ3 . TRP   A 1 66  ? -2.298  -8.297  2.885   1.00 13.78 ? 72  TRP   B CZ3 1 
ATOM   580  C CH2 . TRP   A 1 66  ? -1.555  -7.450  2.062   1.00 13.03 ? 72  TRP   B CH2 1 
ATOM   581  N N   . GLU   A 1 67  ? -7.384  -4.140  5.786   1.00 10.55 ? 73  GLU   B N   1 
ATOM   582  C CA  . GLU   A 1 67  ? -8.077  -2.890  5.408   1.00 10.69 ? 73  GLU   B CA  1 
ATOM   583  C C   . GLU   A 1 67  ? -7.285  -1.657  5.817   1.00 10.05 ? 73  GLU   B C   1 
ATOM   584  O O   . GLU   A 1 67  ? -6.623  -1.663  6.849   1.00 10.95 ? 73  GLU   B O   1 
ATOM   585  C CB  . GLU   A 1 67  ? -9.461  -2.832  6.042   1.00 12.43 ? 73  GLU   B CB  1 
ATOM   586  C CG  . GLU   A 1 67  ? -10.387 -3.902  5.445   1.00 15.06 ? 73  GLU   B CG  1 
ATOM   587  C CD  . GLU   A 1 67  ? -11.808 -3.930  5.964   1.00 17.41 ? 73  GLU   B CD  1 
ATOM   588  O OE1 . GLU   A 1 67  ? -12.113 -3.122  6.880   1.00 22.78 ? 73  GLU   B OE1 1 
ATOM   589  O OE2 . GLU   A 1 67  ? -12.642 -4.758  5.420   1.00 16.53 ? 73  GLU   B OE2 1 
ATOM   590  N N   . VAL   A 1 68  ? -7.359  -0.652  4.969   1.00 10.52 ? 74  VAL   B N   1 
ATOM   591  C CA  . VAL   A 1 68  ? -6.628  0.609   5.163   1.00 10.23 ? 74  VAL   B CA  1 
ATOM   592  C C   . VAL   A 1 68  ? -7.614  1.765   5.038   1.00 9.75  ? 74  VAL   B C   1 
ATOM   593  O O   . VAL   A 1 68  ? -8.335  1.869   4.033   1.00 11.04 ? 74  VAL   B O   1 
ATOM   594  C CB  . VAL   A 1 68  ? -5.471  0.768   4.173   1.00 10.04 ? 74  VAL   B CB  1 
ATOM   595  C CG1 . VAL   A 1 68  ? -4.685  2.004   4.495   1.00 11.03 ? 74  VAL   B CG1 1 
ATOM   596  C CG2 . VAL   A 1 68  ? -4.625  -0.484  4.093   1.00 11.05 ? 74  VAL   B CG2 1 
ATOM   597  N N   . ASP   A 1 69  ? -7.540  2.694   5.996   1.00 10.09 ? 75  ASP   B N   1 
ATOM   598  C CA  . ASP   A 1 69  ? -8.329  3.936   6.018   1.00 11.47 ? 75  ASP   B CA  1 
ATOM   599  C C   . ASP   A 1 69  ? -7.577  5.004   5.244   1.00 10.01 ? 75  ASP   B C   1 
ATOM   600  O O   . ASP   A 1 69  ? -6.359  5.258   5.552   1.00 10.95 ? 75  ASP   B O   1 
ATOM   601  C CB  . ASP   A 1 69  ? -8.612  4.403   7.456   1.00 12.82 ? 75  ASP   B CB  1 
ATOM   602  C CG  . ASP   A 1 69  ? -9.701  5.466   7.502   1.00 15.99 ? 75  ASP   B CG  1 
ATOM   603  O OD1 . ASP   A 1 69  ? -9.542  6.495   6.904   1.00 15.52 ? 75  ASP   B OD1 1 
ATOM   604  O OD2 . ASP   A 1 69  ? -10.818 5.130   7.918   1.00 21.20 ? 75  ASP   B OD2 1 
ATOM   605  N N   . VAL   A 1 70  ? -8.200  5.599   4.228   1.00 10.29 ? 76  VAL   B N   1 
ATOM   606  C CA  . VAL   A 1 70  ? -7.622  6.676   3.368   1.00 11.00 ? 76  VAL   B CA  1 
ATOM   607  C C   . VAL   A 1 70  ? -8.446  7.978   3.455   1.00 11.30 ? 76  VAL   B C   1 
ATOM   608  O O   . VAL   A 1 70  ? -8.335  8.826   2.563   1.00 12.27 ? 76  VAL   B O   1 
ATOM   609  C CB  . VAL   A 1 70  ? -7.519  6.155   1.908   1.00 11.07 ? 76  VAL   B CB  1 
ATOM   610  C CG1 . VAL   A 1 70  ? -6.614  4.917   1.784   1.00 10.51 ? 76  VAL   B CG1 1 
ATOM   611  C CG2 . VAL   A 1 70  ? -8.877  5.829   1.294   1.00 11.76 ? 76  VAL   B CG2 1 
ATOM   612  N N   . THR   A 1 71  ? -9.272  8.108   4.489   1.00 12.19 ? 77  THR   B N   1 
ATOM   613  C CA  . THR   A 1 71  ? -10.164 9.277   4.664   1.00 13.49 ? 77  THR   B CA  1 
ATOM   614  C C   . THR   A 1 71  ? -9.387  10.579  4.448   1.00 12.75 ? 77  THR   B C   1 
ATOM   615  O O   . THR   A 1 71  ? -8.317  10.791  5.030   1.00 13.12 ? 77  THR   B O   1 
ATOM   616  C CB  . THR   A 1 71  ? -10.765 9.271   6.060   1.00 13.77 ? 77  THR   B CB  1 
ATOM   617  O OG1 . THR   A 1 71  ? -11.566 8.094   6.240   1.00 16.60 ? 77  THR   B OG1 1 
ATOM   618  C CG2 . THR   A 1 71  ? -11.648 10.484  6.269   1.00 16.45 ? 77  THR   B CG2 1 
ATOM   619  N N   . GLN   A 1 72  ? -9.989  11.430  3.620   1.00 15.51 ? 78  GLN   B N   1 
ATOM   620  C CA  . GLN   A 1 72  ? -9.633  12.832  3.259   1.00 18.28 ? 78  GLN   B CA  1 
ATOM   621  C C   . GLN   A 1 72  ? -8.231  12.941  2.674   1.00 17.19 ? 78  GLN   B C   1 
ATOM   622  O O   . GLN   A 1 72  ? -7.754  14.083  2.499   1.00 21.63 ? 78  GLN   B O   1 
ATOM   623  C CB  . GLN   A 1 72  ? -9.846  13.797  4.432   1.00 25.06 ? 78  GLN   B CB  1 
ATOM   624  C CG  . GLN   A 1 72  ? -8.967  13.559  5.645   1.00 30.00 ? 78  GLN   B CG  1 
ATOM   625  C CD  . GLN   A 1 72  ? -8.343  14.829  6.182   1.00 32.50 ? 78  GLN   B CD  1 
ATOM   626  O OE1 . GLN   A 1 72  ? -8.075  14.946  7.381   1.00 34.27 ? 78  GLN   B OE1 1 
ATOM   627  N NE2 . GLN   A 1 72  ? -8.014  15.749  5.277   1.00 34.80 ? 78  GLN   B NE2 1 
ATOM   628  N N   . LYS   A 1 73  ? -7.615  11.883  2.179   1.00 12.87 ? 79  LYS   B N   1 
ATOM   629  C CA  . LYS   A 1 73  ? -6.369  12.041  1.407   1.00 11.73 ? 79  LYS   B CA  1 
ATOM   630  C C   . LYS   A 1 73  ? -6.609  12.384  -0.062  1.00 11.10 ? 79  LYS   B C   1 
ATOM   631  O O   . LYS   A 1 73  ? -7.592  11.878  -0.683  1.00 12.88 ? 79  LYS   B O   1 
ATOM   632  C CB  . LYS   A 1 73  ? -5.561  10.759  1.550   1.00 11.60 ? 79  LYS   B CB  1 
ATOM   633  C CG  . LYS   A 1 73  ? -4.991  10.575  2.973   1.00 11.99 ? 79  LYS   B CG  1 
ATOM   634  C CD  . LYS   A 1 73  ? -3.961  9.487   3.124   1.00 12.72 ? 79  LYS   B CD  1 
ATOM   635  C CE  . LYS   A 1 73  ? -2.652  9.781   2.433   1.00 11.65 ? 79  LYS   B CE  1 
ATOM   636  N NZ  . LYS   A 1 73  ? -2.025  11.082  2.834   1.00 10.15 ? 79  LYS   B NZ  1 
ATOM   637  N N   . GLU   A 1 74  ? -5.701  13.136  -0.639  1.00 10.07 ? 80  GLU   B N   1 
ATOM   638  C CA  . GLU   A 1 74  ? -5.717  13.491  -2.066  1.00 10.01 ? 80  GLU   B CA  1 
ATOM   639  C C   . GLU   A 1 74  ? -4.846  12.562  -2.908  1.00 10.09 ? 80  GLU   B C   1 
ATOM   640  O O   . GLU   A 1 74  ? -4.980  12.536  -4.133  1.00 11.07 ? 80  GLU   B O   1 
ATOM   641  C CB  . GLU   A 1 74  ? -5.156  14.899  -2.269  1.00 11.32 ? 80  GLU   B CB  1 
ATOM   642  C CG  . GLU   A 1 74  ? -5.992  16.008  -1.653  1.00 12.70 ? 80  GLU   B CG  1 
ATOM   643  C CD  . GLU   A 1 74  ? -5.300  17.376  -1.773  1.00 13.36 ? 80  GLU   B CD  1 
ATOM   644  O OE1 . GLU   A 1 74  ? -5.999  18.374  -1.563  1.00 15.42 ? 80  GLU   B OE1 1 
ATOM   645  O OE2 . GLU   A 1 74  ? -4.082  17.449  -2.125  1.00 14.25 ? 80  GLU   B OE2 1 
ATOM   646  N N   . ALA   A 1 75  ? -3.887  11.865  -2.312  1.00 9.92  ? 81  ALA   B N   1 
ATOM   647  C CA  . ALA   A 1 75  ? -2.934  11.030  -3.057  1.00 9.57  ? 81  ALA   B CA  1 
ATOM   648  C C   . ALA   A 1 75  ? -2.396  9.949   -2.133  1.00 10.56 ? 81  ALA   B C   1 
ATOM   649  O O   . ALA   A 1 75  ? -2.068  10.239  -0.950  1.00 9.48  ? 81  ALA   B O   1 
ATOM   650  C CB  . ALA   A 1 75  ? -1.797  11.842  -3.617  1.00 10.54 ? 81  ALA   B CB  1 
ATOM   651  N N   . TRP   A 1 76  ? -2.242  8.733   -2.660  1.00 9.37  ? 82  TRP   B N   1 
ATOM   652  C CA  . TRP   A 1 76  ? -1.704  7.561   -1.915  1.00 9.05  ? 82  TRP   B CA  1 
ATOM   653  C C   . TRP   A 1 76  ? -1.529  6.421   -2.893  1.00 9.41  ? 82  TRP   B C   1 
ATOM   654  O O   . TRP   A 1 76  ? -2.144  6.419   -3.950  1.00 9.79  ? 82  TRP   B O   1 
ATOM   655  C CB  . TRP   A 1 76  ? -2.609  7.169   -0.738  1.00 9.75  ? 82  TRP   B CB  1 
ATOM   656  C CG  . TRP   A 1 76  ? -4.047  6.978   -1.058  1.00 9.60  ? 82  TRP   B CG  1 
ATOM   657  C CD1 . TRP   A 1 76  ? -5.038  7.874   -0.829  1.00 10.52 ? 82  TRP   B CD1 1 
ATOM   658  C CD2 . TRP   A 1 76  ? -4.719  5.891   -1.738  1.00 9.85  ? 82  TRP   B CD2 1 
ATOM   659  N NE1 . TRP   A 1 76  ? -6.258  7.421   -1.231  1.00 10.19 ? 82  TRP   B NE1 1 
ATOM   660  C CE2 . TRP   A 1 76  ? -6.088  6.186   -1.824  1.00 10.51 ? 82  TRP   B CE2 1 
ATOM   661  C CE3 . TRP   A 1 76  ? -4.293  4.630   -2.238  1.00 10.39 ? 82  TRP   B CE3 1 
ATOM   662  C CZ2 . TRP   A 1 76  ? -7.049  5.333   -2.362  1.00 10.52 ? 82  TRP   B CZ2 1 
ATOM   663  C CZ3 . TRP   A 1 76  ? -5.223  3.788   -2.819  1.00 11.04 ? 82  TRP   B CZ3 1 
ATOM   664  C CH2 . TRP   A 1 76  ? -6.589  4.143   -2.873  1.00 11.54 ? 82  TRP   B CH2 1 
ATOM   665  N N   . ASP   A 1 77  ? -0.681  5.474   -2.526  1.00 9.02  ? 83  ASP   B N   1 
ATOM   666  C CA  . ASP   A 1 77  ? -0.560  4.161   -3.215  1.00 9.51  ? 83  ASP   B CA  1 
ATOM   667  C C   . ASP   A 1 77  ? -0.743  3.068   -2.154  1.00 9.07  ? 83  ASP   B C   1 
ATOM   668  O O   . ASP   A 1 77  ? -0.210  3.223   -1.036  1.00 9.26  ? 83  ASP   B O   1 
ATOM   669  C CB  . ASP   A 1 77  ? 0.789   3.954   -3.882  1.00 11.02 ? 83  ASP   B CB  1 
ATOM   670  C CG  . ASP   A 1 77  ? 1.385   5.102   -4.658  1.00 12.67 ? 83  ASP   B CG  1 
ATOM   671  O OD1 . ASP   A 1 77  ? 0.614   5.752   -5.306  1.00 16.26 ? 83  ASP   B OD1 1 
ATOM   672  O OD2 . ASP   A 1 77  ? 2.634   5.276   -4.629  1.00 14.92 ? 83  ASP   B OD2 1 
ATOM   673  N N   . LEU   A 1 78  ? -1.392  1.963   -2.497  1.00 8.46  ? 84  LEU   B N   1 
ATOM   674  C CA  . LEU   A 1 78  ? -1.573  0.812   -1.593  1.00 8.40  ? 84  LEU   B CA  1 
ATOM   675  C C   . LEU   A 1 78  ? -1.434  -0.472  -2.382  1.00 7.80  ? 84  LEU   B C   1 
ATOM   676  O O   . LEU   A 1 78  ? -1.903  -0.572  -3.515  1.00 8.20  ? 84  LEU   B O   1 
ATOM   677  C CB  . LEU   A 1 78  ? -2.958  0.843   -0.957  1.00 9.26  ? 84  LEU   B CB  1 
ATOM   678  C CG  . LEU   A 1 78  ? -3.245  1.905   0.095   1.00 10.53 ? 84  LEU   B CG  1 
ATOM   679  C CD1 . LEU   A 1 78  ? -4.712  1.857   0.497   1.00 11.02 ? 84  LEU   B CD1 1 
ATOM   680  C CD2 . LEU   A 1 78  ? -2.336  1.712   1.276   1.00 10.94 ? 84  LEU   B CD2 1 
ATOM   681  N N   . GLY   A 1 79  ? -0.937  -1.483  -1.696  1.00 7.88  ? 85  GLY   B N   1 
ATOM   682  C CA  . GLY   A 1 79  ? -0.986  -2.858  -2.222  1.00 8.32  ? 85  GLY   B CA  1 
ATOM   683  C C   . GLY   A 1 79  ? 0.009   -3.748  -1.514  1.00 7.65  ? 85  GLY   B C   1 
ATOM   684  O O   . GLY   A 1 79  ? 0.116   -3.734  -0.272  1.00 8.37  ? 85  GLY   B O   1 
ATOM   685  N N   A VAL   A 1 80  ? 0.704   -4.552  -2.319  0.25 8.04  ? 86  VAL   B N   1 
ATOM   686  N N   B VAL   A 1 80  ? 0.754   -4.503  -2.304  0.25 8.39  ? 86  VAL   B N   1 
ATOM   687  C CA  A VAL   A 1 80  ? 1.801   -5.447  -1.857  0.25 8.01  ? 86  VAL   B CA  1 
ATOM   688  C CA  B VAL   A 1 80  ? 1.710   -5.516  -1.784  0.25 8.60  ? 86  VAL   B CA  1 
ATOM   689  C C   A VAL   A 1 80  ? 3.003   -5.303  -2.778  0.25 8.25  ? 86  VAL   B C   1 
ATOM   690  C C   B VAL   A 1 80  ? 2.903   -5.504  -2.758  0.25 8.71  ? 86  VAL   B C   1 
ATOM   691  O O   A VAL   A 1 80  ? 2.899   -4.849  -3.924  0.25 8.42  ? 86  VAL   B O   1 
ATOM   692  O O   B VAL   A 1 80  ? 2.677   -5.191  -3.933  0.25 9.25  ? 86  VAL   B O   1 
ATOM   693  C CB  A VAL   A 1 80  ? 1.418   -6.935  -1.813  0.25 8.13  ? 86  VAL   B CB  1 
ATOM   694  C CB  B VAL   A 1 80  ? 0.986   -6.874  -1.638  0.25 9.26  ? 86  VAL   B CB  1 
ATOM   695  C CG1 A VAL   A 1 80  ? 0.381   -7.162  -0.743  0.25 7.90  ? 86  VAL   B CG1 1 
ATOM   696  C CG1 B VAL   A 1 80  ? 0.655   -7.491  -2.989  0.25 9.25  ? 86  VAL   B CG1 1 
ATOM   697  C CG2 A VAL   A 1 80  ? 0.941   -7.449  -3.161  0.25 8.14  ? 86  VAL   B CG2 1 
ATOM   698  C CG2 B VAL   A 1 80  ? 1.735   -7.851  -0.752  0.25 9.65  ? 86  VAL   B CG2 1 
ATOM   699  N N   . CYS   A 1 81  ? 4.130   -5.774  -2.292  1.00 8.70  ? 87  CYS   B N   1 
ATOM   700  C CA  . CYS   A 1 81  ? 5.304   -5.796  -3.137  1.00 9.76  ? 87  CYS   B CA  1 
ATOM   701  C C   . CYS   A 1 81  ? 6.219   -6.932  -2.726  1.00 9.41  ? 87  CYS   B C   1 
ATOM   702  O O   . CYS   A 1 81  ? 6.135   -7.452  -1.596  1.00 9.46  ? 87  CYS   B O   1 
ATOM   703  C CB  . CYS   A 1 81  ? 6.058   -4.465  -3.076  1.00 10.92 ? 87  CYS   B CB  1 
ATOM   704  S SG  . CYS   A 1 81  ? 6.758   -4.018  -1.472  1.00 11.06 ? 87  CYS   B SG  1 
ATOM   705  N N   A ARG   A 1 82  ? 7.129   -7.278  -3.617  0.25 9.85  ? 88  ARG   B N   1 
ATOM   706  N N   B ARG   A 1 82  ? 7.118   -7.298  -3.626  0.25 9.22  ? 88  ARG   B N   1 
ATOM   707  C CA  A ARG   A 1 82  ? 8.203   -8.227  -3.251  0.25 10.73 ? 88  ARG   B CA  1 
ATOM   708  C CA  B ARG   A 1 82  ? 8.176   -8.294  -3.316  0.25 9.62  ? 88  ARG   B CA  1 
ATOM   709  C C   A ARG   A 1 82  ? 9.036   -7.657  -2.104  0.25 10.15 ? 88  ARG   B C   1 
ATOM   710  C C   B ARG   A 1 82  ? 9.126   -7.713  -2.245  0.25 9.73  ? 88  ARG   B C   1 
ATOM   711  O O   A ARG   A 1 82  ? 9.254   -6.440  -2.005  0.25 9.69  ? 88  ARG   B O   1 
ATOM   712  O O   B ARG   A 1 82  ? 9.501   -6.513  -2.350  0.25 9.75  ? 88  ARG   B O   1 
ATOM   713  C CB  A ARG   A 1 82  ? 9.144   -8.464  -4.427  0.25 11.98 ? 88  ARG   B CB  1 
ATOM   714  C CB  B ARG   A 1 82  ? 8.928   -8.637  -4.610  0.25 9.88  ? 88  ARG   B CB  1 
ATOM   715  C CG  A ARG   A 1 82  ? 8.413   -9.049  -5.618  0.25 13.20 ? 88  ARG   B CG  1 
ATOM   716  C CG  B ARG   A 1 82  ? 9.774   -9.898  -4.523  0.25 9.78  ? 88  ARG   B CG  1 
ATOM   717  C CD  A ARG   A 1 82  ? 9.365   -9.598  -6.651  0.25 14.81 ? 88  ARG   B CD  1 
ATOM   718  C CD  B ARG   A 1 82  ? 10.601  -10.180 -5.761  0.25 9.90  ? 88  ARG   B CD  1 
ATOM   719  N NE  A ARG   A 1 82  ? 8.647   -10.081 -7.823  0.25 14.41 ? 88  ARG   B NE  1 
ATOM   720  N NE  B ARG   A 1 82  ? 9.720   -10.365 -6.879  0.25 9.71  ? 88  ARG   B NE  1 
ATOM   721  C CZ  A ARG   A 1 82  ? 8.906   -9.699  -9.056  0.25 15.11 ? 88  ARG   B CZ  1 
ATOM   722  C CZ  B ARG   A 1 82  ? 9.721   -9.609  -7.972  0.25 9.62  ? 88  ARG   B CZ  1 
ATOM   723  N NH1 A ARG   A 1 82  ? 9.883   -8.842  -9.288  0.25 14.55 ? 88  ARG   B NH1 1 
ATOM   724  N NH1 B ARG   A 1 82  ? 10.666  -8.713  -8.151  0.25 10.84 ? 88  ARG   B NH1 1 
ATOM   725  N NH2 A ARG   A 1 82  ? 8.209   -10.210 -10.051 0.25 16.55 ? 88  ARG   B NH2 1 
ATOM   726  N NH2 B ARG   A 1 82  ? 8.802   -9.801  -8.900  0.25 9.88  ? 88  ARG   B NH2 1 
ATOM   727  N N   . ASP   A 1 83  ? 9.575   -8.537  -1.284  1.00 10.72 ? 89  ASP   B N   1 
ATOM   728  C CA  . ASP   A 1 83  ? 10.501  -8.093  -0.226  1.00 11.89 ? 89  ASP   B CA  1 
ATOM   729  C C   . ASP   A 1 83  ? 11.719  -7.448  -0.863  1.00 13.39 ? 89  ASP   B C   1 
ATOM   730  O O   . ASP   A 1 83  ? 12.327  -6.563  -0.202  1.00 15.80 ? 89  ASP   B O   1 
ATOM   731  C CB  . ASP   A 1 83  ? 10.890  -9.285  0.647   1.00 13.69 ? 89  ASP   B CB  1 
ATOM   732  C CG  . ASP   A 1 83  ? 11.607  -10.441 0.002   1.00 16.36 ? 89  ASP   B CG  1 
ATOM   733  O OD1 . ASP   A 1 83  ? 11.706  -10.486 -1.248  1.00 19.26 ? 89  ASP   B OD1 1 
ATOM   734  O OD2 . ASP   A 1 83  ? 12.063  -11.315 0.785   1.00 20.67 ? 89  ASP   B OD2 1 
ATOM   735  N N   . SER   A 1 84  ? 12.136  -7.839  -2.058  1.00 12.17 ? 90  SER   B N   1 
ATOM   736  C CA  . SER   A 1 84  ? 13.389  -7.335  -2.648  1.00 13.53 ? 90  SER   B CA  1 
ATOM   737  C C   . SER   A 1 84  ? 13.207  -6.160  -3.624  1.00 12.06 ? 90  SER   B C   1 
ATOM   738  O O   . SER   A 1 84  ? 14.110  -5.891  -4.385  1.00 13.51 ? 90  SER   B O   1 
ATOM   739  C CB  . SER   A 1 84  ? 14.074  -8.478  -3.298  1.00 16.57 ? 90  SER   B CB  1 
ATOM   740  O OG  . SER   A 1 84  ? 13.292  -9.047  -4.293  1.00 16.19 ? 90  SER   B OG  1 
ATOM   741  N N   . VAL   A 1 85  ? 12.090  -5.449  -3.583  1.00 11.22 ? 91  VAL   B N   1 
ATOM   742  C CA  . VAL   A 1 85  ? 11.966  -4.243  -4.427  1.00 11.42 ? 91  VAL   B CA  1 
ATOM   743  C C   . VAL   A 1 85  ? 13.089  -3.238  -4.127  1.00 11.01 ? 91  VAL   B C   1 
ATOM   744  O O   . VAL   A 1 85  ? 13.576  -3.115  -2.983  1.00 12.15 ? 91  VAL   B O   1 
ATOM   745  C CB  . VAL   A 1 85  ? 10.590  -3.558  -4.296  1.00 10.70 ? 91  VAL   B CB  1 
ATOM   746  C CG1 . VAL   A 1 85  ? 9.490   -4.447  -4.877  1.00 10.90 ? 91  VAL   B CG1 1 
ATOM   747  C CG2 . VAL   A 1 85  ? 10.289  -3.063  -2.908  1.00 10.97 ? 91  VAL   B CG2 1 
ATOM   748  N N   . GLN   A 1 86  ? 13.470  -2.541  -5.175  1.00 11.96 ? 92  GLN   B N   1 
ATOM   749  C CA  . GLN   A 1 86  ? 14.395  -1.369  -5.124  1.00 13.88 ? 92  GLN   B CA  1 
ATOM   750  C C   . GLN   A 1 86  ? 13.886  -0.375  -4.070  1.00 12.79 ? 92  GLN   B C   1 
ATOM   751  O O   . GLN   A 1 86  ? 12.699  -0.073  -4.015  1.00 13.32 ? 92  GLN   B O   1 
ATOM   752  C CB  . GLN   A 1 86  ? 14.393  -0.744  -6.516  1.00 16.21 ? 92  GLN   B CB  1 
ATOM   753  C CG  . GLN   A 1 86  ? 15.247  0.519   -6.704  1.00 18.41 ? 92  GLN   B CG  1 
ATOM   754  C CD  . GLN   A 1 86  ? 15.068  1.120   -8.096  1.00 22.11 ? 92  GLN   B CD  1 
ATOM   755  O OE1 . GLN   A 1 86  ? 14.567  0.486   -9.050  1.00 24.17 ? 92  GLN   B OE1 1 
ATOM   756  N NE2 . GLN   A 1 86  ? 15.460  2.384   -8.273  1.00 23.94 ? 92  GLN   B NE2 1 
ATOM   757  N N   . ARG   A 1 87  ? 14.788  0.159   -3.261  1.00 11.60 ? 93  ARG   B N   1 
ATOM   758  C CA  . ARG   A 1 87  ? 14.490  1.172   -2.203  1.00 11.47 ? 93  ARG   B CA  1 
ATOM   759  C C   . ARG   A 1 87  ? 14.995  2.554   -2.611  1.00 12.37 ? 93  ARG   B C   1 
ATOM   760  O O   . ARG   A 1 87  ? 14.405  3.537   -2.152  1.00 12.74 ? 93  ARG   B O   1 
ATOM   761  C CB  . ARG   A 1 87  ? 15.084  0.789   -0.867  1.00 12.22 ? 93  ARG   B CB  1 
ATOM   762  C CG  . ARG   A 1 87  ? 14.757  -0.616  -0.381  1.00 11.67 ? 93  ARG   B CG  1 
ATOM   763  C CD  . ARG   A 1 87  ? 13.227  -0.865  -0.290  1.00 12.59 ? 93  ARG   B CD  1 
ATOM   764  N NE  . ARG   A 1 87  ? 12.963  -2.310  -0.072  1.00 13.53 ? 93  ARG   B NE  1 
ATOM   765  C CZ  . ARG   A 1 87  ? 12.977  -2.900  1.099   1.00 13.27 ? 93  ARG   B CZ  1 
ATOM   766  N NH1 . ARG   A 1 87  ? 13.192  -2.205  2.194   1.00 15.52 ? 93  ARG   B NH1 1 
ATOM   767  N NH2 . ARG   A 1 87  ? 12.834  -4.210  1.184   1.00 16.01 ? 93  ARG   B NH2 1 
ATOM   768  N N   . LYS   A 1 88  ? 16.066  2.633   -3.397  1.00 12.37 ? 94  LYS   B N   1 
ATOM   769  C CA  . LYS   A 1 88  ? 16.792  3.916   -3.622  1.00 12.59 ? 94  LYS   B CA  1 
ATOM   770  C C   . LYS   A 1 88  ? 16.569  4.411   -5.036  1.00 14.11 ? 94  LYS   B C   1 
ATOM   771  O O   . LYS   A 1 88  ? 16.541  3.579   -5.990  1.00 16.21 ? 94  LYS   B O   1 
ATOM   772  C CB  . LYS   A 1 88  ? 18.287  3.714   -3.350  1.00 13.00 ? 94  LYS   B CB  1 
ATOM   773  C CG  . LYS   A 1 88  ? 18.655  3.140   -1.999  1.00 14.15 ? 94  LYS   B CG  1 
ATOM   774  C CD  . LYS   A 1 88  ? 18.073  3.896   -0.797  1.00 14.97 ? 94  LYS   B CD  1 
ATOM   775  C CE  . LYS   A 1 88  ? 18.513  3.276   0.491   1.00 15.51 ? 94  LYS   B CE  1 
ATOM   776  N NZ  . LYS   A 1 88  ? 18.001  4.015   1.677   1.00 16.12 ? 94  LYS   B NZ  1 
ATOM   777  N N   . GLY   A 1 89  ? 16.435  5.709   -5.207  1.00 14.10 ? 95  GLY   B N   1 
ATOM   778  C CA  . GLY   A 1 89  ? 16.277  6.306   -6.533  1.00 14.25 ? 95  GLY   B CA  1 
ATOM   779  C C   . GLY   A 1 89  ? 14.853  6.246   -7.057  1.00 16.59 ? 95  GLY   B C   1 
ATOM   780  O O   . GLY   A 1 89  ? 13.884  5.951   -6.268  1.00 16.10 ? 95  GLY   B O   1 
ATOM   781  N N   . GLN   A 1 90  ? 14.703  6.550   -8.333  1.00 16.53 ? 96  GLN   B N   1 
ATOM   782  C CA  . GLN   A 1 90  ? 13.405  6.648   -9.017  1.00 17.87 ? 96  GLN   B CA  1 
ATOM   783  C C   . GLN   A 1 90  ? 13.037  5.301   -9.613  1.00 17.80 ? 96  GLN   B C   1 
ATOM   784  O O   . GLN   A 1 90  ? 13.919  4.519   -10.033 1.00 18.31 ? 96  GLN   B O   1 
ATOM   785  C CB  . GLN   A 1 90  ? 13.500  7.688   -10.132 1.00 20.33 ? 96  GLN   B CB  1 
ATOM   786  C CG  . GLN   A 1 90  ? 13.790  9.061   -9.550  1.00 26.99 ? 96  GLN   B CG  1 
ATOM   787  C CD  . GLN   A 1 90  ? 14.201  10.040  -10.612 1.00 36.00 ? 96  GLN   B CD  1 
ATOM   788  O OE1 . GLN   A 1 90  ? 13.392  10.851  -11.058 1.00 47.49 ? 96  GLN   B OE1 1 
ATOM   789  N NE2 . GLN   A 1 90  ? 15.454  9.932   -11.042 1.00 40.31 ? 96  GLN   B NE2 1 
ATOM   790  N N   . PHE   A 1 91  ? 11.747  4.991   -9.548  1.00 15.54 ? 97  PHE   B N   1 
ATOM   791  C CA  . PHE   A 1 91  ? 11.191  3.760   -10.146 1.00 15.39 ? 97  PHE   B CA  1 
ATOM   792  C C   . PHE   A 1 91  ? 9.683   3.898   -10.288 1.00 15.06 ? 97  PHE   B C   1 
ATOM   793  O O   . PHE   A 1 91  ? 9.054   4.730   -9.620  1.00 15.82 ? 97  PHE   B O   1 
ATOM   794  C CB  . PHE   A 1 91  ? 11.495  2.528   -9.289  1.00 15.01 ? 97  PHE   B CB  1 
ATOM   795  C CG  . PHE   A 1 91  ? 11.041  2.636   -7.854  1.00 14.46 ? 97  PHE   B CG  1 
ATOM   796  C CD1 . PHE   A 1 91  ? 9.753   2.258   -7.498  1.00 14.50 ? 97  PHE   B CD1 1 
ATOM   797  C CD2 . PHE   A 1 91  ? 11.908  3.048   -6.855  1.00 14.45 ? 97  PHE   B CD2 1 
ATOM   798  C CE1 . PHE   A 1 91  ? 9.340   2.319   -6.182  1.00 14.19 ? 97  PHE   B CE1 1 
ATOM   799  C CE2 . PHE   A 1 91  ? 11.502  3.099   -5.530  1.00 13.99 ? 97  PHE   B CE2 1 
ATOM   800  C CZ  . PHE   A 1 91  ? 10.209  2.737   -5.212  1.00 14.36 ? 97  PHE   B CZ  1 
ATOM   801  N N   A SER   A 1 92  ? 9.093   3.126   -11.199 0.25 15.41 ? 98  SER   B N   1 
ATOM   802  N N   B SER   A 1 92  ? 9.132   3.086   -11.191 0.25 14.62 ? 98  SER   B N   1 
ATOM   803  C CA  A SER   A 1 92  ? 7.619   3.084   -11.378 0.25 15.59 ? 98  SER   B CA  1 
ATOM   804  C CA  B SER   A 1 92  ? 7.676   2.961   -11.440 0.25 14.44 ? 98  SER   B CA  1 
ATOM   805  C C   A SER   A 1 92  ? 7.048   1.854   -10.669 0.25 13.86 ? 98  SER   B C   1 
ATOM   806  C C   B SER   A 1 92  ? 7.093   1.850   -10.563 0.25 13.20 ? 98  SER   B C   1 
ATOM   807  O O   A SER   A 1 92  ? 7.712   0.794   -10.620 0.25 13.68 ? 98  SER   B O   1 
ATOM   808  O O   B SER   A 1 92  ? 7.825   0.863   -10.243 0.25 12.83 ? 98  SER   B O   1 
ATOM   809  C CB  A SER   A 1 92  ? 7.227   3.087   -12.820 0.25 17.69 ? 98  SER   B CB  1 
ATOM   810  C CB  B SER   A 1 92  ? 7.400   2.698   -12.895 0.25 15.33 ? 98  SER   B CB  1 
ATOM   811  O OG  A SER   A 1 92  ? 7.859   2.012   -13.490 0.25 20.74 ? 98  SER   B OG  1 
ATOM   812  O OG  B SER   A 1 92  ? 7.807   3.813   -13.683 0.25 16.82 ? 98  SER   B OG  1 
ATOM   813  N N   . LEU   A 1 93  ? 5.824   2.003   -10.174 1.00 12.59 ? 99  LEU   B N   1 
ATOM   814  C CA  . LEU   A 1 93  ? 5.082   0.926   -9.518  1.00 13.36 ? 99  LEU   B CA  1 
ATOM   815  C C   . LEU   A 1 93  ? 4.471   0.059   -10.594 1.00 13.22 ? 99  LEU   B C   1 
ATOM   816  O O   . LEU   A 1 93  ? 3.503   0.430   -11.259 1.00 15.53 ? 99  LEU   B O   1 
ATOM   817  C CB  . LEU   A 1 93  ? 4.003   1.493   -8.605  1.00 13.28 ? 99  LEU   B CB  1 
ATOM   818  C CG  . LEU   A 1 93  ? 4.506   2.357   -7.463  1.00 14.45 ? 99  LEU   B CG  1 
ATOM   819  C CD1 . LEU   A 1 93  ? 3.308   2.922   -6.703  1.00 15.47 ? 99  LEU   B CD1 1 
ATOM   820  C CD2 . LEU   A 1 93  ? 5.447   1.602   -6.538  1.00 15.84 ? 99  LEU   B CD2 1 
ATOM   821  N N   . SER   A 1 94  ? 5.020   -1.142  -10.789 1.00 12.20 ? 100 SER   B N   1 
ATOM   822  C CA  . SER   A 1 94  ? 4.551   -2.074  -11.830 1.00 12.21 ? 100 SER   B CA  1 
ATOM   823  C C   . SER   A 1 94  ? 4.832   -3.496  -11.358 1.00 11.38 ? 100 SER   B C   1 
ATOM   824  O O   . SER   A 1 94  ? 5.795   -3.680  -10.609 1.00 11.07 ? 100 SER   B O   1 
ATOM   825  C CB  . SER   A 1 94  ? 5.233   -1.870  -13.159 1.00 14.34 ? 100 SER   B CB  1 
ATOM   826  O OG  . SER   A 1 94  ? 6.626   -2.145  -13.060 1.00 17.68 ? 100 SER   B OG  1 
ATOM   827  N N   . PRO   A 1 95  ? 4.122   -4.502  -11.873 1.00 10.81 ? 101 PRO   B N   1 
ATOM   828  C CA  . PRO   A 1 95  ? 4.468   -5.902  -11.573 1.00 11.53 ? 101 PRO   B CA  1 
ATOM   829  C C   . PRO   A 1 95  ? 5.887   -6.257  -12.032 1.00 12.66 ? 101 PRO   B C   1 
ATOM   830  O O   . PRO   A 1 95  ? 6.550   -7.003  -11.284 1.00 12.55 ? 101 PRO   B O   1 
ATOM   831  C CB  . PRO   A 1 95  ? 3.387   -6.726  -12.303 1.00 12.34 ? 101 PRO   B CB  1 
ATOM   832  C CG  . PRO   A 1 95  ? 2.202   -5.729  -12.362 1.00 12.64 ? 101 PRO   B CG  1 
ATOM   833  C CD  . PRO   A 1 95  ? 2.853   -4.393  -12.609 1.00 12.30 ? 101 PRO   B CD  1 
ATOM   834  N N   . GLU   A 1 96  ? 6.367   -5.685  -13.132 1.00 12.97 ? 102 GLU   B N   1 
ATOM   835  C CA  . GLU   A 1 96  ? 7.755   -5.933  -13.614 1.00 14.70 ? 102 GLU   B CA  1 
ATOM   836  C C   . GLU   A 1 96  ? 8.754   -5.535  -12.522 1.00 13.94 ? 102 GLU   B C   1 
ATOM   837  O O   . GLU   A 1 96  ? 9.847   -6.129  -12.398 1.00 15.70 ? 102 GLU   B O   1 
ATOM   838  C CB  . GLU   A 1 96  ? 7.967   -5.201  -14.931 1.00 19.14 ? 102 GLU   B CB  1 
ATOM   839  C CG  . GLU   A 1 96  ? 6.974   -5.623  -15.997 1.00 28.56 ? 102 GLU   B CG  1 
ATOM   840  C CD  . GLU   A 1 96  ? 5.815   -4.658  -16.249 1.00 33.99 ? 102 GLU   B CD  1 
ATOM   841  O OE1 . GLU   A 1 96  ? 4.765   -4.685  -15.479 1.00 22.70 ? 102 GLU   B OE1 1 
ATOM   842  O OE2 . GLU   A 1 96  ? 5.949   -3.883  -17.257 1.00 42.03 ? 102 GLU   B OE2 1 
ATOM   843  N N   . ASN   A 1 97  ? 8.483   -4.473  -11.759 1.00 12.44 ? 103 ASN   B N   1 
ATOM   844  C CA  . ASN   A 1 97  ? 9.366   -3.983  -10.681 1.00 12.74 ? 103 ASN   B CA  1 
ATOM   845  C C   . ASN   A 1 97  ? 8.988   -4.593  -9.328  1.00 11.88 ? 103 ASN   B C   1 
ATOM   846  O O   . ASN   A 1 97  ? 9.636   -4.267  -8.346  1.00 12.83 ? 103 ASN   B O   1 
ATOM   847  C CB  . ASN   A 1 97  ? 9.363   -2.449  -10.601 1.00 13.77 ? 103 ASN   B CB  1 
ATOM   848  C CG  . ASN   A 1 97  ? 10.092  -1.767  -11.726 1.00 16.09 ? 103 ASN   B CG  1 
ATOM   849  O OD1 . ASN   A 1 97  ? 10.925  -2.394  -12.399 1.00 18.56 ? 103 ASN   B OD1 1 
ATOM   850  N ND2 . ASN   A 1 97  ? 9.729   -0.519  -12.011 1.00 17.20 ? 103 ASN   B ND2 1 
ATOM   851  N N   . GLY   A 1 98  ? 8.037   -5.526  -9.260  1.00 10.21 ? 104 GLY   B N   1 
ATOM   852  C CA  . GLY   A 1 98  ? 7.703   -6.208  -8.007  1.00 10.00 ? 104 GLY   B CA  1 
ATOM   853  C C   . GLY   A 1 98  ? 6.603   -5.556  -7.165  1.00 8.82  ? 104 GLY   B C   1 
ATOM   854  O O   . GLY   A 1 98  ? 6.565   -5.806  -5.981  1.00 9.64  ? 104 GLY   B O   1 
ATOM   855  N N   . PHE   A 1 99  ? 5.716   -4.770  -7.800  1.00 9.47  ? 105 PHE   B N   1 
ATOM   856  C CA  . PHE   A 1 99  ? 4.613   -4.098  -7.077  1.00 9.25  ? 105 PHE   B CA  1 
ATOM   857  C C   . PHE   A 1 99  ? 3.251   -4.460  -7.670  1.00 8.25  ? 105 PHE   B C   1 
ATOM   858  O O   . PHE   A 1 99  ? 3.115   -4.400  -8.921  1.00 9.83  ? 105 PHE   B O   1 
ATOM   859  C CB  . PHE   A 1 99  ? 4.775   -2.571  -7.148  1.00 9.78  ? 105 PHE   B CB  1 
ATOM   860  C CG  . PHE   A 1 99  ? 6.041   -2.024  -6.534  1.00 9.26  ? 105 PHE   B CG  1 
ATOM   861  C CD1 . PHE   A 1 99  ? 7.201   -1.882  -7.281  1.00 9.66  ? 105 PHE   B CD1 1 
ATOM   862  C CD2 . PHE   A 1 99  ? 6.097   -1.638  -5.207  1.00 9.39  ? 105 PHE   B CD2 1 
ATOM   863  C CE1 . PHE   A 1 99  ? 8.364   -1.355  -6.730  1.00 10.42 ? 105 PHE   B CE1 1 
ATOM   864  C CE2 . PHE   A 1 99  ? 7.254   -1.127  -4.658  1.00 10.47 ? 105 PHE   B CE2 1 
ATOM   865  C CZ  . PHE   A 1 99  ? 8.379   -0.989  -5.422  1.00 10.15 ? 105 PHE   B CZ  1 
ATOM   866  N N   . TRP   A 1 100 ? 2.269   -4.685  -6.810  1.00 8.33  ? 106 TRP   B N   1 
ATOM   867  C CA  . TRP   A 1 100 ? 0.848   -4.910  -7.165  1.00 8.51  ? 106 TRP   B CA  1 
ATOM   868  C C   . TRP   A 1 100 ? 0.021   -3.924  -6.359  1.00 8.01  ? 106 TRP   B C   1 
ATOM   869  O O   . TRP   A 1 100 ? -0.237  -4.151  -5.183  1.00 8.82  ? 106 TRP   B O   1 
ATOM   870  C CB  . TRP   A 1 100 ? 0.416   -6.375  -6.967  1.00 8.51  ? 106 TRP   B CB  1 
ATOM   871  C CG  . TRP   A 1 100 ? 1.225   -7.315  -7.825  1.00 8.42  ? 106 TRP   B CG  1 
ATOM   872  C CD1 . TRP   A 1 100 ? 0.897   -7.778  -9.070  1.00 9.85  ? 106 TRP   B CD1 1 
ATOM   873  C CD2 . TRP   A 1 100 ? 2.542   -7.870  -7.527  1.00 9.24  ? 106 TRP   B CD2 1 
ATOM   874  N NE1 . TRP   A 1 100 ? 1.929   -8.542  -9.582  1.00 9.82  ? 106 TRP   B NE1 1 
ATOM   875  C CE2 . TRP   A 1 100 ? 2.940   -8.608  -8.665  1.00 9.77  ? 106 TRP   B CE2 1 
ATOM   876  C CE3 . TRP   A 1 100 ? 3.407   -7.782  -6.430  1.00 9.79  ? 106 TRP   B CE3 1 
ATOM   877  C CZ2 . TRP   A 1 100 ? 4.183   -9.266  -8.708  1.00 11.08 ? 106 TRP   B CZ2 1 
ATOM   878  C CZ3 . TRP   A 1 100 ? 4.621   -8.433  -6.498  1.00 11.53 ? 106 TRP   B CZ3 1 
ATOM   879  C CH2 . TRP   A 1 100 ? 5.004   -9.114  -7.626  1.00 11.19 ? 106 TRP   B CH2 1 
ATOM   880  N N   . THR   A 1 101 ? -0.305  -2.795  -6.996  1.00 8.24  ? 107 THR   B N   1 
ATOM   881  C CA  . THR   A 1 101 ? -0.784  -1.584  -6.275  1.00 8.36  ? 107 THR   B CA  1 
ATOM   882  C C   . THR   A 1 101 ? -1.922  -0.908  -7.060  1.00 8.60  ? 107 THR   B C   1 
ATOM   883  O O   . THR   A 1 101 ? -2.038  -1.047  -8.289  1.00 8.48  ? 107 THR   B O   1 
ATOM   884  C CB  . THR   A 1 101 ? 0.324   -0.572  -6.052  1.00 9.36  ? 107 THR   B CB  1 
ATOM   885  O OG1 . THR   A 1 101 ? 0.823   -0.079  -7.279  1.00 10.12 ? 107 THR   B OG1 1 
ATOM   886  C CG2 . THR   A 1 101 ? 1.417   -1.153  -5.168  1.00 9.67  ? 107 THR   B CG2 1 
ATOM   887  N N   . ILE   A 1 102 ? -2.700  -0.110  -6.334  1.00 8.27  ? 108 ILE   B N   1 
ATOM   888  C CA  . ILE   A 1 102 ? -3.605  0.928   -6.911  1.00 8.56  ? 108 ILE   B CA  1 
ATOM   889  C C   . ILE   A 1 102 ? -3.246  2.253   -6.254  1.00 8.83  ? 108 ILE   B C   1 
ATOM   890  O O   . ILE   A 1 102 ? -2.580  2.288   -5.175  1.00 8.89  ? 108 ILE   B O   1 
ATOM   891  C CB  . ILE   A 1 102 ? -5.088  0.552   -6.733  1.00 8.67  ? 108 ILE   B CB  1 
ATOM   892  C CG1 . ILE   A 1 102 ? -5.533  0.610   -5.275  1.00 9.47  ? 108 ILE   B CG1 1 
ATOM   893  C CG2 . ILE   A 1 102 ? -5.368  -0.813  -7.353  1.00 8.98  ? 108 ILE   B CG2 1 
ATOM   894  C CD1 . ILE   A 1 102 ? -7.022  0.508   -5.062  1.00 10.04 ? 108 ILE   B CD1 1 
ATOM   895  N N   . TRP   A 1 103 ? -3.750  3.312   -6.835  1.00 8.51  ? 109 TRP   B N   1 
ATOM   896  C CA  . TRP   A 1 103 ? -3.494  4.658   -6.285  1.00 9.23  ? 109 TRP   B CA  1 
ATOM   897  C C   . TRP   A 1 103 ? -4.606  5.623   -6.604  1.00 9.63  ? 109 TRP   B C   1 
ATOM   898  O O   . TRP   A 1 103 ? -5.429  5.417   -7.522  1.00 9.66  ? 109 TRP   B O   1 
ATOM   899  C CB  . TRP   A 1 103 ? -2.173  5.203   -6.741  1.00 11.15 ? 109 TRP   B CB  1 
ATOM   900  C CG  . TRP   A 1 103 ? -2.031  5.409   -8.192  1.00 12.47 ? 109 TRP   B CG  1 
ATOM   901  C CD1 . TRP   A 1 103 ? -2.566  6.413   -8.939  1.00 13.28 ? 109 TRP   B CD1 1 
ATOM   902  C CD2 . TRP   A 1 103 ? -1.133  4.697   -9.034  1.00 13.81 ? 109 TRP   B CD2 1 
ATOM   903  N NE1 . TRP   A 1 103 ? -2.045  6.375   -10.196 1.00 15.69 ? 109 TRP   B NE1 1 
ATOM   904  C CE2 . TRP   A 1 103 ? -1.174  5.337   -10.295 1.00 14.12 ? 109 TRP   B CE2 1 
ATOM   905  C CE3 . TRP   A 1 103 ? -0.284  3.607   -8.840  1.00 15.99 ? 109 TRP   B CE3 1 
ATOM   906  C CZ2 . TRP   A 1 103 ? -0.424  4.891   -11.380 1.00 16.94 ? 109 TRP   B CZ2 1 
ATOM   907  C CZ3 . TRP   A 1 103 ? 0.472   3.195   -9.903  1.00 16.67 ? 109 TRP   B CZ3 1 
ATOM   908  C CH2 . TRP   A 1 103 ? 0.404   3.826   -11.137 1.00 15.67 ? 109 TRP   B CH2 1 
ATOM   909  N N   . LEU   A 1 104 ? -4.625  6.694   -5.800  1.00 9.44  ? 110 LEU   B N   1 
ATOM   910  C CA  . LEU   A 1 104 ? -5.380  7.939   -6.066  1.00 9.42  ? 110 LEU   B CA  1 
ATOM   911  C C   . LEU   A 1 104 ? -4.369  9.011   -6.407  1.00 9.23  ? 110 LEU   B C   1 
ATOM   912  O O   . LEU   A 1 104 ? -3.390  9.201   -5.678  1.00 9.71  ? 110 LEU   B O   1 
ATOM   913  C CB  . LEU   A 1 104 ? -6.160  8.330   -4.836  1.00 10.15 ? 110 LEU   B CB  1 
ATOM   914  C CG  . LEU   A 1 104 ? -6.821  9.713   -4.887  1.00 10.36 ? 110 LEU   B CG  1 
ATOM   915  C CD1 . LEU   A 1 104 ? -7.854  9.817   -6.009  1.00 11.19 ? 110 LEU   B CD1 1 
ATOM   916  C CD2 . LEU   A 1 104 ? -7.443  10.066  -3.570  1.00 12.19 ? 110 LEU   B CD2 1 
ATOM   917  N N   . TRP   A 1 105 ? -4.671  9.799   -7.453  1.00 10.60 ? 111 TRP   B N   1 
ATOM   918  C CA  . TRP   A 1 105 ? -3.800  10.890  -7.926  1.00 12.14 ? 111 TRP   B CA  1 
ATOM   919  C C   . TRP   A 1 105 ? -4.643  11.843  -8.758  1.00 13.35 ? 111 TRP   B C   1 
ATOM   920  O O   . TRP   A 1 105 ? -5.314  11.406  -9.698  1.00 13.37 ? 111 TRP   B O   1 
ATOM   921  C CB  . TRP   A 1 105 ? -2.645  10.341  -8.749  1.00 14.45 ? 111 TRP   B CB  1 
ATOM   922  C CG  . TRP   A 1 105 ? -1.843  11.377  -9.424  1.00 17.34 ? 111 TRP   B CG  1 
ATOM   923  C CD1 . TRP   A 1 105 ? -1.745  11.668  -10.760 1.00 18.92 ? 111 TRP   B CD1 1 
ATOM   924  C CD2 . TRP   A 1 105 ? -0.970  12.262  -8.729  1.00 17.64 ? 111 TRP   B CD2 1 
ATOM   925  N NE1 . TRP   A 1 105 ? -0.868  12.694  -10.920 1.00 18.85 ? 111 TRP   B NE1 1 
ATOM   926  C CE2 . TRP   A 1 105 ? -0.364  13.069  -9.702  1.00 16.58 ? 111 TRP   B CE2 1 
ATOM   927  C CE3 . TRP   A 1 105 ? -0.596  12.417  -7.390  1.00 17.72 ? 111 TRP   B CE3 1 
ATOM   928  C CZ2 . TRP   A 1 105 ? 0.568   14.051  -9.394  1.00 21.00 ? 111 TRP   B CZ2 1 
ATOM   929  C CZ3 . TRP   A 1 105 ? 0.301   13.421  -7.074  1.00 22.15 ? 111 TRP   B CZ3 1 
ATOM   930  C CH2 . TRP   A 1 105 ? 0.867   14.236  -8.059  1.00 20.98 ? 111 TRP   B CH2 1 
ATOM   931  N N   . GLN   A 1 106 ? -4.711  13.125  -8.353  1.00 11.97 ? 112 GLN   B N   1 
ATOM   932  C CA  . GLN   A 1 106 ? -5.418  14.165  -9.158  1.00 12.34 ? 112 GLN   B CA  1 
ATOM   933  C C   . GLN   A 1 106 ? -6.819  13.698  -9.453  1.00 13.71 ? 112 GLN   B C   1 
ATOM   934  O O   . GLN   A 1 106 ? -7.250  13.833  -10.664 1.00 15.57 ? 112 GLN   B O   1 
ATOM   935  C CB  . GLN   A 1 106 ? -4.596  14.507  -10.387 1.00 14.09 ? 112 GLN   B CB  1 
ATOM   936  C CG  . GLN   A 1 106 ? -3.235  15.046  -9.995  1.00 15.52 ? 112 GLN   B CG  1 
ATOM   937  C CD  . GLN   A 1 106 ? -2.433  15.665  -11.115 1.00 16.69 ? 112 GLN   B CD  1 
ATOM   938  O OE1 . GLN   A 1 106 ? -1.458  16.394  -10.878 1.00 20.96 ? 112 GLN   B OE1 1 
ATOM   939  N NE2 . GLN   A 1 106 ? -2.860  15.429  -12.341 1.00 15.89 ? 112 GLN   B NE2 1 
ATOM   940  N N   . ASP   A 1 107 ? -7.558  13.306  -8.441  1.00 14.62 ? 113 ASP   B N   1 
ATOM   941  C CA  . ASP   A 1 107 ? -9.008  13.065  -8.497  1.00 19.85 ? 113 ASP   B CA  1 
ATOM   942  C C   . ASP   A 1 107 ? -9.339  11.848  -9.377  1.00 19.32 ? 113 ASP   B C   1 
ATOM   943  O O   . ASP   A 1 107 ? -10.580 11.620  -9.566  1.00 24.51 ? 113 ASP   B O   1 
ATOM   944  C CB  . ASP   A 1 107 ? -9.698  14.316  -9.076  1.00 23.00 ? 113 ASP   B CB  1 
ATOM   945  C CG  . ASP   A 1 107 ? -11.133 14.500  -8.676  1.00 33.20 ? 113 ASP   B CG  1 
ATOM   946  O OD1 . ASP   A 1 107 ? -11.530 14.033  -7.590  1.00 35.92 ? 113 ASP   B OD1 1 
ATOM   947  O OD2 . ASP   A 1 107 ? -11.854 15.155  -9.465  1.00 47.50 ? 113 ASP   B OD2 1 
ATOM   948  N N   . SER   A 1 108 ? -8.361  11.002  -9.744  1.00 15.33 ? 114 SER   B N   1 
ATOM   949  C CA  . SER   A 1 108 ? -8.640  9.718   -10.450 1.00 17.82 ? 114 SER   B CA  1 
ATOM   950  C C   . SER   A 1 108 ? -7.918  8.561   -9.758  1.00 14.48 ? 114 SER   B C   1 
ATOM   951  O O   . SER   A 1 108 ? -6.825  8.725   -9.132  1.00 14.42 ? 114 SER   B O   1 
ATOM   952  C CB  . SER   A 1 108 ? -8.370  9.875   -11.924 1.00 20.64 ? 114 SER   B CB  1 
ATOM   953  O OG  . SER   A 1 108 ? -7.014  9.785   -12.220 1.00 30.06 ? 114 SER   B OG  1 
ATOM   954  N N   . TYR   A 1 109 ? -8.507  7.393   -9.886  1.00 12.03 ? 115 TYR   B N   1 
ATOM   955  C CA  . TYR   A 1 109 ? -7.961  6.127   -9.372  1.00 11.12 ? 115 TYR   B CA  1 
ATOM   956  C C   . TYR   A 1 109 ? -7.414  5.301   -10.507 1.00 10.93 ? 115 TYR   B C   1 
ATOM   957  O O   . TYR   A 1 109 ? -8.054  5.180   -11.548 1.00 11.35 ? 115 TYR   B O   1 
ATOM   958  C CB  . TYR   A 1 109 ? -9.027  5.390   -8.596  1.00 10.97 ? 115 TYR   B CB  1 
ATOM   959  C CG  . TYR   A 1 109 ? -9.591  6.147   -7.404  1.00 11.56 ? 115 TYR   B CG  1 
ATOM   960  C CD1 . TYR   A 1 109 ? -10.672 7.008   -7.533  1.00 11.61 ? 115 TYR   B CD1 1 
ATOM   961  C CD2 . TYR   A 1 109 ? -9.082  5.971   -6.130  1.00 11.18 ? 115 TYR   B CD2 1 
ATOM   962  C CE1 . TYR   A 1 109 ? -11.216 7.672   -6.437  1.00 12.53 ? 115 TYR   B CE1 1 
ATOM   963  C CE2 . TYR   A 1 109 ? -9.597  6.637   -5.030  1.00 11.60 ? 115 TYR   B CE2 1 
ATOM   964  C CZ  . TYR   A 1 109 ? -10.680 7.487   -5.184  1.00 12.01 ? 115 TYR   B CZ  1 
ATOM   965  O OH  . TYR   A 1 109 ? -11.205 8.216   -4.150  1.00 13.19 ? 115 TYR   B OH  1 
ATOM   966  N N   A GLU   A 1 110 ? -6.233  4.707   -10.312 0.25 10.19 ? 116 GLU   B N   1 
ATOM   967  N N   B GLU   A 1 110 ? -6.225  4.727   -10.309 0.25 10.59 ? 116 GLU   B N   1 
ATOM   968  C CA  A GLU   A 1 110 ? -5.561  3.871   -11.347 0.25 10.46 ? 116 GLU   B CA  1 
ATOM   969  C CA  B GLU   A 1 110 ? -5.533  3.879   -11.321 0.25 11.11 ? 116 GLU   B CA  1 
ATOM   970  C C   A GLU   A 1 110 ? -4.902  2.643   -10.714 0.25 9.35  ? 116 GLU   B C   1 
ATOM   971  C C   B GLU   A 1 110 ? -5.007  2.599   -10.657 0.25 9.55  ? 116 GLU   B C   1 
ATOM   972  O O   A GLU   A 1 110 ? -4.389  2.730   -9.596  0.25 9.31  ? 116 GLU   B O   1 
ATOM   973  O O   B GLU   A 1 110 ? -4.761  2.584   -9.427  0.25 8.86  ? 116 GLU   B O   1 
ATOM   974  C CB  A GLU   A 1 110 ? -4.517  4.679   -12.107 0.25 11.34 ? 116 GLU   B CB  1 
ATOM   975  C CB  B GLU   A 1 110 ? -4.398  4.653   -11.990 0.25 12.76 ? 116 GLU   B CB  1 
ATOM   976  C CG  A GLU   A 1 110 ? -5.109  5.849   -12.876 0.25 12.61 ? 116 GLU   B CG  1 
ATOM   977  C CG  B GLU   A 1 110 ? -4.843  5.958   -12.643 0.25 15.15 ? 116 GLU   B CG  1 
ATOM   978  C CD  A GLU   A 1 110 ? -4.064  6.700   -13.574 0.25 13.38 ? 116 GLU   B CD  1 
ATOM   979  C CD  B GLU   A 1 110 ? -5.266  5.854   -14.101 0.25 16.97 ? 116 GLU   B CD  1 
ATOM   980  O OE1 A GLU   A 1 110 ? -2.988  6.903   -13.000 0.25 15.90 ? 116 GLU   B OE1 1 
ATOM   981  O OE1 B GLU   A 1 110 ? -5.069  4.784   -14.704 0.25 20.61 ? 116 GLU   B OE1 1 
ATOM   982  O OE2 A GLU   A 1 110 ? -4.337  7.179   -14.699 0.25 13.78 ? 116 GLU   B OE2 1 
ATOM   983  O OE2 B GLU   A 1 110 ? -5.732  6.875   -14.644 0.25 21.52 ? 116 GLU   B OE2 1 
ATOM   984  N N   . ALA   A 1 111 ? -4.877  1.534   -11.453 1.00 9.50  ? 117 ALA   B N   1 
ATOM   985  C CA  . ALA   A 1 111 ? -4.109  0.346   -11.072 1.00 9.66  ? 117 ALA   B CA  1 
ATOM   986  C C   . ALA   A 1 111 ? -2.708  0.465   -11.645 1.00 10.29 ? 117 ALA   B C   1 
ATOM   987  O O   . ALA   A 1 111 ? -2.515  0.887   -12.803 1.00 10.19 ? 117 ALA   B O   1 
ATOM   988  C CB  . ALA   A 1 111 ? -4.762  -0.931  -11.553 1.00 10.07 ? 117 ALA   B CB  1 
ATOM   989  N N   . GLY   A 1 112 ? -1.709  0.079   -10.844 1.00 10.25 ? 118 GLY   B N   1 
ATOM   990  C CA  . GLY   A 1 112 ? -0.293  0.134   -11.210 1.00 11.57 ? 118 GLY   B CA  1 
ATOM   991  C C   . GLY   A 1 112 ? 0.131   -0.980  -12.132 1.00 11.83 ? 118 GLY   B C   1 
ATOM   992  O O   . GLY   A 1 112 ? 1.072   -1.686  -11.862 1.00 14.02 ? 118 GLY   B O   1 
ATOM   993  N N   . THR   A 1 113 ? -0.548  -1.173  -13.247 1.00 13.18 ? 119 THR   B N   1 
ATOM   994  C CA  . THR   A 1 113 ? -0.027  -1.938  -14.384 1.00 13.89 ? 119 THR   B CA  1 
ATOM   995  C C   . THR   A 1 113 ? 0.940   -1.082  -15.208 1.00 14.52 ? 119 THR   B C   1 
ATOM   996  O O   . THR   A 1 113 ? 1.013   0.100   -14.953 1.00 16.87 ? 119 THR   B O   1 
ATOM   997  C CB  . THR   A 1 113 ? -1.216  -2.393  -15.205 1.00 12.03 ? 119 THR   B CB  1 
ATOM   998  O OG1 . THR   A 1 113 ? -2.030  -1.250  -15.555 1.00 12.32 ? 119 THR   B OG1 1 
ATOM   999  C CG2 . THR   A 1 113 ? -2.107  -3.346  -14.478 1.00 13.39 ? 119 THR   B CG2 1 
ATOM   1000 N N   . SER   A 1 114 ? 1.601   -1.673  -16.216 1.00 18.32 ? 120 SER   B N   1 
ATOM   1001 C CA  . SER   A 1 114 ? 2.477   -0.907  -17.121 1.00 21.47 ? 120 SER   B CA  1 
ATOM   1002 C C   . SER   A 1 114 ? 1.996   -1.086  -18.565 1.00 23.58 ? 120 SER   B C   1 
ATOM   1003 O O   . SER   A 1 114 ? 2.072   -2.181  -19.119 1.00 24.68 ? 120 SER   B O   1 
ATOM   1004 C CB  . SER   A 1 114 ? 3.943   -1.279  -16.930 1.00 26.38 ? 120 SER   B CB  1 
ATOM   1005 O OG  . SER   A 1 114 ? 4.753   -0.418  -17.737 1.00 30.63 ? 120 SER   B OG  1 
ATOM   1006 N N   . PRO   A 1 115 ? 1.352   -0.068  -19.174 1.00 20.14 ? 121 PRO   B N   1 
ATOM   1007 C CA  . PRO   A 1 115 ? 1.050   1.215   -18.546 1.00 19.80 ? 121 PRO   B CA  1 
ATOM   1008 C C   . PRO   A 1 115 ? -0.163  1.106   -17.589 1.00 16.59 ? 121 PRO   B C   1 
ATOM   1009 O O   . PRO   A 1 115 ? -0.846  0.091   -17.545 1.00 15.61 ? 121 PRO   B O   1 
ATOM   1010 C CB  . PRO   A 1 115 ? 0.741   2.125   -19.738 1.00 22.35 ? 121 PRO   B CB  1 
ATOM   1011 C CG  . PRO   A 1 115 ? 0.090   1.193   -20.718 1.00 22.40 ? 121 PRO   B CG  1 
ATOM   1012 C CD  . PRO   A 1 115 ? 0.822   -0.135  -20.556 1.00 22.02 ? 121 PRO   B CD  1 
ATOM   1013 N N   . GLN   A 1 116 ? -0.406  2.157   -16.819 1.00 15.67 ? 122 GLN   B N   1 
ATOM   1014 C CA  . GLN   A 1 116 ? -1.437  2.149   -15.749 1.00 14.70 ? 122 GLN   B CA  1 
ATOM   1015 C C   . GLN   A 1 116 ? -2.839  2.005   -16.353 1.00 12.92 ? 122 GLN   B C   1 
ATOM   1016 O O   . GLN   A 1 116 ? -3.067  2.421   -17.497 1.00 13.82 ? 122 GLN   B O   1 
ATOM   1017 C CB  . GLN   A 1 116 ? -1.311  3.357   -14.821 1.00 19.96 ? 122 GLN   B CB  1 
ATOM   1018 C CG  . GLN   A 1 116 ? -1.721  4.680   -15.424 1.00 27.80 ? 122 GLN   B CG  1 
ATOM   1019 C CD  . GLN   A 1 116 ? -0.545  5.492   -15.899 1.00 37.61 ? 122 GLN   B CD  1 
ATOM   1020 O OE1 . GLN   A 1 116 ? 0.493   4.965   -16.314 1.00 42.55 ? 122 GLN   B OE1 1 
ATOM   1021 N NE2 . GLN   A 1 116 ? -0.730  6.804   -15.861 1.00 44.64 ? 122 GLN   B NE2 1 
ATOM   1022 N N   . THR   A 1 117 ? -3.746  1.495   -15.561 1.00 11.06 ? 123 THR   B N   1 
ATOM   1023 C CA  . THR   A 1 117 ? -5.128  1.185   -15.964 1.00 11.18 ? 123 THR   B CA  1 
ATOM   1024 C C   . THR   A 1 117 ? -6.084  2.087   -15.204 1.00 10.92 ? 123 THR   B C   1 
ATOM   1025 O O   . THR   A 1 117 ? -6.076  2.085   -13.964 1.00 11.81 ? 123 THR   B O   1 
ATOM   1026 C CB  . THR   A 1 117 ? -5.446  -0.298  -15.754 1.00 10.66 ? 123 THR   B CB  1 
ATOM   1027 O OG1 . THR   A 1 117 ? -4.520  -1.074  -16.506 1.00 12.04 ? 123 THR   B OG1 1 
ATOM   1028 C CG2 . THR   A 1 117 ? -6.863  -0.625  -16.154 1.00 11.55 ? 123 THR   B CG2 1 
ATOM   1029 N N   . THR   A 1 118 ? -6.998  2.733   -15.916 1.00 11.20 ? 124 THR   B N   1 
ATOM   1030 C CA  . THR   A 1 118 ? -8.061  3.535   -15.296 1.00 11.73 ? 124 THR   B CA  1 
ATOM   1031 C C   . THR   A 1 118 ? -9.013  2.679   -14.466 1.00 11.20 ? 124 THR   B C   1 
ATOM   1032 O O   . THR   A 1 118 ? -9.453  1.587   -14.963 1.00 13.03 ? 124 THR   B O   1 
ATOM   1033 C CB  . THR   A 1 118 ? -8.817  4.252   -16.429 1.00 14.13 ? 124 THR   B CB  1 
ATOM   1034 O OG1 . THR   A 1 118 ? -7.920  5.150   -17.072 1.00 17.00 ? 124 THR   B OG1 1 
ATOM   1035 C CG2 . THR   A 1 118 ? -10.082 4.925   -15.935 1.00 16.64 ? 124 THR   B CG2 1 
ATOM   1036 N N   . LEU   A 1 119 ? -9.348  3.064   -13.260 1.00 10.23 ? 125 LEU   B N   1 
ATOM   1037 C CA  . LEU   A 1 119 ? -10.321 2.389   -12.406 1.00 9.86  ? 125 LEU   B CA  1 
ATOM   1038 C C   . LEU   A 1 119 ? -11.638 3.169   -12.499 1.00 11.85 ? 125 LEU   B C   1 
ATOM   1039 O O   . LEU   A 1 119 ? -11.646 4.367   -12.889 1.00 15.09 ? 125 LEU   B O   1 
ATOM   1040 C CB  . LEU   A 1 119 ? -9.854  2.291   -10.941 1.00 10.39 ? 125 LEU   B CB  1 
ATOM   1041 C CG  . LEU   A 1 119 ? -8.542  1.529   -10.782 1.00 9.80  ? 125 LEU   B CG  1 
ATOM   1042 C CD1 . LEU   A 1 119 ? -8.060  1.592   -9.346  1.00 10.08 ? 125 LEU   B CD1 1 
ATOM   1043 C CD2 . LEU   A 1 119 ? -8.653  0.069   -11.254 1.00 10.71 ? 125 LEU   B CD2 1 
ATOM   1044 N N   . HIS   A 1 120 ? -12.748 2.501   -12.260 1.00 11.88 ? 126 HIS   B N   1 
ATOM   1045 C CA  . HIS   A 1 120 ? -14.125 3.051   -12.368 1.00 12.92 ? 126 HIS   B CA  1 
ATOM   1046 C C   . HIS   A 1 120 ? -14.757 2.985   -10.991 1.00 14.64 ? 126 HIS   B C   1 
ATOM   1047 O O   . HIS   A 1 120 ? -15.240 1.915   -10.541 1.00 18.67 ? 126 HIS   B O   1 
ATOM   1048 C CB  . HIS   A 1 120 ? -14.918 2.229   -13.397 1.00 12.88 ? 126 HIS   B CB  1 
ATOM   1049 C CG  . HIS   A 1 120 ? -14.325 2.238   -14.758 1.00 13.36 ? 126 HIS   B CG  1 
ATOM   1050 N ND1 . HIS   A 1 120 ? -13.493 1.226   -15.210 1.00 14.80 ? 126 HIS   B ND1 1 
ATOM   1051 C CD2 . HIS   A 1 120 ? -14.388 3.130   -15.737 1.00 14.87 ? 126 HIS   B CD2 1 
ATOM   1052 C CE1 . HIS   A 1 120 ? -13.118 1.516   -16.446 1.00 16.65 ? 126 HIS   B CE1 1 
ATOM   1053 N NE2 . HIS   A 1 120 ? -13.641 2.670   -16.800 1.00 15.80 ? 126 HIS   B NE2 1 
ATOM   1054 N N   . ILE   A 1 121 ? -14.673 4.061   -10.251 1.00 17.17 ? 127 ILE   B N   1 
ATOM   1055 C CA  . ILE   A 1 121 ? -15.163 4.125   -8.850  1.00 19.07 ? 127 ILE   B CA  1 
ATOM   1056 C C   . ILE   A 1 121 ? -16.209 5.262   -8.772  1.00 18.67 ? 127 ILE   B C   1 
ATOM   1057 O O   . ILE   A 1 121 ? -15.892 6.400   -9.084  1.00 24.94 ? 127 ILE   B O   1 
ATOM   1058 C CB  . ILE   A 1 121 ? -13.969 4.362   -7.902  1.00 19.77 ? 127 ILE   B CB  1 
ATOM   1059 C CG1 . ILE   A 1 121 ? -12.985 3.173   -7.952  1.00 18.29 ? 127 ILE   B CG1 1 
ATOM   1060 C CG2 . ILE   A 1 121 ? -14.504 4.703   -6.508  1.00 24.29 ? 127 ILE   B CG2 1 
ATOM   1061 C CD1 . ILE   A 1 121 ? -11.800 3.229   -6.989  1.00 18.63 ? 127 ILE   B CD1 1 
ATOM   1062 N N   . GLN   A 1 122 ? -17.443 4.908   -8.470  1.00 21.56 ? 128 GLN   B N   1 
ATOM   1063 C CA  . GLN   A 1 122 ? -18.573 5.880   -8.378  1.00 23.82 ? 128 GLN   B CA  1 
ATOM   1064 C C   . GLN   A 1 122 ? -18.634 6.456   -6.962  1.00 21.76 ? 128 GLN   B C   1 
ATOM   1065 O O   . GLN   A 1 122 ? -18.998 7.653   -6.831  1.00 22.64 ? 128 GLN   B O   1 
ATOM   1066 C CB  . GLN   A 1 122 ? -19.884 5.169   -8.715  1.00 27.10 ? 128 GLN   B CB  1 
ATOM   1067 C CG  . GLN   A 1 122 ? -21.120 6.068   -8.630  1.00 35.01 ? 128 GLN   B CG  1 
ATOM   1068 C CD  . GLN   A 1 122 ? -21.075 7.245   -9.585  1.00 39.59 ? 128 GLN   B CD  1 
ATOM   1069 O OE1 . GLN   A 1 122 ? -20.358 7.240   -10.588 1.00 47.43 ? 128 GLN   B OE1 1 
ATOM   1070 N NE2 . GLN   A 1 122 ? -21.846 8.278   -9.273  1.00 41.43 ? 128 GLN   B NE2 1 
ATOM   1071 N N   . VAL   A 1 123 ? -18.231 5.674   -5.963  1.00 19.17 ? 129 VAL   B N   1 
ATOM   1072 C CA  . VAL   A 1 123 ? -18.266 6.092   -4.521  1.00 17.32 ? 129 VAL   B CA  1 
ATOM   1073 C C   . VAL   A 1 123 ? -16.837 6.207   -4.000  1.00 16.89 ? 129 VAL   B C   1 
ATOM   1074 O O   . VAL   A 1 123 ? -16.214 5.164   -3.773  1.00 15.98 ? 129 VAL   B O   1 
ATOM   1075 C CB  . VAL   A 1 123 ? -19.086 5.110   -3.677  1.00 19.03 ? 129 VAL   B CB  1 
ATOM   1076 C CG1 . VAL   A 1 123 ? -19.052 5.472   -2.178  1.00 20.33 ? 129 VAL   B CG1 1 
ATOM   1077 C CG2 . VAL   A 1 123 ? -20.529 5.053   -4.179  1.00 20.93 ? 129 VAL   B CG2 1 
ATOM   1078 N N   . PRO   A 1 124 ? -16.229 7.409   -3.920  1.00 15.58 ? 130 PRO   B N   1 
ATOM   1079 C CA  . PRO   A 1 124 ? -14.835 7.537   -3.475  1.00 16.33 ? 130 PRO   B CA  1 
ATOM   1080 C C   . PRO   A 1 124 ? -14.647 6.789   -2.173  1.00 15.25 ? 130 PRO   B C   1 
ATOM   1081 O O   . PRO   A 1 124 ? -15.370 6.963   -1.203  1.00 16.61 ? 130 PRO   B O   1 
ATOM   1082 C CB  . PRO   A 1 124 ? -14.654 9.057   -3.277  1.00 18.88 ? 130 PRO   B CB  1 
ATOM   1083 C CG  . PRO   A 1 124 ? -15.610 9.632   -4.340  1.00 19.12 ? 130 PRO   B CG  1 
ATOM   1084 C CD  . PRO   A 1 124 ? -16.797 8.715   -4.329  1.00 18.16 ? 130 PRO   B CD  1 
ATOM   1085 N N   . PRO   A 1 125 ? -13.713 5.818   -2.096  1.00 13.76 ? 131 PRO   B N   1 
ATOM   1086 C CA  . PRO   A 1 125 ? -13.553 5.045   -0.889  1.00 13.22 ? 131 PRO   B CA  1 
ATOM   1087 C C   . PRO   A 1 125 ? -12.915 5.824   0.265   1.00 13.11 ? 131 PRO   B C   1 
ATOM   1088 O O   . PRO   A 1 125 ? -11.958 6.546   0.027   1.00 13.90 ? 131 PRO   B O   1 
ATOM   1089 C CB  . PRO   A 1 125 ? -12.680 3.851   -1.345  1.00 14.06 ? 131 PRO   B CB  1 
ATOM   1090 C CG  . PRO   A 1 125 ? -12.000 4.340   -2.570  1.00 15.91 ? 131 PRO   B CG  1 
ATOM   1091 C CD  . PRO   A 1 125 ? -12.938 5.308   -3.236  1.00 14.56 ? 131 PRO   B CD  1 
ATOM   1092 N N   . CYS   A 1 126 ? -13.398 5.558   1.463   1.00 13.32 ? 132 CYS   B N   1 
ATOM   1093 C CA  . CYS   A 1 126 ? -12.732 5.976   2.724   1.00 13.68 ? 132 CYS   B CA  1 
ATOM   1094 C C   . CYS   A 1 126 ? -11.905 4.837   3.321   1.00 13.32 ? 132 CYS   B C   1 
ATOM   1095 O O   . CYS   A 1 126 ? -11.004 5.077   4.107   1.00 12.19 ? 132 CYS   B O   1 
ATOM   1096 C CB  . CYS   A 1 126 ? -13.736 6.490   3.747   1.00 16.63 ? 132 CYS   B CB  1 
ATOM   1097 S SG  . CYS   A 1 126 ? -14.641 7.956   3.166   1.00 24.37 ? 132 CYS   B SG  1 
ATOM   1098 N N   A GLN   A 1 127 ? -12.243 3.572   3.023   0.25 12.65 ? 133 GLN   B N   1 
ATOM   1099 N N   B GLN   A 1 127 ? -12.185 3.618   2.859   0.25 13.41 ? 133 GLN   B N   1 
ATOM   1100 C CA  A GLN   A 1 127 ? -11.418 2.398   3.423   0.25 12.96 ? 133 GLN   B CA  1 
ATOM   1101 C CA  B GLN   A 1 127 ? -11.548 2.382   3.355   0.25 14.49 ? 133 GLN   B CA  1 
ATOM   1102 C C   A GLN   A 1 127 ? -11.369 1.396   2.264   0.25 11.89 ? 133 GLN   B C   1 
ATOM   1103 C C   B GLN   A 1 127 ? -11.347 1.465   2.147   0.25 12.80 ? 133 GLN   B C   1 
ATOM   1104 O O   A GLN   A 1 127 ? -12.408 1.150   1.602   0.25 10.77 ? 133 GLN   B O   1 
ATOM   1105 O O   B GLN   A 1 127 ? -12.221 1.432   1.256   0.25 11.67 ? 133 GLN   B O   1 
ATOM   1106 C CB  A GLN   A 1 127 ? -11.896 1.664   4.684   0.25 14.24 ? 133 GLN   B CB  1 
ATOM   1107 C CB  B GLN   A 1 127 ? -12.393 1.761   4.469   0.25 17.62 ? 133 GLN   B CB  1 
ATOM   1108 C CG  A GLN   A 1 127 ? -11.986 2.515   5.945   0.25 15.73 ? 133 GLN   B CG  1 
ATOM   1109 C CG  B GLN   A 1 127 ? -12.378 2.565   5.760   0.25 20.04 ? 133 GLN   B CG  1 
ATOM   1110 C CD  A GLN   A 1 127 ? -13.332 3.184   6.066   0.25 17.04 ? 133 GLN   B CD  1 
ATOM   1111 C CD  B GLN   A 1 127 ? -12.612 1.736   6.999   0.25 22.18 ? 133 GLN   B CD  1 
ATOM   1112 O OE1 A GLN   A 1 127 ? -14.348 2.643   5.640   0.25 17.70 ? 133 GLN   B OE1 1 
ATOM   1113 O OE1 B GLN   A 1 127 ? -12.512 0.507   7.003   0.25 28.66 ? 133 GLN   B OE1 1 
ATOM   1114 N NE2 A GLN   A 1 127 ? -13.343 4.378   6.640   0.25 16.78 ? 133 GLN   B NE2 1 
ATOM   1115 N NE2 B GLN   A 1 127 ? -12.915 2.426   8.081   0.25 24.66 ? 133 GLN   B NE2 1 
ATOM   1116 N N   . ILE   A 1 128 ? -10.173 0.841   2.071   1.00 11.48 ? 134 ILE   B N   1 
ATOM   1117 C CA  . ILE   A 1 128 ? -9.798  -0.089  0.975   1.00 11.18 ? 134 ILE   B CA  1 
ATOM   1118 C C   . ILE   A 1 128 ? -9.519  -1.437  1.637   1.00 11.62 ? 134 ILE   B C   1 
ATOM   1119 O O   . ILE   A 1 128 ? -8.738  -1.507  2.615   1.00 10.80 ? 134 ILE   B O   1 
ATOM   1120 C CB  . ILE   A 1 128 ? -8.556  0.437   0.246   1.00 12.02 ? 134 ILE   B CB  1 
ATOM   1121 C CG1 . ILE   A 1 128 ? -8.693  1.831   -0.397  1.00 14.99 ? 134 ILE   B CG1 1 
ATOM   1122 C CG2 . ILE   A 1 128 ? -8.119  -0.606  -0.793  1.00 12.38 ? 134 ILE   B CG2 1 
ATOM   1123 C CD1 . ILE   A 1 128 ? -9.611  1.841   -1.533  1.00 14.22 ? 134 ILE   B CD1 1 
ATOM   1124 N N   . GLY   A 1 129 ? -10.073 -2.517  1.086   1.00 10.91 ? 135 GLY   B N   1 
ATOM   1125 C CA  . GLY   A 1 129 ? -9.703  -3.886  1.446   1.00 10.43 ? 135 GLY   B CA  1 
ATOM   1126 C C   . GLY   A 1 129 ? -8.762  -4.495  0.441   1.00 10.47 ? 135 GLY   B C   1 
ATOM   1127 O O   . GLY   A 1 129 ? -8.940  -4.268  -0.756  1.00 10.67 ? 135 GLY   B O   1 
ATOM   1128 N N   . ILE   A 1 130 ? -7.723  -5.173  0.922   1.00 10.43 ? 136 ILE   B N   1 
ATOM   1129 C CA  . ILE   A 1 130 ? -6.674  -5.797  0.069   1.00 9.66  ? 136 ILE   B CA  1 
ATOM   1130 C C   . ILE   A 1 130 ? -6.645  -7.291  0.378   1.00 10.43 ? 136 ILE   B C   1 
ATOM   1131 O O   . ILE   A 1 130 ? -6.522  -7.689  1.547   1.00 10.80 ? 136 ILE   B O   1 
ATOM   1132 C CB  . ILE   A 1 130 ? -5.305  -5.148  0.339   1.00 10.54 ? 136 ILE   B CB  1 
ATOM   1133 C CG1 . ILE   A 1 130 ? -5.393  -3.651  0.057   1.00 12.16 ? 136 ILE   B CG1 1 
ATOM   1134 C CG2 . ILE   A 1 130 ? -4.212  -5.812  -0.500  1.00 11.26 ? 136 ILE   B CG2 1 
ATOM   1135 C CD1 . ILE   A 1 130 ? -4.187  -2.918  0.421   1.00 14.48 ? 136 ILE   B CD1 1 
ATOM   1136 N N   . PHE   A 1 131 ? -6.847  -8.092  -0.656  1.00 10.07 ? 137 PHE   B N   1 
ATOM   1137 C CA  . PHE   A 1 131 ? -6.854  -9.565  -0.562  1.00 10.19 ? 137 PHE   B CA  1 
ATOM   1138 C C   . PHE   A 1 131 ? -5.730  -10.114 -1.417  1.00 9.91  ? 137 PHE   B C   1 
ATOM   1139 O O   . PHE   A 1 131 ? -5.603  -9.773  -2.592  1.00 10.84 ? 137 PHE   B O   1 
ATOM   1140 C CB  . PHE   A 1 131 ? -8.187  -10.121 -1.064  1.00 11.59 ? 137 PHE   B CB  1 
ATOM   1141 C CG  . PHE   A 1 131 ? -8.254  -11.627 -1.110  1.00 12.85 ? 137 PHE   B CG  1 
ATOM   1142 C CD1 . PHE   A 1 131 ? -8.273  -12.347 0.058   1.00 13.39 ? 137 PHE   B CD1 1 
ATOM   1143 C CD2 . PHE   A 1 131 ? -8.342  -12.314 -2.305  1.00 14.13 ? 137 PHE   B CD2 1 
ATOM   1144 C CE1 . PHE   A 1 131 ? -8.356  -13.741 0.024   1.00 15.46 ? 137 PHE   B CE1 1 
ATOM   1145 C CE2 . PHE   A 1 131 ? -8.386  -13.711 -2.336  1.00 15.53 ? 137 PHE   B CE2 1 
ATOM   1146 C CZ  . PHE   A 1 131 ? -8.400  -14.400 -1.166  1.00 14.65 ? 137 PHE   B CZ  1 
ATOM   1147 N N   . VAL   A 1 132 ? -4.927  -11.005 -0.844  1.00 10.13 ? 138 VAL   B N   1 
ATOM   1148 C CA  . VAL   A 1 132 ? -3.822  -11.714 -1.538  1.00 10.61 ? 138 VAL   B CA  1 
ATOM   1149 C C   . VAL   A 1 132 ? -4.069  -13.216 -1.430  1.00 9.87  ? 138 VAL   B C   1 
ATOM   1150 O O   . VAL   A 1 132 ? -4.195  -13.736 -0.321  1.00 11.50 ? 138 VAL   B O   1 
ATOM   1151 C CB  . VAL   A 1 132 ? -2.444  -11.326 -0.989  1.00 11.20 ? 138 VAL   B CB  1 
ATOM   1152 C CG1 . VAL   A 1 132 ? -1.380  -12.092 -1.748  1.00 12.47 ? 138 VAL   B CG1 1 
ATOM   1153 C CG2 . VAL   A 1 132 ? -2.223  -9.806  -1.059  1.00 12.42 ? 138 VAL   B CG2 1 
ATOM   1154 N N   . ASP   A 1 133 ? -4.115  -13.881 -2.567  1.00 10.19 ? 139 ASP   B N   1 
ATOM   1155 C CA  . ASP   A 1 133 ? -4.094  -15.373 -2.635  1.00 11.50 ? 139 ASP   B CA  1 
ATOM   1156 C C   . ASP   A 1 133 ? -2.756  -15.753 -3.256  1.00 10.61 ? 139 ASP   B C   1 
ATOM   1157 O O   . ASP   A 1 133 ? -2.561  -15.628 -4.470  1.00 10.70 ? 139 ASP   B O   1 
ATOM   1158 C CB  . ASP   A 1 133 ? -5.310  -15.918 -3.363  1.00 12.12 ? 139 ASP   B CB  1 
ATOM   1159 C CG  . ASP   A 1 133 ? -5.379  -17.443 -3.423  1.00 14.13 ? 139 ASP   B CG  1 
ATOM   1160 O OD1 . ASP   A 1 133 ? -4.306  -18.103 -3.278  1.00 14.74 ? 139 ASP   B OD1 1 
ATOM   1161 O OD2 . ASP   A 1 133 ? -6.565  -17.897 -3.633  1.00 18.57 ? 139 ASP   B OD2 1 
ATOM   1162 N N   . TYR   A 1 134 ? -1.805  -16.173 -2.405  1.00 11.27 ? 140 TYR   B N   1 
ATOM   1163 C CA  . TYR   A 1 134 ? -0.441  -16.446 -2.891  1.00 11.53 ? 140 TYR   B CA  1 
ATOM   1164 C C   . TYR   A 1 134 ? -0.431  -17.562 -3.950  1.00 11.74 ? 140 TYR   B C   1 
ATOM   1165 O O   . TYR   A 1 134 ? 0.118   -17.411 -4.994  1.00 13.29 ? 140 TYR   B O   1 
ATOM   1166 C CB  . TYR   A 1 134 ? 0.497   -16.743 -1.717  1.00 11.68 ? 140 TYR   B CB  1 
ATOM   1167 C CG  . TYR   A 1 134 ? 1.944   -16.584 -2.137  1.00 11.82 ? 140 TYR   B CG  1 
ATOM   1168 C CD1 . TYR   A 1 134 ? 2.593   -17.516 -2.926  1.00 12.62 ? 140 TYR   B CD1 1 
ATOM   1169 C CD2 . TYR   A 1 134 ? 2.661   -15.430 -1.831  1.00 11.60 ? 140 TYR   B CD2 1 
ATOM   1170 C CE1 . TYR   A 1 134 ? 3.882   -17.319 -3.369  1.00 11.76 ? 140 TYR   B CE1 1 
ATOM   1171 C CE2 . TYR   A 1 134 ? 3.953   -15.220 -2.272  1.00 11.88 ? 140 TYR   B CE2 1 
ATOM   1172 C CZ  . TYR   A 1 134 ? 4.586   -16.169 -3.044  1.00 11.63 ? 140 TYR   B CZ  1 
ATOM   1173 O OH  . TYR   A 1 134 ? 5.846   -15.996 -3.522  1.00 11.79 ? 140 TYR   B OH  1 
ATOM   1174 N N   . GLU   A 1 135 ? -1.105  -18.641 -3.621  1.00 13.74 ? 141 GLU   B N   1 
ATOM   1175 C CA  . GLU   A 1 135 ? -1.051  -19.858 -4.484  1.00 14.69 ? 141 GLU   B CA  1 
ATOM   1176 C C   . GLU   A 1 135 ? -1.697  -19.547 -5.823  1.00 13.97 ? 141 GLU   B C   1 
ATOM   1177 O O   . GLU   A 1 135 ? -1.123  -19.889 -6.865  1.00 16.18 ? 141 GLU   B O   1 
ATOM   1178 C CB  . GLU   A 1 135 ? -1.774  -21.018 -3.816  1.00 16.96 ? 141 GLU   B CB  1 
ATOM   1179 C CG  . GLU   A 1 135 ? -0.944  -21.735 -2.759  1.00 25.07 ? 141 GLU   B CG  1 
ATOM   1180 C CD  . GLU   A 1 135 ? -0.329  -20.893 -1.700  1.00 29.63 ? 141 GLU   B CD  1 
ATOM   1181 O OE1 . GLU   A 1 135 ? 0.859   -20.990 -1.531  1.00 23.06 ? 141 GLU   B OE1 1 
ATOM   1182 O OE2 . GLU   A 1 135 ? -1.064  -20.122 -1.056  1.00 33.31 ? 141 GLU   B OE2 1 
ATOM   1183 N N   . ALA   A 1 136 ? -2.820  -18.832 -5.821  1.00 12.66 ? 142 ALA   B N   1 
ATOM   1184 C CA  . ALA   A 1 136 ? -3.554  -18.520 -7.044  1.00 13.75 ? 142 ALA   B CA  1 
ATOM   1185 C C   . ALA   A 1 136 ? -2.873  -17.421 -7.858  1.00 14.07 ? 142 ALA   B C   1 
ATOM   1186 O O   . ALA   A 1 136 ? -3.188  -17.286 -9.035  1.00 16.14 ? 142 ALA   B O   1 
ATOM   1187 C CB  . ALA   A 1 136 ? -4.967  -18.124 -6.714  1.00 15.40 ? 142 ALA   B CB  1 
ATOM   1188 N N   . GLY   A 1 137 ? -1.960  -16.636 -7.283  1.00 11.52 ? 143 GLY   B N   1 
ATOM   1189 C CA  . GLY   A 1 137 ? -1.383  -15.483 -7.976  1.00 10.97 ? 143 GLY   B CA  1 
ATOM   1190 C C   . GLY   A 1 137 ? -2.393  -14.338 -8.159  1.00 10.17 ? 143 GLY   B C   1 
ATOM   1191 O O   . GLY   A 1 137 ? -2.479  -13.848 -9.288  1.00 10.77 ? 143 GLY   B O   1 
ATOM   1192 N N   . VAL   A 1 138 ? -3.112  -13.988 -7.101  1.00 10.69 ? 144 VAL   B N   1 
ATOM   1193 C CA  . VAL   A 1 138 ? -4.176  -12.940 -7.173  1.00 10.65 ? 144 VAL   B CA  1 
ATOM   1194 C C   . VAL   A 1 138 ? -3.919  -11.884 -6.104  1.00 9.98  ? 144 VAL   B C   1 
ATOM   1195 O O   . VAL   A 1 138 ? -3.684  -12.218 -4.937  1.00 10.39 ? 144 VAL   B O   1 
ATOM   1196 C CB  . VAL   A 1 138 ? -5.552  -13.596 -6.959  1.00 11.33 ? 144 VAL   B CB  1 
ATOM   1197 C CG1 . VAL   A 1 138 ? -6.659  -12.554 -6.681  1.00 12.25 ? 144 VAL   B CG1 1 
ATOM   1198 C CG2 . VAL   A 1 138 ? -5.862  -14.504 -8.150  1.00 12.99 ? 144 VAL   B CG2 1 
ATOM   1199 N N   . VAL   A 1 139 ? -4.109  -10.634 -6.516  1.00 9.84  ? 145 VAL   B N   1 
ATOM   1200 C CA  . VAL   A 1 139 ? -4.226  -9.469  -5.592  1.00 9.74  ? 145 VAL   B CA  1 
ATOM   1201 C C   . VAL   A 1 139 ? -5.495  -8.680  -5.964  1.00 9.06  ? 145 VAL   B C   1 
ATOM   1202 O O   . VAL   A 1 139 ? -5.580  -8.213  -7.126  1.00 9.76  ? 145 VAL   B O   1 
ATOM   1203 C CB  . VAL   A 1 139 ? -2.989  -8.554  -5.653  1.00 9.60  ? 145 VAL   B CB  1 
ATOM   1204 C CG1 . VAL   A 1 139 ? -3.077  -7.429  -4.609  1.00 9.86  ? 145 VAL   B CG1 1 
ATOM   1205 C CG2 . VAL   A 1 139 ? -1.711  -9.347  -5.475  1.00 10.36 ? 145 VAL   B CG2 1 
ATOM   1206 N N   . SER   A 1 140 ? -6.429  -8.563  -5.041  1.00 8.99  ? 146 SER   B N   1 
ATOM   1207 C CA  . SER   A 1 140 ? -7.701  -7.868  -5.294  1.00 9.94  ? 146 SER   B CA  1 
ATOM   1208 C C   . SER   A 1 140 ? -7.889  -6.740  -4.288  1.00 9.53  ? 146 SER   B C   1 
ATOM   1209 O O   . SER   A 1 140 ? -7.468  -6.833  -3.149  1.00 9.86  ? 146 SER   B O   1 
ATOM   1210 C CB  . SER   A 1 140 ? -8.858  -8.842  -5.247  1.00 10.03 ? 146 SER   B CB  1 
ATOM   1211 O OG  . SER   A 1 140 ? -8.801  -9.769  -6.345  1.00 11.73 ? 146 SER   B OG  1 
ATOM   1212 N N   . PHE   A 1 141 ? -8.595  -5.713  -4.750  1.00 9.16  ? 147 PHE   B N   1 
ATOM   1213 C CA  . PHE   A 1 141 ? -8.868  -4.474  -4.015  1.00 9.50  ? 147 PHE   B CA  1 
ATOM   1214 C C   . PHE   A 1 141 ? -10.371 -4.285  -3.962  1.00 9.64  ? 147 PHE   B C   1 
ATOM   1215 O O   . PHE   A 1 141 ? -11.047 -4.378  -5.027  1.00 9.33  ? 147 PHE   B O   1 
ATOM   1216 C CB  . PHE   A 1 141 ? -8.161  -3.272  -4.666  1.00 9.13  ? 147 PHE   B CB  1 
ATOM   1217 C CG  . PHE   A 1 141 ? -6.659  -3.381  -4.672  1.00 8.93  ? 147 PHE   B CG  1 
ATOM   1218 C CD1 . PHE   A 1 141 ? -5.995  -4.110  -5.661  1.00 8.78  ? 147 PHE   B CD1 1 
ATOM   1219 C CD2 . PHE   A 1 141 ? -5.899  -2.728  -3.708  1.00 9.10  ? 147 PHE   B CD2 1 
ATOM   1220 C CE1 . PHE   A 1 141 ? -4.612  -4.236  -5.634  1.00 8.95  ? 147 PHE   B CE1 1 
ATOM   1221 C CE2 . PHE   A 1 141 ? -4.512  -2.876  -3.692  1.00 8.92  ? 147 PHE   B CE2 1 
ATOM   1222 C CZ  . PHE   A 1 141 ? -3.864  -3.606  -4.661  1.00 9.06  ? 147 PHE   B CZ  1 
ATOM   1223 N N   . TYR   A 1 142 ? -10.864 -3.875  -2.811  1.00 9.46  ? 148 TYR   B N   1 
ATOM   1224 C CA  . TYR   A 1 142 ? -12.314 -3.760  -2.519  1.00 10.91 ? 148 TYR   B CA  1 
ATOM   1225 C C   . TYR   A 1 142 ? -12.599 -2.382  -1.925  1.00 11.39 ? 148 TYR   B C   1 
ATOM   1226 O O   . TYR   A 1 142 ? -11.883 -1.846  -1.092  1.00 11.29 ? 148 TYR   B O   1 
ATOM   1227 C CB  . TYR   A 1 142 ? -12.829 -4.883  -1.624  1.00 11.40 ? 148 TYR   B CB  1 
ATOM   1228 C CG  . TYR   A 1 142 ? -12.684 -6.242  -2.249  1.00 11.63 ? 148 TYR   B CG  1 
ATOM   1229 C CD1 . TYR   A 1 142 ? -13.606 -6.734  -3.154  1.00 11.62 ? 148 TYR   B CD1 1 
ATOM   1230 C CD2 . TYR   A 1 142 ? -11.535 -7.000  -2.063  1.00 12.25 ? 148 TYR   B CD2 1 
ATOM   1231 C CE1 . TYR   A 1 142 ? -13.425 -7.942  -3.796  1.00 13.01 ? 148 TYR   B CE1 1 
ATOM   1232 C CE2 . TYR   A 1 142 ? -11.349 -8.234  -2.668  1.00 13.06 ? 148 TYR   B CE2 1 
ATOM   1233 C CZ  . TYR   A 1 142 ? -12.316 -8.723  -3.520  1.00 12.87 ? 148 TYR   B CZ  1 
ATOM   1234 O OH  . TYR   A 1 142 ? -12.120 -9.914  -4.189  1.00 15.32 ? 148 TYR   B OH  1 
ATOM   1235 N N   . ASN   A 1 143 ? -13.762 -1.849  -2.265  1.00 12.22 ? 149 ASN   B N   1 
ATOM   1236 C CA  . ASN   A 1 143 ? -14.269 -0.521  -1.801  1.00 12.18 ? 149 ASN   B CA  1 
ATOM   1237 C C   . ASN   A 1 143 ? -15.130 -0.779  -0.571  1.00 11.45 ? 149 ASN   B C   1 
ATOM   1238 O O   . ASN   A 1 143 ? -16.342 -1.128  -0.714  1.00 13.49 ? 149 ASN   B O   1 
ATOM   1239 C CB  . ASN   A 1 143 ? -15.022 0.162   -2.930  1.00 11.59 ? 149 ASN   B CB  1 
ATOM   1240 C CG  . ASN   A 1 143 ? -15.481 1.565   -2.576  1.00 12.27 ? 149 ASN   B CG  1 
ATOM   1241 O OD1 . ASN   A 1 143 ? -15.542 1.885   -1.378  1.00 13.80 ? 149 ASN   B OD1 1 
ATOM   1242 N ND2 . ASN   A 1 143 ? -15.756 2.348   -3.580  1.00 14.05 ? 149 ASN   B ND2 1 
ATOM   1243 N N   . ILE   A 1 144 ? -14.613 -0.626  0.632   1.00 12.90 ? 150 ILE   B N   1 
ATOM   1244 C CA  . ILE   A 1 144 ? -15.363 -0.966  1.866   1.00 13.90 ? 150 ILE   B CA  1 
ATOM   1245 C C   . ILE   A 1 144 ? -16.512 0.049   2.037   1.00 15.53 ? 150 ILE   B C   1 
ATOM   1246 O O   . ILE   A 1 144 ? -17.576 -0.358  2.569   1.00 17.47 ? 150 ILE   B O   1 
ATOM   1247 C CB  . ILE   A 1 144 ? -14.409 -0.975  3.061   1.00 14.54 ? 150 ILE   B CB  1 
ATOM   1248 C CG1 . ILE   A 1 144 ? -13.238 -1.945  2.859   1.00 15.99 ? 150 ILE   B CG1 1 
ATOM   1249 C CG2 . ILE   A 1 144 ? -15.150 -1.251  4.361   1.00 16.30 ? 150 ILE   B CG2 1 
ATOM   1250 C CD1 . ILE   A 1 144 ? -13.643 -3.270  2.288   1.00 18.30 ? 150 ILE   B CD1 1 
ATOM   1251 N N   . THR   A 1 145 ? -16.332 1.284   1.597   1.00 15.04 ? 151 THR   B N   1 
ATOM   1252 C CA  . THR   A 1 145 ? -17.360 2.371   1.700   1.00 15.83 ? 151 THR   B CA  1 
ATOM   1253 C C   . THR   A 1 145 ? -18.576 1.986   0.858   1.00 19.05 ? 151 THR   B C   1 
ATOM   1254 O O   . THR   A 1 145 ? -19.711 2.291   1.274   1.00 22.00 ? 151 THR   B O   1 
ATOM   1255 C CB  . THR   A 1 145 ? -16.763 3.711   1.254   1.00 14.55 ? 151 THR   B CB  1 
ATOM   1256 O OG1 . THR   A 1 145 ? -15.569 3.922   2.004   1.00 16.03 ? 151 THR   B OG1 1 
ATOM   1257 C CG2 . THR   A 1 145 ? -17.742 4.844   1.501   1.00 16.90 ? 151 THR   B CG2 1 
ATOM   1258 N N   . ASP   A 1 146 ? -18.391 1.325   -0.280  1.00 16.41 ? 152 ASP   B N   1 
ATOM   1259 C CA  . ASP   A 1 146 ? -19.467 0.869   -1.203  1.00 17.77 ? 152 ASP   B CA  1 
ATOM   1260 C C   . ASP   A 1 146 ? -19.755 -0.627  -1.003  1.00 18.60 ? 152 ASP   B C   1 
ATOM   1261 O O   . ASP   A 1 146 ? -19.736 -1.333  -2.013  1.00 19.42 ? 152 ASP   B O   1 
ATOM   1262 C CB  . ASP   A 1 146 ? -19.096 1.269   -2.607  1.00 16.49 ? 152 ASP   B CB  1 
ATOM   1263 C CG  . ASP   A 1 146 ? -20.170 0.950   -3.614  1.00 21.55 ? 152 ASP   B CG  1 
ATOM   1264 O OD1 . ASP   A 1 146 ? -21.361 1.146   -3.280  1.00 23.39 ? 152 ASP   B OD1 1 
ATOM   1265 O OD2 . ASP   A 1 146 ? -19.793 0.475   -4.691  1.00 22.46 ? 152 ASP   B OD2 1 
ATOM   1266 N N   . HIS   A 1 147 ? -19.973 -1.081  0.222   1.00 21.04 ? 153 HIS   B N   1 
ATOM   1267 C CA  . HIS   A 1 147 ? -20.450 -2.452  0.540   1.00 24.41 ? 153 HIS   B CA  1 
ATOM   1268 C C   . HIS   A 1 147 ? -19.488 -3.479  -0.066  1.00 22.89 ? 153 HIS   B C   1 
ATOM   1269 O O   . HIS   A 1 147 ? -19.920 -4.530  -0.522  1.00 25.42 ? 153 HIS   B O   1 
ATOM   1270 C CB  . HIS   A 1 147 ? -21.863 -2.731  -0.004  1.00 29.88 ? 153 HIS   B CB  1 
ATOM   1271 C CG  . HIS   A 1 147 ? -22.875 -1.645  0.185   1.00 39.35 ? 153 HIS   B CG  1 
ATOM   1272 N ND1 . HIS   A 1 147 ? -23.407 -1.328  1.430   1.00 47.10 ? 153 HIS   B ND1 1 
ATOM   1273 C CD2 . HIS   A 1 147 ? -23.485 -0.836  -0.711  1.00 42.60 ? 153 HIS   B CD2 1 
ATOM   1274 C CE1 . HIS   A 1 147 ? -24.279 -0.346  1.296   1.00 50.08 ? 153 HIS   B CE1 1 
ATOM   1275 N NE2 . HIS   A 1 147 ? -24.354 -0.031  -0.015  1.00 47.09 ? 153 HIS   B NE2 1 
ATOM   1276 N N   . GLY   A 1 148 ? -18.200 -3.174  -0.113  1.00 18.32 ? 154 GLY   B N   1 
ATOM   1277 C CA  . GLY   A 1 148 ? -17.211 -4.198  -0.494  1.00 16.05 ? 154 GLY   B CA  1 
ATOM   1278 C C   . GLY   A 1 148 ? -17.067 -4.402  -1.989  1.00 14.65 ? 154 GLY   B C   1 
ATOM   1279 O O   . GLY   A 1 148 ? -16.592 -5.466  -2.336  1.00 16.11 ? 154 GLY   B O   1 
ATOM   1280 N N   . SER   A 1 149 ? -17.532 -3.512  -2.824  1.00 13.57 ? 155 SER   B N   1 
ATOM   1281 C CA  . SER   A 1 149 ? -17.544 -3.700  -4.291  1.00 12.53 ? 155 SER   B CA  1 
ATOM   1282 C C   . SER   A 1 149 ? -16.107 -3.853  -4.812  1.00 12.72 ? 155 SER   B C   1 
ATOM   1283 O O   . SER   A 1 149 ? -15.149 -3.199  -4.312  1.00 12.45 ? 155 SER   B O   1 
ATOM   1284 C CB  . SER   A 1 149 ? -18.263 -2.568  -4.974  1.00 13.50 ? 155 SER   B CB  1 
ATOM   1285 O OG  . SER   A 1 149 ? -17.703 -1.281  -4.719  1.00 14.74 ? 155 SER   B OG  1 
ATOM   1286 N N   . LEU   A 1 150 ? -15.909 -4.678  -5.807  1.00 11.39 ? 156 LEU   B N   1 
ATOM   1287 C CA  . LEU   A 1 150 ? -14.571 -4.868  -6.431  1.00 10.81 ? 156 LEU   B CA  1 
ATOM   1288 C C   . LEU   A 1 150 ? -14.111 -3.587  -7.110  1.00 10.59 ? 156 LEU   B C   1 
ATOM   1289 O O   . LEU   A 1 150 ? -14.800 -2.948  -7.931  1.00 11.64 ? 156 LEU   B O   1 
ATOM   1290 C CB  . LEU   A 1 150 ? -14.658 -6.015  -7.448  1.00 11.32 ? 156 LEU   B CB  1 
ATOM   1291 C CG  . LEU   A 1 150 ? -13.337 -6.382  -8.143  1.00 11.45 ? 156 LEU   B CG  1 
ATOM   1292 C CD1 . LEU   A 1 150 ? -12.327 -6.975  -7.171  1.00 11.47 ? 156 LEU   B CD1 1 
ATOM   1293 C CD2 . LEU   A 1 150 ? -13.638 -7.393  -9.276  1.00 12.55 ? 156 LEU   B CD2 1 
ATOM   1294 N N   . ILE   A 1 151 ? -12.846 -3.237  -6.838  1.00 9.69  ? 157 ILE   B N   1 
ATOM   1295 C CA  . ILE   A 1 151 ? -12.116 -2.157  -7.521  1.00 10.13 ? 157 ILE   B CA  1 
ATOM   1296 C C   . ILE   A 1 151 ? -11.248 -2.723  -8.644  1.00 9.52  ? 157 ILE   B C   1 
ATOM   1297 O O   . ILE   A 1 151 ? -11.262 -2.241  -9.770  1.00 9.60  ? 157 ILE   B O   1 
ATOM   1298 C CB  . ILE   A 1 151 ? -11.292 -1.355  -6.491  1.00 10.60 ? 157 ILE   B CB  1 
ATOM   1299 C CG1 . ILE   A 1 151 ? -12.191 -0.620  -5.501  1.00 10.80 ? 157 ILE   B CG1 1 
ATOM   1300 C CG2 . ILE   A 1 151 ? -10.388 -0.366  -7.223  1.00 10.47 ? 157 ILE   B CG2 1 
ATOM   1301 C CD1 . ILE   A 1 151 ? -11.440 0.031   -4.344  1.00 11.51 ? 157 ILE   B CD1 1 
ATOM   1302 N N   . TYR   A 1 152 ? -10.419 -3.729  -8.352  1.00 9.31  ? 158 TYR   B N   1 
ATOM   1303 C CA  . TYR   A 1 152 ? -9.447  -4.227  -9.339  1.00 8.83  ? 158 TYR   B CA  1 
ATOM   1304 C C   . TYR   A 1 152 ? -8.914  -5.583  -8.868  1.00 8.57  ? 158 TYR   B C   1 
ATOM   1305 O O   . TYR   A 1 152 ? -8.694  -5.764  -7.649  1.00 9.43  ? 158 TYR   B O   1 
ATOM   1306 C CB  . TYR   A 1 152 ? -8.225  -3.283  -9.488  1.00 9.09  ? 158 TYR   B CB  1 
ATOM   1307 C CG  . TYR   A 1 152 ? -7.384  -3.591  -10.687 1.00 9.10  ? 158 TYR   B CG  1 
ATOM   1308 C CD1 . TYR   A 1 152 ? -7.766  -3.216  -11.963 1.00 9.20  ? 158 TYR   B CD1 1 
ATOM   1309 C CD2 . TYR   A 1 152 ? -6.225  -4.349  -10.581 1.00 9.13  ? 158 TYR   B CD2 1 
ATOM   1310 C CE1 . TYR   A 1 152 ? -7.034  -3.554  -13.070 1.00 10.01 ? 158 TYR   B CE1 1 
ATOM   1311 C CE2 . TYR   A 1 152 ? -5.480  -4.699  -11.677 1.00 9.93  ? 158 TYR   B CE2 1 
ATOM   1312 C CZ  . TYR   A 1 152 ? -5.909  -4.344  -12.924 1.00 10.17 ? 158 TYR   B CZ  1 
ATOM   1313 O OH  . TYR   A 1 152 ? -5.206  -4.720  -14.039 1.00 12.72 ? 158 TYR   B OH  1 
ATOM   1314 N N   . THR   A 1 153 ? -8.675  -6.488  -9.829  1.00 8.61  ? 159 THR   B N   1 
ATOM   1315 C CA  . THR   A 1 153 ? -7.990  -7.775  -9.628  1.00 9.16  ? 159 THR   B CA  1 
ATOM   1316 C C   . THR   A 1 153 ? -6.801  -7.894  -10.536 1.00 9.08  ? 159 THR   B C   1 
ATOM   1317 O O   . THR   A 1 153 ? -6.928  -7.899  -11.754 1.00 10.12 ? 159 THR   B O   1 
ATOM   1318 C CB  . THR   A 1 153 ? -8.939  -8.970  -9.810  1.00 9.88  ? 159 THR   B CB  1 
ATOM   1319 O OG1 . THR   A 1 153 ? -9.896  -8.938  -8.751  1.00 10.15 ? 159 THR   B OG1 1 
ATOM   1320 C CG2 . THR   A 1 153 ? -8.177  -10.284 -9.799  1.00 10.84 ? 159 THR   B CG2 1 
ATOM   1321 N N   . PHE   A 1 154 ? -5.612  -8.010  -9.933  1.00 9.15  ? 160 PHE   B N   1 
ATOM   1322 C CA  . PHE   A 1 154 ? -4.409  -8.514  -10.644 1.00 8.79  ? 160 PHE   B CA  1 
ATOM   1323 C C   . PHE   A 1 154 ? -4.450  -10.051 -10.566 1.00 9.60  ? 160 PHE   B C   1 
ATOM   1324 O O   . PHE   A 1 154 ? -4.493  -10.618 -9.480  1.00 10.12 ? 160 PHE   B O   1 
ATOM   1325 C CB  . PHE   A 1 154 ? -3.108  -8.089  -9.955  1.00 9.06  ? 160 PHE   B CB  1 
ATOM   1326 C CG  . PHE   A 1 154 ? -2.768  -6.621  -9.993  1.00 8.14  ? 160 PHE   B CG  1 
ATOM   1327 C CD1 . PHE   A 1 154 ? -3.203  -5.746  -9.012  1.00 8.50  ? 160 PHE   B CD1 1 
ATOM   1328 C CD2 . PHE   A 1 154 ? -1.930  -6.137  -10.961 1.00 8.53  ? 160 PHE   B CD2 1 
ATOM   1329 C CE1 . PHE   A 1 154 ? -2.838  -4.408  -9.058  1.00 9.05  ? 160 PHE   B CE1 1 
ATOM   1330 C CE2 . PHE   A 1 154 ? -1.543  -4.805  -10.994 1.00 9.09  ? 160 PHE   B CE2 1 
ATOM   1331 C CZ  . PHE   A 1 154 ? -2.004  -3.950  -10.033 1.00 8.32  ? 160 PHE   B CZ  1 
ATOM   1332 N N   . SER   A 1 155 ? -4.475  -10.673 -11.730 1.00 11.61 ? 161 SER   B N   1 
ATOM   1333 C CA  . SER   A 1 155 ? -4.399  -12.139 -11.802 1.00 12.08 ? 161 SER   B CA  1 
ATOM   1334 C C   . SER   A 1 155 ? -3.185  -12.545 -12.611 1.00 11.97 ? 161 SER   B C   1 
ATOM   1335 O O   . SER   A 1 155 ? -2.514  -11.719 -13.233 1.00 13.67 ? 161 SER   B O   1 
ATOM   1336 C CB  . SER   A 1 155 ? -5.695  -12.691 -12.338 1.00 13.08 ? 161 SER   B CB  1 
ATOM   1337 O OG  . SER   A 1 155 ? -5.861  -12.374 -13.691 1.00 18.06 ? 161 SER   B OG  1 
ATOM   1338 N N   . GLU   A 1 156 ? -2.853  -13.847 -12.525 1.00 13.76 ? 162 GLU   B N   1 
ATOM   1339 C CA  . GLU   A 1 156 ? -1.632  -14.378 -13.193 1.00 14.96 ? 162 GLU   B CA  1 
ATOM   1340 C C   . GLU   A 1 156 ? -0.408  -13.635 -12.658 1.00 13.30 ? 162 GLU   B C   1 
ATOM   1341 O O   . GLU   A 1 156 ? 0.573   -13.386 -13.402 1.00 14.99 ? 162 GLU   B O   1 
ATOM   1342 C CB  . GLU   A 1 156 ? -1.675  -14.257 -14.717 1.00 18.46 ? 162 GLU   B CB  1 
ATOM   1343 C CG  . GLU   A 1 156 ? -2.968  -14.705 -15.380 1.00 23.67 ? 162 GLU   B CG  1 
ATOM   1344 C CD  . GLU   A 1 156 ? -2.770  -14.801 -16.875 1.00 34.02 ? 162 GLU   B CD  1 
ATOM   1345 O OE1 . GLU   A 1 156 ? -2.731  -13.739 -17.554 1.00 38.46 ? 162 GLU   B OE1 1 
ATOM   1346 O OE2 . GLU   A 1 156 ? -2.528  -15.925 -17.335 1.00 41.99 ? 162 GLU   B OE2 1 
ATOM   1347 N N   . CYS   A 1 157 ? -0.449  -13.327 -11.367 1.00 12.39 ? 163 CYS   B N   1 
ATOM   1348 C CA  . CYS   A 1 157 ? 0.681   -12.607 -10.724 1.00 11.18 ? 163 CYS   B CA  1 
ATOM   1349 C C   . CYS   A 1 157 ? 1.901   -13.530 -10.625 1.00 12.42 ? 163 CYS   B C   1 
ATOM   1350 O O   . CYS   A 1 157 ? 1.720   -14.731 -10.272 1.00 13.65 ? 163 CYS   B O   1 
ATOM   1351 C CB  . CYS   A 1 157 ? 0.373   -12.066 -9.331  1.00 10.83 ? 163 CYS   B CB  1 
ATOM   1352 S SG  . CYS   A 1 157 ? -0.940  -10.825 -9.297  1.00 11.61 ? 163 CYS   B SG  1 
ATOM   1353 N N   . VAL   A 1 158 ? 3.068   -12.990 -10.889 1.00 11.33 ? 164 VAL   B N   1 
ATOM   1354 C CA  . VAL   A 1 158 ? 4.321   -13.766 -10.710 1.00 12.73 ? 164 VAL   B CA  1 
ATOM   1355 C C   . VAL   A 1 158 ? 5.049   -13.104 -9.541  1.00 11.43 ? 164 VAL   B C   1 
ATOM   1356 O O   . VAL   A 1 158 ? 5.875   -12.215 -9.748  1.00 13.88 ? 164 VAL   B O   1 
ATOM   1357 C CB  . VAL   A 1 158 ? 5.087   -13.858 -12.055 1.00 14.19 ? 164 VAL   B CB  1 
ATOM   1358 C CG1 . VAL   A 1 158 ? 6.393   -14.628 -11.832 1.00 14.93 ? 164 VAL   B CG1 1 
ATOM   1359 C CG2 . VAL   A 1 158 ? 4.252   -14.521 -13.142 1.00 15.72 ? 164 VAL   B CG2 1 
ATOM   1360 N N   . PHE   A 1 159 ? 4.749   -13.485 -8.315  1.00 11.26 ? 165 PHE   B N   1 
ATOM   1361 C CA  . PHE   A 1 159 ? 5.258   -12.819 -7.092  1.00 11.61 ? 165 PHE   B CA  1 
ATOM   1362 C C   . PHE   A 1 159 ? 6.788   -12.929 -7.068  1.00 12.99 ? 165 PHE   B C   1 
ATOM   1363 O O   . PHE   A 1 159 ? 7.482   -11.957 -6.759  1.00 13.47 ? 165 PHE   B O   1 
ATOM   1364 C CB  . PHE   A 1 159 ? 4.524   -13.306 -5.851  1.00 11.97 ? 165 PHE   B CB  1 
ATOM   1365 C CG  . PHE   A 1 159 ? 3.039   -13.015 -5.843  1.00 10.26 ? 165 PHE   B CG  1 
ATOM   1366 C CD1 . PHE   A 1 159 ? 2.566   -11.736 -6.126  1.00 10.60 ? 165 PHE   B CD1 1 
ATOM   1367 C CD2 . PHE   A 1 159 ? 2.126   -13.997 -5.504  1.00 11.87 ? 165 PHE   B CD2 1 
ATOM   1368 C CE1 . PHE   A 1 159 ? 1.196   -11.470 -6.093  1.00 11.04 ? 165 PHE   B CE1 1 
ATOM   1369 C CE2 . PHE   A 1 159 ? 0.765   -13.735 -5.467  1.00 11.28 ? 165 PHE   B CE2 1 
ATOM   1370 C CZ  . PHE   A 1 159 ? 0.304   -12.466 -5.724  1.00 11.01 ? 165 PHE   B CZ  1 
ATOM   1371 N N   . ALA   A 1 160 ? 7.309   -14.136 -7.257  1.00 11.77 ? 166 ALA   B N   1 
ATOM   1372 C CA  . ALA   A 1 160 ? 8.752   -14.434 -7.395  1.00 12.93 ? 166 ALA   B CA  1 
ATOM   1373 C C   . ALA   A 1 160 ? 9.494   -14.108 -6.104  1.00 11.87 ? 166 ALA   B C   1 
ATOM   1374 O O   . ALA   A 1 160 ? 10.748  -13.840 -6.196  1.00 13.15 ? 166 ALA   B O   1 
ATOM   1375 C CB  . ALA   A 1 160 ? 9.334   -13.719 -8.566  1.00 13.24 ? 166 ALA   B CB  1 
ATOM   1376 N N   . GLY   A 1 161 ? 8.849   -14.211 -4.970  1.00 12.51 ? 167 GLY   B N   1 
ATOM   1377 C CA  . GLY   A 1 161 ? 9.487   -13.946 -3.678  1.00 12.46 ? 167 GLY   B CA  1 
ATOM   1378 C C   . GLY   A 1 161 ? 8.461   -13.764 -2.592  1.00 11.70 ? 167 GLY   B C   1 
ATOM   1379 O O   . GLY   A 1 161 ? 7.232   -13.735 -2.878  1.00 12.09 ? 167 GLY   B O   1 
ATOM   1380 N N   . PRO   A 1 162 ? 8.893   -13.601 -1.348  1.00 11.45 ? 168 PRO   B N   1 
ATOM   1381 C CA  . PRO   A 1 162 ? 7.995   -13.235 -0.277  1.00 10.82 ? 168 PRO   B CA  1 
ATOM   1382 C C   . PRO   A 1 162 ? 7.354   -11.865 -0.573  1.00 11.11 ? 168 PRO   B C   1 
ATOM   1383 O O   . PRO   A 1 162 ? 8.014   -11.007 -1.156  1.00 11.93 ? 168 PRO   B O   1 
ATOM   1384 C CB  . PRO   A 1 162 ? 8.864   -13.151 0.998   1.00 11.49 ? 168 PRO   B CB  1 
ATOM   1385 C CG  . PRO   A 1 162 ? 10.152  -13.870 0.577   1.00 11.88 ? 168 PRO   B CG  1 
ATOM   1386 C CD  . PRO   A 1 162 ? 10.291  -13.665 -0.888  1.00 11.07 ? 168 PRO   B CD  1 
ATOM   1387 N N   . LEU   A 1 163 ? 6.132   -11.681 -0.098  1.00 10.42 ? 169 LEU   B N   1 
ATOM   1388 C CA  . LEU   A 1 163 ? 5.393   -10.391 -0.264  1.00 10.24 ? 169 LEU   B CA  1 
ATOM   1389 C C   . LEU   A 1 163 ? 5.337   -9.648  1.062   1.00 10.19 ? 169 LEU   B C   1 
ATOM   1390 O O   . LEU   A 1 163 ? 5.173   -10.251 2.133   1.00 11.71 ? 169 LEU   B O   1 
ATOM   1391 C CB  . LEU   A 1 163 ? 3.971   -10.691 -0.750  1.00 10.93 ? 169 LEU   B CB  1 
ATOM   1392 C CG  . LEU   A 1 163 ? 3.846   -11.200 -2.189  1.00 11.28 ? 169 LEU   B CG  1 
ATOM   1393 C CD1 . LEU   A 1 163 ? 2.396   -11.565 -2.447  1.00 11.69 ? 169 LEU   B CD1 1 
ATOM   1394 C CD2 . LEU   A 1 163 ? 4.366   -10.205 -3.204  1.00 11.67 ? 169 LEU   B CD2 1 
ATOM   1395 N N   . ARG   A 1 164 ? 5.336   -8.322  0.954   1.00 10.00 ? 170 ARG   B N   1 
ATOM   1396 C CA  . ARG   A 1 164 ? 5.112   -7.435  2.107   1.00 9.92  ? 170 ARG   B CA  1 
ATOM   1397 C C   . ARG   A 1 164 ? 4.016   -6.427  1.789   1.00 8.54  ? 170 ARG   B C   1 
ATOM   1398 O O   . ARG   A 1 164 ? 3.918   -5.941  0.657   1.00 9.84  ? 170 ARG   B O   1 
ATOM   1399 C CB  . ARG   A 1 164 ? 6.407   -6.705  2.459   1.00 11.15 ? 170 ARG   B CB  1 
ATOM   1400 C CG  . ARG   A 1 164 ? 7.506   -7.693  2.877   1.00 13.08 ? 170 ARG   B CG  1 
ATOM   1401 C CD  . ARG   A 1 164 ? 8.803   -7.059  3.313   1.00 13.96 ? 170 ARG   B CD  1 
ATOM   1402 N NE  . ARG   A 1 164 ? 8.604   -6.337  4.553   1.00 13.35 ? 170 ARG   B NE  1 
ATOM   1403 C CZ  . ARG   A 1 164 ? 9.586   -5.732  5.184   1.00 14.76 ? 170 ARG   B CZ  1 
ATOM   1404 N NH1 . ARG   A 1 164 ? 10.820  -5.848  4.735   1.00 15.18 ? 170 ARG   B NH1 1 
ATOM   1405 N NH2 . ARG   A 1 164 ? 9.305   -5.050  6.271   1.00 14.82 ? 170 ARG   B NH2 1 
ATOM   1406 N N   . PRO   A 1 165 ? 3.170   -6.080  2.769   1.00 8.83  ? 171 PRO   B N   1 
ATOM   1407 C CA  . PRO   A 1 165 ? 2.234   -4.972  2.593   1.00 8.59  ? 171 PRO   B CA  1 
ATOM   1408 C C   . PRO   A 1 165 ? 3.005   -3.698  2.248   1.00 8.10  ? 171 PRO   B C   1 
ATOM   1409 O O   . PRO   A 1 165 ? 4.076   -3.436  2.775   1.00 9.24  ? 171 PRO   B O   1 
ATOM   1410 C CB  . PRO   A 1 165 ? 1.523   -4.831  3.934   1.00 8.89  ? 171 PRO   B CB  1 
ATOM   1411 C CG  . PRO   A 1 165 ? 1.701   -6.221  4.570   1.00 10.16 ? 171 PRO   B CG  1 
ATOM   1412 C CD  . PRO   A 1 165 ? 3.078   -6.640  4.118   1.00 10.32 ? 171 PRO   B CD  1 
ATOM   1413 N N   . PHE   A 1 166 ? 2.454   -2.924  1.303   1.00 8.21  ? 172 PHE   B N   1 
ATOM   1414 C CA  . PHE   A 1 166 ? 3.086   -1.710  0.738   1.00 8.52  ? 172 PHE   B CA  1 
ATOM   1415 C C   . PHE   A 1 166 ? 2.160   -0.496  0.898   1.00 7.72  ? 172 PHE   B C   1 
ATOM   1416 O O   . PHE   A 1 166 ? 0.956   -0.568  0.629   1.00 8.11  ? 172 PHE   B O   1 
ATOM   1417 C CB  . PHE   A 1 166 ? 3.399   -1.934  -0.740  1.00 8.99  ? 172 PHE   B CB  1 
ATOM   1418 C CG  . PHE   A 1 166 ? 3.928   -0.698  -1.434  1.00 8.96  ? 172 PHE   B CG  1 
ATOM   1419 C CD1 . PHE   A 1 166 ? 5.252   -0.322  -1.294  1.00 9.70  ? 172 PHE   B CD1 1 
ATOM   1420 C CD2 . PHE   A 1 166 ? 3.102   0.144   -2.163  1.00 9.96  ? 172 PHE   B CD2 1 
ATOM   1421 C CE1 . PHE   A 1 166 ? 5.750   0.813   -1.908  1.00 10.29 ? 172 PHE   B CE1 1 
ATOM   1422 C CE2 . PHE   A 1 166 ? 3.596   1.294   -2.753  1.00 9.80  ? 172 PHE   B CE2 1 
ATOM   1423 C CZ  . PHE   A 1 166 ? 4.925   1.621   -2.634  1.00 9.91  ? 172 PHE   B CZ  1 
ATOM   1424 N N   . PHE   A 1 167 ? 2.773   0.644   1.300   1.00 7.98  ? 173 PHE   B N   1 
ATOM   1425 C CA  . PHE   A 1 167 ? 2.048   1.906   1.564   1.00 7.64  ? 173 PHE   B CA  1 
ATOM   1426 C C   . PHE   A 1 167 ? 2.854   3.080   1.006   1.00 8.43  ? 173 PHE   B C   1 
ATOM   1427 O O   . PHE   A 1 167 ? 4.072   3.157   1.223   1.00 8.98  ? 173 PHE   B O   1 
ATOM   1428 C CB  . PHE   A 1 167 ? 1.869   2.135   3.073   1.00 8.54  ? 173 PHE   B CB  1 
ATOM   1429 C CG  . PHE   A 1 167 ? 1.265   0.947   3.794   1.00 8.51  ? 173 PHE   B CG  1 
ATOM   1430 C CD1 . PHE   A 1 167 ? 2.055   -0.097  4.236   1.00 8.79  ? 173 PHE   B CD1 1 
ATOM   1431 C CD2 . PHE   A 1 167 ? -0.092  0.855   4.026   1.00 10.32 ? 173 PHE   B CD2 1 
ATOM   1432 C CE1 . PHE   A 1 167 ? 1.512   -1.232  4.833   1.00 9.08  ? 173 PHE   B CE1 1 
ATOM   1433 C CE2 . PHE   A 1 167 ? -0.629  -0.245  4.667   1.00 10.50 ? 173 PHE   B CE2 1 
ATOM   1434 C CZ  . PHE   A 1 167 ? 0.168   -1.290  5.083   1.00 10.44 ? 173 PHE   B CZ  1 
ATOM   1435 N N   . ASN   A 1 168 ? 2.152   4.056   0.446   1.00 8.66  ? 174 ASN   B N   1 
ATOM   1436 C CA  . ASN   A 1 168 ? 2.714   5.387   0.112   1.00 8.42  ? 174 ASN   B CA  1 
ATOM   1437 C C   . ASN   A 1 168 ? 1.697   6.422   0.595   1.00 8.60  ? 174 ASN   B C   1 
ATOM   1438 O O   . ASN   A 1 168 ? 0.563   6.418   0.097   1.00 9.23  ? 174 ASN   B O   1 
ATOM   1439 C CB  . ASN   A 1 168 ? 2.966   5.542   -1.375  1.00 9.14  ? 174 ASN   B CB  1 
ATOM   1440 C CG  . ASN   A 1 168 ? 3.679   6.832   -1.718  1.00 10.10 ? 174 ASN   B CG  1 
ATOM   1441 O OD1 . ASN   A 1 168 ? 3.931   7.688   -0.885  1.00 11.29 ? 174 ASN   B OD1 1 
ATOM   1442 N ND2 . ASN   A 1 168 ? 4.045   6.973   -2.976  1.00 11.65 ? 174 ASN   B ND2 1 
ATOM   1443 N N   . VAL   A 1 169 ? 2.086   7.284   1.558   1.00 8.80  ? 175 VAL   B N   1 
ATOM   1444 C CA  . VAL   A 1 169 ? 1.154   8.319   2.072   1.00 9.47  ? 175 VAL   B CA  1 
ATOM   1445 C C   . VAL   A 1 169 ? 1.035   9.484   1.089   1.00 9.20  ? 175 VAL   B C   1 
ATOM   1446 O O   . VAL   A 1 169 ? 0.169   10.354  1.319   1.00 9.91  ? 175 VAL   B O   1 
ATOM   1447 C CB  . VAL   A 1 169 ? 1.528   8.844   3.477   1.00 10.42 ? 175 VAL   B CB  1 
ATOM   1448 C CG1 . VAL   A 1 169 ? 1.482   7.752   4.506   1.00 11.31 ? 175 VAL   B CG1 1 
ATOM   1449 C CG2 . VAL   A 1 169 ? 2.890   9.521   3.505   1.00 11.11 ? 175 VAL   B CG2 1 
ATOM   1450 N N   . GLY   A 1 170 ? 1.923   9.548   0.096   1.00 9.53  ? 176 GLY   B N   1 
ATOM   1451 C CA  . GLY   A 1 170 ? 1.997   10.663  -0.859  1.00 9.77  ? 176 GLY   B CA  1 
ATOM   1452 C C   . GLY   A 1 170 ? 2.627   11.907  -0.285  1.00 9.54  ? 176 GLY   B C   1 
ATOM   1453 O O   . GLY   A 1 170 ? 2.792   12.072  0.916   1.00 9.39  ? 176 GLY   B O   1 
ATOM   1454 N N   . PHE   A 1 171 ? 3.066   12.753  -1.210  1.00 10.34 ? 177 PHE   B N   1 
ATOM   1455 C CA  . PHE   A 1 171 ? 3.574   14.097  -0.866  1.00 9.91  ? 177 PHE   B CA  1 
ATOM   1456 C C   . PHE   A 1 171 ? 2.431   14.993  -0.412  1.00 9.51  ? 177 PHE   B C   1 
ATOM   1457 O O   . PHE   A 1 171 ? 1.264   14.699  -0.631  1.00 9.88  ? 177 PHE   B O   1 
ATOM   1458 C CB  . PHE   A 1 171 ? 4.349   14.698  -2.038  1.00 11.03 ? 177 PHE   B CB  1 
ATOM   1459 C CG  . PHE   A 1 171 ? 5.640   13.997  -2.356  1.00 11.35 ? 177 PHE   B CG  1 
ATOM   1460 C CD1 . PHE   A 1 171 ? 6.784   14.222  -1.623  1.00 13.28 ? 177 PHE   B CD1 1 
ATOM   1461 C CD2 . PHE   A 1 171 ? 5.691   13.112  -3.419  1.00 12.93 ? 177 PHE   B CD2 1 
ATOM   1462 C CE1 . PHE   A 1 171 ? 7.946   13.517  -1.947  1.00 14.46 ? 177 PHE   B CE1 1 
ATOM   1463 C CE2 . PHE   A 1 171 ? 6.860   12.433  -3.730  1.00 14.09 ? 177 PHE   B CE2 1 
ATOM   1464 C CZ  . PHE   A 1 171 ? 7.974   12.686  -3.031  1.00 13.52 ? 177 PHE   B CZ  1 
ATOM   1465 N N   . ASN   A 1 172 ? 2.812   16.082  0.219   1.00 10.00 ? 178 ASN   B N   1 
ATOM   1466 C CA  . ASN   A 1 172 ? 1.828   17.095  0.656   1.00 9.41  ? 178 ASN   B CA  1 
ATOM   1467 C C   . ASN   A 1 172 ? 2.305   18.473  0.152   1.00 10.21 ? 178 ASN   B C   1 
ATOM   1468 O O   . ASN   A 1 172 ? 2.346   19.444  0.916   1.00 11.87 ? 178 ASN   B O   1 
ATOM   1469 C CB  . ASN   A 1 172 ? 1.640   17.063  2.156   1.00 9.78  ? 178 ASN   B CB  1 
ATOM   1470 C CG  . ASN   A 1 172 ? 0.527   17.955  2.631   1.00 10.24 ? 178 ASN   B CG  1 
ATOM   1471 O OD1 . ASN   A 1 172 ? -0.430  18.214  1.914   1.00 10.65 ? 178 ASN   B OD1 1 
ATOM   1472 N ND2 . ASN   A 1 172 ? 0.647   18.393  3.871   1.00 12.10 ? 178 ASN   B ND2 1 
ATOM   1473 N N   . TYR   A 1 173 ? 2.495   18.599  -1.129  1.00 10.18 ? 179 TYR   B N   1 
ATOM   1474 C CA  . TYR   A 1 173 ? 2.798   19.900  -1.779  1.00 10.07 ? 179 TYR   B CA  1 
ATOM   1475 C C   . TYR   A 1 173 ? 1.598   20.818  -1.669  1.00 10.11 ? 179 TYR   B C   1 
ATOM   1476 O O   . TYR   A 1 173 ? 1.768   22.074  -1.609  1.00 11.64 ? 179 TYR   B O   1 
ATOM   1477 C CB  . TYR   A 1 173 ? 3.177   19.739  -3.255  1.00 10.73 ? 179 TYR   B CB  1 
ATOM   1478 C CG  . TYR   A 1 173 ? 4.458   18.993  -3.506  1.00 13.02 ? 179 TYR   B CG  1 
ATOM   1479 C CD1 . TYR   A 1 173 ? 5.673   19.622  -3.298  1.00 16.55 ? 179 TYR   B CD1 1 
ATOM   1480 C CD2 . TYR   A 1 173 ? 4.444   17.727  -4.050  1.00 14.87 ? 179 TYR   B CD2 1 
ATOM   1481 C CE1 . TYR   A 1 173 ? 6.874   18.942  -3.470  1.00 17.50 ? 179 TYR   B CE1 1 
ATOM   1482 C CE2 . TYR   A 1 173 ? 5.650   17.046  -4.241  1.00 15.41 ? 179 TYR   B CE2 1 
ATOM   1483 C CZ  . TYR   A 1 173 ? 6.839   17.649  -3.924  1.00 17.05 ? 179 TYR   B CZ  1 
ATOM   1484 O OH  . TYR   A 1 173 ? 8.045   17.010  -4.171  1.00 21.26 ? 179 TYR   B OH  1 
ATOM   1485 N N   . SER   A 1 174 ? 0.368   20.330  -1.722  1.00 9.65  ? 180 SER   B N   1 
ATOM   1486 C CA  . SER   A 1 174 ? -0.881  21.128  -1.797  1.00 11.06 ? 180 SER   B CA  1 
ATOM   1487 C C   . SER   A 1 174 ? -1.304  21.634  -0.428  1.00 10.54 ? 180 SER   B C   1 
ATOM   1488 O O   . SER   A 1 174 ? -2.154  22.543  -0.367  1.00 12.00 ? 180 SER   B O   1 
ATOM   1489 C CB  . SER   A 1 174 ? -2.019  20.322  -2.350  1.00 10.34 ? 180 SER   B CB  1 
ATOM   1490 O OG  . SER   A 1 174 ? -2.303  19.218  -1.452  1.00 10.82 ? 180 SER   B OG  1 
ATOM   1491 N N   . GLY   A 1 175 ? -0.829  21.032  0.654   1.00 9.80  ? 181 GLY   B N   1 
ATOM   1492 C CA  . GLY   A 1 175 ? -1.397  21.313  1.988   1.00 10.41 ? 181 GLY   B CA  1 
ATOM   1493 C C   . GLY   A 1 175 ? -2.709  20.603  2.232   1.00 11.72 ? 181 GLY   B C   1 
ATOM   1494 O O   . GLY   A 1 175 ? -3.269  20.789  3.323   1.00 13.33 ? 181 GLY   B O   1 
ATOM   1495 N N   . GLY   A 1 176 ? -3.227  19.805  1.296   1.00 10.27 ? 182 GLY   B N   1 
ATOM   1496 C CA  . GLY   A 1 176 ? -4.485  19.056  1.447   1.00 10.25 ? 182 GLY   B CA  1 
ATOM   1497 C C   . GLY   A 1 176 ? -4.269  17.562  1.650   1.00 11.03 ? 182 GLY   B C   1 
ATOM   1498 O O   . GLY   A 1 176 ? -5.326  16.859  1.700   1.00 12.48 ? 182 GLY   B O   1 
ATOM   1499 N N   . ASN   A 1 177 ? -3.054  17.066  1.753   1.00 9.64  ? 183 ASN   B N   1 
ATOM   1500 C CA  . ASN   A 1 177 ? -2.793  15.616  1.812   1.00 9.20  ? 183 ASN   B CA  1 
ATOM   1501 C C   . ASN   A 1 177 ? -2.041  15.228  3.079   1.00 9.33  ? 183 ASN   B C   1 
ATOM   1502 O O   . ASN   A 1 177 ? -1.375  14.202  3.074   1.00 10.54 ? 183 ASN   B O   1 
ATOM   1503 C CB  . ASN   A 1 177 ? -2.041  15.133  0.575   1.00 9.19  ? 183 ASN   B CB  1 
ATOM   1504 C CG  . ASN   A 1 177 ? -2.136  13.626  0.417   1.00 8.90  ? 183 ASN   B CG  1 
ATOM   1505 O OD1 . ASN   A 1 177 ? -3.179  13.063  0.708   1.00 9.72  ? 183 ASN   B OD1 1 
ATOM   1506 N ND2 . ASN   A 1 177 ? -1.053  13.011  -0.035  1.00 9.27  ? 183 ASN   B ND2 1 
ATOM   1507 N N   . ALA   A 1 178 ? -2.221  15.927  4.198   1.00 9.93  ? 184 ALA   B N   1 
ATOM   1508 C CA  . ALA   A 1 178 ? -1.503  15.618  5.455   1.00 10.56 ? 184 ALA   B CA  1 
ATOM   1509 C C   . ALA   A 1 178 ? -2.086  14.413  6.180   1.00 10.48 ? 184 ALA   B C   1 
ATOM   1510 O O   . ALA   A 1 178 ? -1.376  13.844  7.032   1.00 12.59 ? 184 ALA   B O   1 
ATOM   1511 C CB  . ALA   A 1 178 ? -1.524  16.821  6.421   1.00 11.80 ? 184 ALA   B CB  1 
ATOM   1512 N N   . ALA   A 1 179 ? -3.327  14.033  5.886   1.00 9.97  ? 185 ALA   B N   1 
ATOM   1513 C CA  . ALA   A 1 179 ? -3.989  12.967  6.685   1.00 10.47 ? 185 ALA   B CA  1 
ATOM   1514 C C   . ALA   A 1 179 ? -3.185  11.659  6.628   1.00 10.41 ? 185 ALA   B C   1 
ATOM   1515 O O   . ALA   A 1 179 ? -2.546  11.315  5.624   1.00 10.27 ? 185 ALA   B O   1 
ATOM   1516 C CB  . ALA   A 1 179 ? -5.409  12.762  6.214   1.00 11.19 ? 185 ALA   B CB  1 
ATOM   1517 N N   . PRO   A 1 180 ? -3.289  10.829  7.672   1.00 9.72  ? 186 PRO   B N   1 
ATOM   1518 C CA  . PRO   A 1 180 ? -2.585  9.545   7.708   1.00 10.34 ? 186 PRO   B CA  1 
ATOM   1519 C C   . PRO   A 1 180 ? -3.258  8.423   6.887   1.00 9.77  ? 186 PRO   B C   1 
ATOM   1520 O O   . PRO   A 1 180 ? -4.428  8.501   6.577   1.00 10.73 ? 186 PRO   B O   1 
ATOM   1521 C CB  . PRO   A 1 180 ? -2.657  9.174   9.203   1.00 11.66 ? 186 PRO   B CB  1 
ATOM   1522 C CG  . PRO   A 1 180 ? -3.943  9.774   9.672   1.00 13.42 ? 186 PRO   B CG  1 
ATOM   1523 C CD  . PRO   A 1 180 ? -4.052  11.101  8.914   1.00 12.56 ? 186 PRO   B CD  1 
ATOM   1524 N N   . LEU   A 1 181 ? -2.473  7.383   6.612   1.00 10.37 ? 187 LEU   B N   1 
ATOM   1525 C CA  . LEU   A 1 181 ? -3.010  6.028   6.318   1.00 10.21 ? 187 LEU   B CA  1 
ATOM   1526 C C   . LEU   A 1 181 ? -3.142  5.314   7.653   1.00 10.09 ? 187 LEU   B C   1 
ATOM   1527 O O   . LEU   A 1 181 ? -2.220  5.390   8.487   1.00 12.14 ? 187 LEU   B O   1 
ATOM   1528 C CB  . LEU   A 1 181 ? -2.083  5.287   5.368   1.00 10.07 ? 187 LEU   B CB  1 
ATOM   1529 C CG  . LEU   A 1 181 ? -1.967  5.853   3.950   1.00 10.59 ? 187 LEU   B CG  1 
ATOM   1530 C CD1 . LEU   A 1 181 ? -0.918  5.122   3.139   1.00 11.77 ? 187 LEU   B CD1 1 
ATOM   1531 C CD2 . LEU   A 1 181 ? -3.264  5.763   3.180   1.00 12.38 ? 187 LEU   B CD2 1 
ATOM   1532 N N   . LYS   A 1 182 ? -4.245  4.610   7.864   1.00 10.21 ? 188 LYS   B N   1 
ATOM   1533 C CA  . LYS   A 1 182 ? -4.434  3.882   9.143   1.00 11.04 ? 188 LYS   B CA  1 
ATOM   1534 C C   . LYS   A 1 182 ? -4.821  2.451   8.818   1.00 11.36 ? 188 LYS   B C   1 
ATOM   1535 O O   . LYS   A 1 182 ? -5.808  2.237   8.063   1.00 12.10 ? 188 LYS   B O   1 
ATOM   1536 C CB  . LYS   A 1 182 ? -5.513  4.526   10.028  1.00 13.08 ? 188 LYS   B CB  1 
ATOM   1537 C CG  . LYS   A 1 182 ? -5.356  6.006   10.345  1.00 15.95 ? 188 LYS   B CG  1 
ATOM   1538 C CD  . LYS   A 1 182 ? -6.412  6.498   11.335  1.00 19.54 ? 188 LYS   B CD  1 
ATOM   1539 C CE  . LYS   A 1 182 ? -6.432  8.001   11.482  1.00 22.78 ? 188 LYS   B CE  1 
ATOM   1540 N NZ  . LYS   A 1 182 ? -7.597  8.419   12.302  1.00 28.41 ? 188 LYS   B NZ  1 
ATOM   1541 N N   . LEU   A 1 183 ? -4.209  1.497   9.467   1.00 11.32 ? 189 LEU   B N   1 
ATOM   1542 C CA  . LEU   A 1 183 ? -4.661  0.078   9.401   1.00 12.11 ? 189 LEU   B CA  1 
ATOM   1543 C C   . LEU   A 1 183 ? -5.878  -0.059  10.298  1.00 13.52 ? 189 LEU   B C   1 
ATOM   1544 O O   . LEU   A 1 183 ? -5.753  0.236   11.530  1.00 16.95 ? 189 LEU   B O   1 
ATOM   1545 C CB  . LEU   A 1 183 ? -3.498  -0.835  9.780   1.00 12.29 ? 189 LEU   B CB  1 
ATOM   1546 C CG  . LEU   A 1 183 ? -2.469  -0.976  8.652   1.00 13.52 ? 189 LEU   B CG  1 
ATOM   1547 C CD1 . LEU   A 1 183 ? -1.068  -1.320  9.144   1.00 17.11 ? 189 LEU   B CD1 1 
ATOM   1548 C CD2 . LEU   A 1 183 ? -2.961  -1.961  7.582   1.00 12.02 ? 189 LEU   B CD2 1 
ATOM   1549 N N   . CYS   A 1 184 ? -6.982  -0.541  9.743   1.00 15.46 ? 190 CYS   B N   1 
ATOM   1550 C CA  . CYS   A 1 184 ? -8.298  -0.603  10.439  1.00 18.47 ? 190 CYS   B CA  1 
ATOM   1551 C C   . CYS   A 1 184 ? -8.360  -1.870  11.253  1.00 20.17 ? 190 CYS   B C   1 
ATOM   1552 O O   . CYS   A 1 184 ? -7.902  -2.888  10.818  1.00 20.92 ? 190 CYS   B O   1 
ATOM   1553 C CB  . CYS   A 1 184 ? -9.448  -0.808  9.476   1.00 21.83 ? 190 CYS   B CB  1 
ATOM   1554 S SG  . CYS   A 1 184 ? -9.494  0.371   8.138   1.00 21.39 ? 190 CYS   B SG  1 
ATOM   1555 N N   . PRO   A 1 185 ? -9.035  -1.845  12.414  1.00 26.30 ? 191 PRO   B N   1 
ATOM   1556 C CA  . PRO   A 1 185 ? -9.105  -3.011  13.275  1.00 31.20 ? 191 PRO   B CA  1 
ATOM   1557 C C   . PRO   A 1 185 ? -10.003 -4.047  12.597  1.00 32.39 ? 191 PRO   B C   1 
ATOM   1558 O O   . PRO   A 1 185 ? -10.940 -3.650  11.882  1.00 33.05 ? 191 PRO   B O   1 
ATOM   1559 C CB  . PRO   A 1 185 ? -9.669  -2.418  14.581  1.00 30.36 ? 191 PRO   B CB  1 
ATOM   1560 C CG  . PRO   A 1 185 ? -10.496 -1.238  14.128  1.00 30.47 ? 191 PRO   B CG  1 
ATOM   1561 C CD  . PRO   A 1 185 ? -9.721  -0.661  12.962  1.00 28.18 ? 191 PRO   B CD  1 
ATOM   1562 N N   . LEU   A 1 186 ? -9.639  -5.314  12.803  1.00 38.83 ? 192 LEU   B N   1 
ATOM   1563 C CA  . LEU   A 1 186 ? -10.445 -6.555  12.635  1.00 42.18 ? 192 LEU   B CA  1 
ATOM   1564 C C   . LEU   A 1 186 ? -11.750 -6.443  13.429  1.00 48.54 ? 192 LEU   B C   1 
ATOM   1565 O O   . LEU   A 1 186 ? -12.702 -7.143  13.079  1.00 58.60 ? 192 LEU   B O   1 
ATOM   1566 C CB  . LEU   A 1 186 ? -9.612  -7.731  13.154  1.00 40.53 ? 192 LEU   B CB  1 
HETATM 1567 N N1  . A1A4A B 2 .   ? 9.930   15.937  1.819   0.25 16.67 ? 201 A1A4A B N1  1 
HETATM 1568 C C4  . A1A4A B 2 .   ? 8.674   17.978  0.727   0.25 14.71 ? 201 A1A4A B C4  1 
HETATM 1569 C C5  . A1A4A B 2 .   ? 8.182   19.281  1.266   0.25 15.29 ? 201 A1A4A B C5  1 
HETATM 1570 C C6  . A1A4A B 2 .   ? 7.661   20.162  0.143   0.25 15.33 ? 201 A1A4A B C6  1 
HETATM 1571 C C7  . A1A4A B 2 .   ? 6.211   19.731  0.070   0.25 15.31 ? 201 A1A4A B C7  1 
HETATM 1572 C C8  . A1A4A B 2 .   ? 5.857   19.348  1.460   0.25 15.36 ? 201 A1A4A B C8  1 
HETATM 1573 O O   . A1A4A B 2 .   ? 7.904   17.050  0.538   0.25 15.08 ? 201 A1A4A B O   1 
HETATM 1574 O O1  . A1A4A B 2 .   ? 7.081   19.097  2.170   0.25 14.79 ? 201 A1A4A B O1  1 
HETATM 1575 N N2  . A1A4A B 2 .   ? 10.009  17.839  0.587   0.25 15.14 ? 201 A1A4A B N2  1 
HETATM 1576 C C3  . A1A4A B 2 .   ? 10.583  16.671  0.997   0.25 15.63 ? 201 A1A4A B C3  1 
HETATM 1577 N N   . A1A4A B 2 .   ? 9.874   14.709  1.213   0.25 12.43 ? 201 A1A4A B N   1 
HETATM 1578 S S   . A1A4A B 2 .   ? 11.933  15.873  0.326   0.25 19.11 ? 201 A1A4A B S   1 
HETATM 1579 C C2  . A1A4A B 2 .   ? 11.067  14.415  0.822   0.25 15.36 ? 201 A1A4A B C2  1 
HETATM 1580 C C1  . A1A4A B 2 .   ? 11.646  13.000  0.853   0.25 15.76 ? 201 A1A4A B C1  1 
HETATM 1581 C C   . A1A4A B 2 .   ? 10.712  11.963  0.250   0.25 15.72 ? 201 A1A4A B C   1 
HETATM 1582 C C1  . EDO   C 3 .   ? 19.898  12.062  -8.962  1.00 37.40 ? 202 EDO   B C1  1 
HETATM 1583 O O1  . EDO   C 3 .   ? 19.126  11.157  -8.203  1.00 32.26 ? 202 EDO   B O1  1 
HETATM 1584 C C2  . EDO   C 3 .   ? 19.064  12.963  -9.775  1.00 38.63 ? 202 EDO   B C2  1 
HETATM 1585 O O2  . EDO   C 3 .   ? 18.134  13.667  -8.994  1.00 45.49 ? 202 EDO   B O2  1 
HETATM 1586 S S   . SO4   D 4 .   ? 11.155  2.244   -14.291 1.00 35.47 ? 203 SO4   B S   1 
HETATM 1587 O O1  . SO4   D 4 .   ? 11.255  1.893   -12.919 1.00 24.41 ? 203 SO4   B O1  1 
HETATM 1588 O O2  . SO4   D 4 .   ? 12.470  2.463   -14.837 1.00 43.78 ? 203 SO4   B O2  1 
HETATM 1589 O O3  . SO4   D 4 .   ? 10.491  1.161   -14.987 1.00 41.56 ? 203 SO4   B O3  1 
HETATM 1590 O O4  . SO4   D 4 .   ? 10.368  3.451   -14.469 1.00 36.32 ? 203 SO4   B O4  1 
HETATM 1591 O O   . HOH   E 5 .   ? -4.605  9.598   -11.752 1.00 30.84 ? 301 HOH   B O   1 
HETATM 1592 O O   . HOH   E 5 .   ? 4.853   22.487  10.123  1.00 37.27 ? 302 HOH   B O   1 
HETATM 1593 O O   . HOH   E 5 .   ? 14.063  18.067  10.667  1.00 16.69 ? 303 HOH   B O   1 
HETATM 1594 O O   . HOH   E 5 .   ? 0.884   14.785  8.173   1.00 17.52 ? 304 HOH   B O   1 
HETATM 1595 O O   . HOH   E 5 .   ? 8.321   6.679   12.902  1.00 20.36 ? 305 HOH   B O   1 
HETATM 1596 O O   . HOH   E 5 .   ? 15.785  -4.030  -1.872  1.00 30.57 ? 306 HOH   B O   1 
HETATM 1597 O O   . HOH   E 5 .   ? 18.980  -0.543  -0.778  1.00 25.17 ? 307 HOH   B O   1 
HETATM 1598 O O   . HOH   E 5 .   ? -6.395  16.802  8.249   1.00 20.13 ? 308 HOH   B O   1 
HETATM 1599 O O   . HOH   E 5 .   ? -6.276  14.203  9.184   1.00 33.93 ? 309 HOH   B O   1 
HETATM 1600 O O   . HOH   E 5 .   ? -4.689  22.815  -1.282  1.00 17.08 ? 310 HOH   B O   1 
HETATM 1601 O O   . HOH   E 5 .   ? 1.145   13.209  2.872   1.00 14.38 ? 311 HOH   B O   1 
HETATM 1602 O O   . HOH   E 5 .   ? 16.958  7.056   2.551   1.00 22.15 ? 312 HOH   B O   1 
HETATM 1603 O O   . HOH   E 5 .   ? 3.508   6.795   -6.732  1.00 32.00 ? 313 HOH   B O   1 
HETATM 1604 O O   . HOH   E 5 .   ? 2.680   17.325  5.588   1.00 32.80 ? 314 HOH   B O   1 
HETATM 1605 O O   . HOH   E 5 .   ? 4.314   23.054  -1.226  1.00 21.14 ? 315 HOH   B O   1 
HETATM 1606 O O   . HOH   E 5 .   ? 10.713  11.999  -5.623  1.00 26.90 ? 316 HOH   B O   1 
HETATM 1607 O O   . HOH   E 5 .   ? 17.740  9.950   16.590  1.00 23.06 ? 317 HOH   B O   1 
HETATM 1608 O O   . HOH   E 5 .   ? 10.658  7.777   9.374   1.00 16.62 ? 318 HOH   B O   1 
HETATM 1609 O O   . HOH   E 5 .   ? 13.212  5.615   -3.575  1.00 12.91 ? 319 HOH   B O   1 
HETATM 1610 O O   . HOH   E 5 .   ? 12.496  10.976  -7.387  1.00 33.48 ? 320 HOH   B O   1 
HETATM 1611 O O   . HOH   E 5 .   ? 0.470   11.910  5.291   1.00 12.72 ? 321 HOH   B O   1 
HETATM 1612 O O   . HOH   E 5 .   ? -8.470  9.127   -0.229  1.00 11.93 ? 322 HOH   B O   1 
HETATM 1613 O O   . HOH   E 5 .   ? 20.421  10.357  3.205   1.00 14.58 ? 323 HOH   B O   1 
HETATM 1614 O O   . HOH   E 5 .   ? -5.366  15.074  3.896   1.00 14.10 ? 324 HOH   B O   1 
HETATM 1615 O O   . HOH   E 5 .   ? -4.385  17.336  -4.938  1.00 18.00 ? 325 HOH   B O   1 
HETATM 1616 O O   . HOH   E 5 .   ? 13.456  4.126   12.200  1.00 25.72 ? 326 HOH   B O   1 
HETATM 1617 O O   . HOH   E 5 .   ? 18.733  9.955   7.664   1.00 20.46 ? 327 HOH   B O   1 
HETATM 1618 O O   . HOH   E 5 .   ? 15.625  14.334  3.699   1.00 18.18 ? 328 HOH   B O   1 
HETATM 1619 O O   . HOH   E 5 .   ? -3.352  14.817  -6.391  1.00 17.85 ? 329 HOH   B O   1 
HETATM 1620 O O   . HOH   E 5 .   ? 5.426   17.351  3.991   1.00 23.42 ? 330 HOH   B O   1 
HETATM 1621 O O   . HOH   E 5 .   ? 6.754   17.101  11.342  1.00 21.38 ? 331 HOH   B O   1 
HETATM 1622 O O   . HOH   E 5 .   ? 4.950   9.200   -4.764  1.00 28.82 ? 332 HOH   B O   1 
HETATM 1623 O O   . HOH   E 5 .   ? 7.711   14.929  -6.324  0.50 19.20 ? 333 HOH   B O   1 
HETATM 1624 O O   . HOH   E 5 .   ? 14.667  8.134   3.626   1.00 21.20 ? 334 HOH   B O   1 
HETATM 1625 O O   . HOH   E 5 .   ? -0.234  20.895  5.390   1.00 20.24 ? 335 HOH   B O   1 
HETATM 1626 O O   . HOH   E 5 .   ? 1.886   12.559  -4.040  1.00 13.84 ? 336 HOH   B O   1 
HETATM 1627 O O   . HOH   E 5 .   ? -6.830  18.595  5.188   1.00 28.78 ? 337 HOH   B O   1 
HETATM 1628 O O   . HOH   E 5 .   ? 18.236  7.362   16.304  1.00 34.35 ? 338 HOH   B O   1 
HETATM 1629 O O   . HOH   E 5 .   ? 8.308   12.252  -6.990  0.50 16.69 ? 339 HOH   B O   1 
HETATM 1630 O O   . HOH   E 5 .   ? 5.969   10.622  -6.789  1.00 26.73 ? 340 HOH   B O   1 
# 
